data_5IBZ
#
_entry.id   5IBZ
#
_cell.length_a   64.508
_cell.length_b   120.618
_cell.length_c   148.822
_cell.angle_alpha   90.00
_cell.angle_beta   90.00
_cell.angle_gamma   90.00
#
_symmetry.space_group_name_H-M   'P 21 21 21'
#
loop_
_entity.id
_entity.type
_entity.pdbx_description
1 polymer 'Uncharacterized protein'
2 non-polymer ACETYLPHOSPHATE
3 non-polymer 'TRIETHYLENE GLYCOL'
4 water water
#
_entity_poly.entity_id   1
_entity_poly.type   'polypeptide(L)'
_entity_poly.pdbx_seq_one_letter_code
;AV(MSE)AHAEGPALHPHEKLNNWGKWGDDDQRGAANYITPERIVAAARLIQTGKTFSLAIPIDSNGPVFPPRLPPHHT
(MSE)EITGADYVADPGASPFGKSPIRFADDYIY(MSE)PLQGSTQWDALSHGWYGESLYNGVPEAAIRSSGAGGATKLG
IENVKTSFLGRGVLVDIVRFKGGSLPEGYTITRADLEGALAKQKSKLLPGDILVIRTGLVESWYDLDPVGRASFFLNP
(MSE)TGIGSDTVPWIHEQRLAGVAADNIALERVPHERAPELALPVHGNLLRDLGVYIGEIWWLEELAKDCAQDGRYEFF
LAAQPLYIPGAVGSPLNPIAVK
;
_entity_poly.pdbx_strand_id   A,B,C,D
#
loop_
_chem_comp.id
_chem_comp.type
_chem_comp.name
_chem_comp.formula
PGE non-polymer 'TRIETHYLENE GLYCOL' 'C6 H14 O4'
UVW non-polymer ACETYLPHOSPHATE 'C2 H5 O5 P'
#
# COMPACT_ATOMS: atom_id res chain seq x y z
N ALA A 10 -4.79 37.44 13.05
CA ALA A 10 -4.85 36.63 11.84
C ALA A 10 -5.94 35.56 11.94
N LEU A 11 -6.05 34.93 13.11
CA LEU A 11 -7.13 33.97 13.35
C LEU A 11 -8.36 34.75 13.80
N HIS A 12 -9.45 34.62 13.06
CA HIS A 12 -10.67 35.33 13.41
C HIS A 12 -11.35 34.64 14.59
N PRO A 13 -11.73 35.42 15.61
CA PRO A 13 -12.38 34.79 16.77
C PRO A 13 -13.64 34.05 16.39
N HIS A 14 -13.78 32.83 16.90
CA HIS A 14 -14.95 32.02 16.57
C HIS A 14 -16.27 32.74 16.83
N GLU A 15 -16.43 33.38 18.00
CA GLU A 15 -17.77 33.87 18.35
C GLU A 15 -18.26 34.94 17.37
N LYS A 16 -17.32 35.75 16.89
CA LYS A 16 -17.62 36.80 15.91
C LYS A 16 -17.83 36.29 14.47
N LEU A 17 -17.41 35.06 14.16
CA LEU A 17 -17.47 34.58 12.78
C LEU A 17 -17.51 33.07 12.69
N ASN A 18 -18.73 32.52 12.62
CA ASN A 18 -18.87 31.07 12.55
C ASN A 18 -20.24 30.67 12.00
N ASN A 19 -20.32 29.45 11.49
CA ASN A 19 -21.58 28.88 11.01
C ASN A 19 -22.08 27.73 11.89
N TRP A 20 -21.53 27.60 13.10
CA TRP A 20 -22.03 26.55 13.98
C TRP A 20 -23.51 26.75 14.25
N GLY A 21 -24.27 25.67 14.15
CA GLY A 21 -25.70 25.72 14.38
C GLY A 21 -26.55 26.23 13.23
N LYS A 22 -25.93 26.78 12.19
CA LYS A 22 -26.67 27.40 11.09
C LYS A 22 -27.59 26.40 10.40
N TRP A 23 -27.13 25.15 10.34
CA TRP A 23 -27.92 24.07 9.73
C TRP A 23 -28.33 22.98 10.74
N GLY A 24 -28.39 23.36 12.01
CA GLY A 24 -28.82 22.46 13.06
C GLY A 24 -27.66 21.98 13.92
N ASP A 25 -27.95 21.60 15.16
CA ASP A 25 -26.87 21.23 16.08
C ASP A 25 -26.33 19.82 15.82
N ASP A 26 -26.97 19.06 14.92
CA ASP A 26 -26.48 17.73 14.56
C ASP A 26 -25.91 17.69 13.13
N ASP A 27 -25.86 18.85 12.47
CA ASP A 27 -25.39 18.90 11.10
C ASP A 27 -23.91 18.46 10.99
N GLN A 28 -23.61 17.68 9.95
CA GLN A 28 -22.23 17.29 9.66
C GLN A 28 -21.74 17.74 8.29
N ARG A 29 -22.54 18.54 7.59
CA ARG A 29 -22.22 18.89 6.19
C ARG A 29 -21.66 20.29 6.05
N GLY A 30 -21.92 21.18 7.02
CA GLY A 30 -21.40 22.52 6.93
C GLY A 30 -21.86 23.31 5.72
N ALA A 31 -20.94 24.07 5.13
CA ALA A 31 -21.28 24.98 4.05
C ALA A 31 -21.71 24.24 2.78
N ALA A 32 -21.53 22.92 2.72
CA ALA A 32 -22.10 22.15 1.60
C ALA A 32 -23.62 22.31 1.58
N ASN A 33 -24.21 22.65 2.71
CA ASN A 33 -25.65 22.87 2.77
C ASN A 33 -26.11 24.09 1.95
N TYR A 34 -25.16 24.96 1.57
CA TYR A 34 -25.52 26.07 0.73
C TYR A 34 -25.80 25.59 -0.70
N ILE A 35 -25.29 24.41 -1.07
CA ILE A 35 -25.61 23.85 -2.39
C ILE A 35 -26.91 23.07 -2.25
N THR A 36 -27.97 23.68 -2.74
CA THR A 36 -29.30 23.11 -2.69
C THR A 36 -29.73 22.72 -4.09
N PRO A 37 -30.84 21.97 -4.20
CA PRO A 37 -31.32 21.64 -5.54
C PRO A 37 -31.47 22.84 -6.47
N GLU A 38 -31.99 23.97 -6.00
CA GLU A 38 -32.13 25.12 -6.88
C GLU A 38 -30.80 25.68 -7.38
N ARG A 39 -29.76 25.60 -6.55
CA ARG A 39 -28.44 26.04 -6.98
C ARG A 39 -27.90 25.13 -8.07
N ILE A 40 -28.21 23.84 -7.98
CA ILE A 40 -27.76 22.88 -8.99
C ILE A 40 -28.49 23.13 -10.30
N VAL A 41 -29.78 23.34 -10.25
CA VAL A 41 -30.54 23.61 -11.47
C VAL A 41 -30.01 24.88 -12.13
N ALA A 42 -29.75 25.92 -11.34
CA ALA A 42 -29.22 27.17 -11.92
C ALA A 42 -27.85 26.92 -12.56
N ALA A 43 -27.02 26.11 -11.93
CA ALA A 43 -25.71 25.79 -12.51
C ALA A 43 -25.88 25.06 -13.84
N ALA A 44 -26.83 24.13 -13.89
CA ALA A 44 -27.07 23.35 -15.10
C ALA A 44 -27.41 24.25 -16.28
N ARG A 45 -28.08 25.38 -16.05
CA ARG A 45 -28.44 26.29 -17.14
C ARG A 45 -27.20 26.97 -17.74
N LEU A 46 -26.05 26.85 -17.06
CA LEU A 46 -24.79 27.36 -17.63
C LEU A 46 -24.15 26.43 -18.64
N ILE A 47 -24.69 25.22 -18.78
CA ILE A 47 -24.19 24.27 -19.77
C ILE A 47 -24.87 24.64 -21.09
N GLN A 48 -24.24 25.59 -21.78
CA GLN A 48 -24.78 26.17 -23.02
C GLN A 48 -24.05 25.70 -24.28
N THR A 49 -22.77 25.37 -24.12
CA THR A 49 -21.92 24.95 -25.22
C THR A 49 -21.47 23.50 -25.14
N GLY A 50 -21.43 22.95 -23.94
CA GLY A 50 -20.99 21.57 -23.78
C GLY A 50 -19.48 21.38 -23.73
N LYS A 51 -18.73 22.49 -23.69
CA LYS A 51 -17.29 22.43 -23.45
C LYS A 51 -17.01 21.83 -22.07
N THR A 52 -15.97 20.99 -22.00
CA THR A 52 -15.58 20.36 -20.75
C THR A 52 -14.08 20.51 -20.50
N PHE A 53 -13.71 20.65 -19.23
CA PHE A 53 -12.33 20.74 -18.81
C PHE A 53 -12.11 19.97 -17.53
N SER A 54 -11.11 19.09 -17.54
CA SER A 54 -10.70 18.42 -16.30
C SER A 54 -9.79 19.33 -15.51
N LEU A 55 -10.11 19.54 -14.24
CA LEU A 55 -9.29 20.40 -13.40
C LEU A 55 -8.36 19.60 -12.47
N ALA A 56 -8.00 18.40 -12.88
CA ALA A 56 -7.11 17.55 -12.09
C ALA A 56 -5.70 17.51 -12.66
N ILE A 57 -4.74 17.33 -11.77
CA ILE A 57 -3.40 16.91 -12.20
C ILE A 57 -3.40 15.39 -12.37
N PRO A 58 -2.44 14.88 -13.13
CA PRO A 58 -2.36 13.41 -13.21
C PRO A 58 -2.01 12.76 -11.88
N ILE A 59 -2.69 11.68 -11.56
CA ILE A 59 -2.33 10.84 -10.41
C ILE A 59 -1.19 9.91 -10.84
N ASP A 60 0.01 10.23 -10.37
CA ASP A 60 1.23 9.47 -10.66
C ASP A 60 2.26 9.88 -9.61
N SER A 61 3.48 9.40 -9.72
CA SER A 61 4.51 9.69 -8.72
C SER A 61 5.30 10.97 -8.98
N ASN A 62 4.88 11.73 -9.99
CA ASN A 62 5.64 12.88 -10.51
C ASN A 62 5.10 14.25 -10.12
N GLY A 63 4.01 14.27 -9.35
CA GLY A 63 3.31 15.49 -9.03
C GLY A 63 3.70 16.08 -7.69
N PRO A 64 3.23 17.31 -7.43
CA PRO A 64 3.52 17.95 -6.15
C PRO A 64 2.68 17.31 -5.06
N VAL A 65 3.32 17.08 -3.93
CA VAL A 65 2.64 16.54 -2.77
C VAL A 65 3.41 17.06 -1.57
N PHE A 66 2.70 17.57 -0.57
CA PHE A 66 3.37 18.27 0.52
C PHE A 66 4.08 17.27 1.46
N PRO A 67 5.41 17.40 1.59
CA PRO A 67 6.13 16.52 2.51
C PRO A 67 5.56 16.67 3.91
N PRO A 68 5.48 15.58 4.66
CA PRO A 68 6.02 14.24 4.41
C PRO A 68 5.09 13.29 3.66
N ARG A 69 4.02 13.79 3.08
CA ARG A 69 3.14 12.94 2.31
C ARG A 69 3.89 12.30 1.14
N LEU A 70 3.58 11.04 0.86
CA LEU A 70 4.24 10.34 -0.26
C LEU A 70 3.49 10.54 -1.57
N PRO A 71 4.21 10.49 -2.70
CA PRO A 71 3.50 10.61 -3.98
C PRO A 71 2.61 9.39 -4.23
N PRO A 72 1.45 9.58 -4.87
CA PRO A 72 0.67 8.41 -5.32
C PRO A 72 1.50 7.40 -6.09
N HIS A 73 1.18 6.13 -5.93
CA HIS A 73 1.97 5.07 -6.55
C HIS A 73 1.11 4.01 -7.22
N HIS A 74 1.22 3.94 -8.54
CA HIS A 74 0.46 3.04 -9.40
C HIS A 74 1.28 1.79 -9.69
N THR A 75 0.68 0.61 -9.53
CA THR A 75 1.32 -0.64 -9.94
C THR A 75 0.30 -1.49 -10.68
N MSE A 76 0.79 -2.30 -11.61
CA MSE A 76 -0.05 -3.27 -12.30
C MSE A 76 -0.01 -4.63 -11.58
O MSE A 76 1.01 -5.02 -11.01
CB MSE A 76 0.39 -3.47 -13.75
CG MSE A 76 0.63 -2.20 -14.57
SE MSE A 76 -0.98 -1.23 -15.10
CE MSE A 76 -1.80 -2.56 -16.20
H MSE A 76 1.61 -2.29 -11.88
HA MSE A 76 -0.97 -2.95 -12.30
HB2 MSE A 76 1.22 -3.97 -13.75
HB3 MSE A 76 -0.29 -3.98 -14.21
HG2 MSE A 76 1.18 -1.60 -14.05
HG3 MSE A 76 1.11 -2.45 -15.39
HE1 MSE A 76 -2.64 -2.20 -16.54
HE2 MSE A 76 -1.20 -2.78 -16.93
HE3 MSE A 76 -1.98 -3.35 -15.66
N GLU A 77 -1.13 -5.35 -11.63
CA GLU A 77 -1.19 -6.74 -11.15
C GLU A 77 -0.94 -7.72 -12.30
N ILE A 78 -1.40 -7.36 -13.49
CA ILE A 78 -1.18 -8.15 -14.71
C ILE A 78 -1.31 -7.18 -15.87
N THR A 79 -0.51 -7.39 -16.92
CA THR A 79 -0.37 -6.45 -18.02
CA THR A 79 -0.53 -6.47 -18.03
C THR A 79 -0.42 -7.16 -19.36
N GLY A 80 -0.50 -6.36 -20.43
CA GLY A 80 -0.36 -6.92 -21.77
C GLY A 80 0.97 -7.61 -22.01
N ALA A 81 2.02 -7.05 -21.44
CA ALA A 81 3.37 -7.62 -21.60
C ALA A 81 3.43 -9.07 -21.10
N ASP A 82 2.62 -9.39 -20.10
CA ASP A 82 2.65 -10.74 -19.56
C ASP A 82 2.22 -11.77 -20.59
N TYR A 83 1.37 -11.38 -21.53
CA TYR A 83 0.85 -12.29 -22.54
C TYR A 83 1.81 -12.39 -23.73
N VAL A 84 2.62 -11.35 -23.92
CA VAL A 84 3.70 -11.44 -24.88
C VAL A 84 4.71 -12.42 -24.31
N ALA A 85 5.03 -12.27 -23.03
CA ALA A 85 5.98 -13.16 -22.37
C ALA A 85 5.49 -14.61 -22.32
N ASP A 86 4.19 -14.78 -22.06
CA ASP A 86 3.59 -16.09 -21.88
C ASP A 86 2.09 -16.06 -22.23
N PRO A 87 1.73 -16.48 -23.44
CA PRO A 87 0.32 -16.48 -23.86
C PRO A 87 -0.63 -17.13 -22.85
N GLY A 88 -0.13 -18.09 -22.06
CA GLY A 88 -0.97 -18.85 -21.14
C GLY A 88 -1.16 -18.23 -19.76
N ALA A 89 -0.97 -16.92 -19.64
CA ALA A 89 -1.14 -16.25 -18.35
C ALA A 89 -2.58 -16.35 -17.83
N SER A 90 -2.71 -16.63 -16.54
CA SER A 90 -3.97 -16.54 -15.79
C SER A 90 -5.10 -17.44 -16.36
N PRO A 91 -6.30 -17.42 -15.73
CA PRO A 91 -7.29 -18.43 -16.09
C PRO A 91 -8.21 -18.01 -17.24
N SER A 95 -8.77 -18.72 -20.32
CA SER A 95 -9.83 -18.30 -21.23
C SER A 95 -9.29 -17.34 -22.28
N PRO A 96 -9.87 -17.35 -23.49
CA PRO A 96 -9.33 -16.51 -24.57
C PRO A 96 -9.29 -15.01 -24.23
N ILE A 97 -10.08 -14.55 -23.25
CA ILE A 97 -10.01 -13.15 -22.87
C ILE A 97 -8.69 -12.90 -22.12
N ARG A 98 -8.09 -11.76 -22.42
CA ARG A 98 -6.85 -11.34 -21.82
C ARG A 98 -7.18 -10.05 -21.10
N PHE A 99 -6.56 -9.83 -19.96
CA PHE A 99 -6.88 -8.65 -19.17
C PHE A 99 -5.68 -8.06 -18.46
N ALA A 100 -5.84 -6.79 -18.13
CA ALA A 100 -4.88 -6.07 -17.32
C ALA A 100 -5.60 -5.49 -16.11
N ASP A 101 -4.95 -5.52 -14.95
CA ASP A 101 -5.50 -5.08 -13.67
C ASP A 101 -4.46 -4.22 -12.95
N ASP A 102 -4.90 -3.24 -12.18
CA ASP A 102 -3.93 -2.42 -11.46
C ASP A 102 -4.42 -1.91 -10.11
N TYR A 103 -3.48 -1.26 -9.41
CA TYR A 103 -3.62 -0.87 -8.00
C TYR A 103 -3.06 0.55 -7.80
N ILE A 104 -3.50 1.19 -6.73
CA ILE A 104 -2.95 2.48 -6.36
C ILE A 104 -2.75 2.50 -4.84
N TYR A 105 -1.62 3.07 -4.43
CA TYR A 105 -1.39 3.46 -3.03
C TYR A 105 -1.24 4.97 -3.03
N MSE A 106 -2.05 5.68 -2.27
CA MSE A 106 -1.85 7.14 -2.25
C MSE A 106 -2.38 7.79 -0.99
O MSE A 106 -3.30 7.28 -0.35
CB MSE A 106 -2.52 7.79 -3.46
CG MSE A 106 -4.03 7.65 -3.45
SE MSE A 106 -4.87 8.40 -5.07
CE MSE A 106 -4.43 10.27 -4.81
H MSE A 106 -2.69 5.39 -1.79
HA MSE A 106 -0.90 7.32 -2.31
HB2 MSE A 106 -2.31 8.74 -3.46
HB3 MSE A 106 -2.18 7.39 -4.27
HG2 MSE A 106 -4.26 6.71 -3.41
HG3 MSE A 106 -4.39 8.12 -2.69
HE1 MSE A 106 -4.79 10.77 -5.56
HE2 MSE A 106 -4.81 10.57 -3.98
HE3 MSE A 106 -3.46 10.36 -4.79
N PRO A 107 -1.79 8.96 -0.63
CA PRO A 107 -2.47 9.78 0.36
C PRO A 107 -3.74 10.33 -0.23
N LEU A 108 -4.79 10.40 0.56
CA LEU A 108 -6.02 11.01 0.06
C LEU A 108 -5.82 12.52 -0.08
N GLN A 109 -4.78 13.06 0.56
CA GLN A 109 -4.36 14.44 0.36
C GLN A 109 -3.15 14.51 -0.57
N GLY A 110 -2.99 13.53 -1.45
CA GLY A 110 -1.80 13.41 -2.28
C GLY A 110 -1.86 13.93 -3.71
N SER A 111 -3.02 14.43 -4.11
CA SER A 111 -3.23 14.87 -5.49
C SER A 111 -4.30 15.96 -5.49
N THR A 112 -4.90 16.21 -6.65
CA THR A 112 -6.08 17.08 -6.70
C THR A 112 -7.05 16.56 -5.65
N GLN A 113 -7.58 17.45 -4.81
CA GLN A 113 -8.33 16.98 -3.65
C GLN A 113 -9.39 17.95 -3.13
N TRP A 114 -10.34 17.37 -2.40
CA TRP A 114 -11.10 18.07 -1.36
C TRP A 114 -10.59 17.62 0.01
N ASP A 115 -10.52 18.58 0.93
CA ASP A 115 -10.30 18.29 2.33
C ASP A 115 -11.62 18.40 3.06
N ALA A 116 -11.97 17.35 3.80
CA ALA A 116 -13.21 17.33 4.58
C ALA A 116 -13.10 18.21 5.81
N LEU A 117 -14.23 18.46 6.47
CA LEU A 117 -14.20 19.26 7.70
C LEU A 117 -13.50 18.50 8.83
N SER A 118 -13.35 17.20 8.68
CA SER A 118 -12.58 16.40 9.64
C SER A 118 -11.06 16.49 9.44
N HIS A 119 -10.61 17.23 8.42
CA HIS A 119 -9.18 17.29 8.10
C HIS A 119 -8.40 18.23 9.00
N GLY A 120 -9.05 19.28 9.52
CA GLY A 120 -8.32 20.28 10.26
C GLY A 120 -9.21 21.08 11.20
N TRP A 121 -8.62 21.56 12.29
CA TRP A 121 -9.33 22.31 13.30
C TRP A 121 -8.31 22.91 14.25
N TYR A 122 -8.77 23.51 15.34
CA TYR A 122 -7.86 23.95 16.39
C TYR A 122 -8.56 23.74 17.71
N GLY A 123 -7.80 23.64 18.79
CA GLY A 123 -8.37 23.24 20.06
C GLY A 123 -8.91 21.83 20.00
N GLU A 124 -9.86 21.54 20.87
CA GLU A 124 -10.30 20.16 21.04
C GLU A 124 -11.58 19.83 20.25
N SER A 125 -12.12 20.80 19.52
CA SER A 125 -13.35 20.59 18.76
C SER A 125 -13.26 21.03 17.31
N LEU A 126 -14.01 20.32 16.48
CA LEU A 126 -14.12 20.56 15.06
C LEU A 126 -15.41 21.33 14.78
N TYR A 127 -15.68 21.58 13.50
CA TYR A 127 -16.93 22.20 13.10
C TYR A 127 -18.17 21.67 13.86
N ASN A 128 -19.00 22.61 14.32
CA ASN A 128 -20.28 22.35 14.99
C ASN A 128 -20.11 21.63 16.32
N GLY A 129 -18.93 21.78 16.91
CA GLY A 129 -18.64 21.22 18.22
C GLY A 129 -18.36 19.73 18.27
N VAL A 130 -18.11 19.13 17.13
CA VAL A 130 -17.73 17.72 17.08
C VAL A 130 -16.41 17.53 17.83
N PRO A 131 -16.37 16.57 18.78
CA PRO A 131 -15.13 16.42 19.53
C PRO A 131 -14.02 15.79 18.68
N GLU A 132 -12.78 16.21 18.89
CA GLU A 132 -11.68 15.61 18.14
C GLU A 132 -11.56 14.12 18.44
N ALA A 133 -12.06 13.68 19.60
CA ALA A 133 -12.09 12.25 19.94
C ALA A 133 -12.94 11.42 18.97
N ALA A 134 -13.80 12.09 18.19
CA ALA A 134 -14.59 11.40 17.18
C ALA A 134 -13.80 11.01 15.93
N ILE A 135 -12.61 11.57 15.80
CA ILE A 135 -11.78 11.36 14.61
C ILE A 135 -10.69 10.37 15.00
N ARG A 136 -10.88 9.11 14.60
CA ARG A 136 -10.12 8.00 15.15
C ARG A 136 -9.33 7.27 14.04
N SER A 137 -8.61 6.21 14.41
CA SER A 137 -7.94 5.36 13.42
C SER A 137 -8.97 4.68 12.54
N SER A 138 -8.55 4.24 11.36
CA SER A 138 -9.48 3.61 10.43
C SER A 138 -10.17 2.39 11.02
N GLY A 139 -9.47 1.64 11.86
CA GLY A 139 -10.02 0.43 12.44
C GLY A 139 -11.00 0.74 13.53
N ALA A 140 -11.06 2.02 13.94
CA ALA A 140 -12.05 2.48 14.89
C ALA A 140 -13.04 3.43 14.23
N GLY A 141 -13.17 3.35 12.91
CA GLY A 141 -14.18 4.12 12.20
C GLY A 141 -13.69 5.38 11.51
N GLY A 142 -12.41 5.70 11.63
CA GLY A 142 -11.88 6.87 10.98
C GLY A 142 -12.61 8.09 11.50
N ALA A 143 -12.89 9.05 10.62
CA ALA A 143 -13.72 10.18 10.98
C ALA A 143 -15.16 9.71 11.20
N THR A 144 -15.52 9.39 12.44
CA THR A 144 -16.85 8.86 12.73
C THR A 144 -17.92 9.93 12.66
N LYS A 145 -17.49 11.20 12.73
CA LYS A 145 -18.32 12.35 12.37
C LYS A 145 -17.51 13.21 11.41
N LEU A 146 -18.20 13.95 10.54
CA LEU A 146 -17.57 14.86 9.55
C LEU A 146 -16.69 14.16 8.52
N GLY A 147 -16.89 12.85 8.35
CA GLY A 147 -16.25 12.13 7.24
C GLY A 147 -16.75 12.61 5.91
N ILE A 148 -15.94 12.42 4.87
CA ILE A 148 -16.28 12.94 3.55
C ILE A 148 -17.52 12.28 2.95
N GLU A 149 -17.97 11.14 3.48
CA GLU A 149 -19.17 10.49 2.98
C GLU A 149 -20.41 11.35 3.23
N ASN A 150 -20.33 12.30 4.17
CA ASN A 150 -21.46 13.20 4.45
C ASN A 150 -21.75 14.13 3.27
N VAL A 151 -20.80 14.23 2.34
CA VAL A 151 -20.96 15.10 1.18
C VAL A 151 -20.73 14.32 -0.13
N LYS A 152 -21.12 13.04 -0.12
CA LYS A 152 -20.95 12.18 -1.31
C LYS A 152 -21.77 12.65 -2.51
N THR A 153 -22.80 13.46 -2.31
CA THR A 153 -23.45 14.08 -3.48
C THR A 153 -23.23 15.59 -3.60
N SER A 154 -22.34 16.15 -2.79
CA SER A 154 -22.12 17.58 -2.83
C SER A 154 -21.06 17.97 -3.87
N PHE A 155 -20.81 19.28 -3.94
CA PHE A 155 -19.80 19.88 -4.83
C PHE A 155 -20.06 19.56 -6.30
N LEU A 156 -21.34 19.38 -6.60
CA LEU A 156 -21.80 19.39 -7.97
C LEU A 156 -22.82 20.53 -8.00
N GLY A 157 -22.45 21.59 -8.72
CA GLY A 157 -23.21 22.83 -8.64
C GLY A 157 -22.49 23.92 -9.42
N ARG A 158 -22.55 25.16 -8.94
CA ARG A 158 -21.97 26.27 -9.68
C ARG A 158 -20.54 26.52 -9.23
N GLY A 159 -19.62 26.61 -10.19
CA GLY A 159 -18.25 26.98 -9.90
C GLY A 159 -17.96 28.34 -10.52
N VAL A 160 -17.03 29.05 -9.91
CA VAL A 160 -16.59 30.35 -10.43
C VAL A 160 -15.07 30.42 -10.36
N LEU A 161 -14.43 30.68 -11.50
CA LEU A 161 -12.99 30.84 -11.57
C LEU A 161 -12.66 32.28 -11.26
N VAL A 162 -11.71 32.47 -10.37
CA VAL A 162 -11.08 33.78 -10.23
C VAL A 162 -9.61 33.64 -10.62
N ASP A 163 -9.26 34.28 -11.72
CA ASP A 163 -7.93 34.14 -12.31
C ASP A 163 -7.03 35.23 -11.79
N ILE A 164 -6.36 34.94 -10.69
CA ILE A 164 -5.57 35.96 -10.04
C ILE A 164 -4.34 36.27 -10.87
N VAL A 165 -3.80 35.27 -11.55
CA VAL A 165 -2.64 35.50 -12.41
C VAL A 165 -2.95 36.54 -13.48
N ARG A 166 -4.05 36.34 -14.22
CA ARG A 166 -4.37 37.30 -15.28
C ARG A 166 -4.78 38.65 -14.69
N PHE A 167 -5.41 38.65 -13.53
CA PHE A 167 -5.77 39.91 -12.86
C PHE A 167 -4.51 40.71 -12.51
N LYS A 168 -3.47 40.04 -12.06
CA LYS A 168 -2.25 40.74 -11.65
C LYS A 168 -1.33 41.04 -12.82
N GLY A 169 -1.63 40.46 -13.98
CA GLY A 169 -0.89 40.76 -15.20
C GLY A 169 0.54 40.32 -15.07
N GLY A 170 0.77 39.40 -14.16
CA GLY A 170 2.11 38.97 -13.90
C GLY A 170 2.10 37.82 -12.95
N SER A 171 3.29 37.25 -12.86
CA SER A 171 3.77 36.53 -11.70
C SER A 171 3.13 37.04 -10.44
N LEU A 172 2.55 36.13 -9.69
CA LEU A 172 2.43 36.39 -8.27
C LEU A 172 3.86 36.25 -7.76
N PRO A 173 4.37 37.28 -7.08
CA PRO A 173 5.71 37.04 -6.52
C PRO A 173 5.69 35.87 -5.57
N GLU A 174 6.87 35.31 -5.35
CA GLU A 174 7.03 34.22 -4.42
C GLU A 174 6.40 34.54 -3.08
N GLY A 175 5.50 33.67 -2.59
CA GLY A 175 4.86 33.85 -1.31
C GLY A 175 3.85 34.98 -1.20
N TYR A 176 3.34 35.46 -2.33
CA TYR A 176 2.37 36.56 -2.33
C TYR A 176 1.09 36.18 -1.57
N THR A 177 0.57 37.11 -0.77
CA THR A 177 -0.69 36.90 -0.07
C THR A 177 -1.85 37.48 -0.88
N ILE A 178 -2.74 36.60 -1.33
CA ILE A 178 -3.92 36.98 -2.09
C ILE A 178 -4.99 37.47 -1.11
N THR A 179 -5.43 38.70 -1.32
CA THR A 179 -6.29 39.42 -0.39
C THR A 179 -7.74 39.45 -0.84
N ARG A 180 -8.63 39.89 0.06
CA ARG A 180 -10.01 40.18 -0.30
C ARG A 180 -10.09 41.10 -1.50
N ALA A 181 -9.30 42.17 -1.47
CA ALA A 181 -9.32 43.14 -2.53
C ALA A 181 -8.92 42.51 -3.86
N ASP A 182 -7.97 41.57 -3.81
CA ASP A 182 -7.54 40.91 -5.02
C ASP A 182 -8.65 40.06 -5.62
N LEU A 183 -9.33 39.30 -4.75
CA LEU A 183 -10.40 38.42 -5.20
C LEU A 183 -11.55 39.25 -5.77
N GLU A 184 -11.94 40.31 -5.07
CA GLU A 184 -13.03 41.15 -5.57
C GLU A 184 -12.65 41.87 -6.86
N GLY A 185 -11.40 42.34 -6.93
CA GLY A 185 -10.90 43.02 -8.10
C GLY A 185 -10.89 42.12 -9.31
N ALA A 186 -10.45 40.89 -9.12
CA ALA A 186 -10.44 39.92 -10.22
C ALA A 186 -11.87 39.60 -10.69
N LEU A 187 -12.76 39.33 -9.75
CA LEU A 187 -14.16 39.07 -10.11
C LEU A 187 -14.75 40.28 -10.83
N ALA A 188 -14.46 41.49 -10.39
CA ALA A 188 -14.96 42.68 -11.08
C ALA A 188 -14.43 42.80 -12.51
N LYS A 189 -13.12 42.58 -12.69
CA LYS A 189 -12.52 42.65 -14.02
C LYS A 189 -13.18 41.63 -14.97
N GLN A 190 -13.51 40.48 -14.39
CA GLN A 190 -14.13 39.39 -15.12
C GLN A 190 -15.62 39.61 -15.37
N LYS A 191 -16.18 40.61 -14.69
CA LYS A 191 -17.62 40.85 -14.66
C LYS A 191 -18.38 39.60 -14.17
N SER A 192 -17.80 38.98 -13.15
CA SER A 192 -18.37 37.80 -12.49
C SER A 192 -19.09 38.22 -11.22
N LYS A 193 -20.17 37.53 -10.88
CA LYS A 193 -20.87 37.77 -9.63
C LYS A 193 -21.12 36.46 -8.89
N LEU A 194 -20.72 36.39 -7.62
CA LEU A 194 -20.89 35.18 -6.84
C LEU A 194 -22.31 35.03 -6.31
N LEU A 195 -22.70 33.77 -6.11
CA LEU A 195 -23.95 33.41 -5.49
C LEU A 195 -23.73 32.42 -4.35
N PRO A 196 -24.65 32.39 -3.38
CA PRO A 196 -24.57 31.38 -2.34
C PRO A 196 -24.49 29.97 -2.91
N GLY A 197 -23.65 29.14 -2.30
CA GLY A 197 -23.44 27.77 -2.74
C GLY A 197 -22.33 27.62 -3.76
N ASP A 198 -21.80 28.74 -4.26
CA ASP A 198 -20.74 28.66 -5.26
C ASP A 198 -19.50 27.96 -4.70
N ILE A 199 -18.82 27.26 -5.60
CA ILE A 199 -17.48 26.76 -5.34
C ILE A 199 -16.52 27.71 -6.05
N LEU A 200 -15.70 28.40 -5.28
CA LEU A 200 -14.73 29.33 -5.81
C LEU A 200 -13.44 28.60 -6.15
N VAL A 201 -12.96 28.80 -7.37
CA VAL A 201 -11.76 28.14 -7.85
C VAL A 201 -10.74 29.24 -8.20
N ILE A 202 -9.61 29.23 -7.48
CA ILE A 202 -8.63 30.31 -7.56
C ILE A 202 -7.38 29.91 -8.32
N ARG A 203 -7.08 30.62 -9.40
CA ARG A 203 -5.83 30.38 -10.12
C ARG A 203 -4.73 31.30 -9.63
N THR A 204 -3.75 30.67 -8.97
CA THR A 204 -2.53 31.31 -8.48
C THR A 204 -1.35 31.06 -9.40
N GLY A 205 -1.47 30.03 -10.25
CA GLY A 205 -0.39 29.59 -11.13
C GLY A 205 0.66 28.68 -10.53
N LEU A 206 0.60 28.44 -9.22
CA LEU A 206 1.74 27.78 -8.56
C LEU A 206 2.02 26.38 -9.14
N VAL A 207 0.98 25.58 -9.33
CA VAL A 207 1.16 24.23 -9.85
C VAL A 207 1.71 24.25 -11.28
N GLU A 208 1.49 25.35 -12.00
CA GLU A 208 2.01 25.50 -13.37
C GLU A 208 3.54 25.71 -13.40
N SER A 209 4.16 25.81 -12.24
CA SER A 209 5.62 25.91 -12.17
C SER A 209 6.30 24.62 -11.76
N TRP A 210 5.52 23.61 -11.37
CA TRP A 210 6.10 22.40 -10.80
C TRP A 210 6.77 21.44 -11.79
N TYR A 211 6.09 21.12 -12.88
CA TYR A 211 6.50 19.95 -13.65
C TYR A 211 7.84 20.16 -14.37
N ASP A 212 8.21 21.40 -14.66
CA ASP A 212 9.51 21.69 -15.27
C ASP A 212 10.68 21.65 -14.27
N LEU A 213 10.39 21.57 -12.98
CA LEU A 213 11.45 21.58 -11.99
C LEU A 213 12.22 20.26 -11.93
N ASP A 214 13.53 20.37 -11.70
CA ASP A 214 14.40 19.22 -11.45
C ASP A 214 14.27 18.78 -9.99
N PRO A 215 14.94 17.69 -9.61
CA PRO A 215 14.74 17.21 -8.24
C PRO A 215 15.11 18.22 -7.15
N VAL A 216 16.17 19.01 -7.34
CA VAL A 216 16.51 20.02 -6.35
C VAL A 216 15.45 21.10 -6.32
N GLY A 217 15.04 21.57 -7.50
CA GLY A 217 13.96 22.55 -7.54
C GLY A 217 12.69 22.08 -6.85
N ARG A 218 12.38 20.80 -6.95
CA ARG A 218 11.17 20.27 -6.34
C ARG A 218 11.30 20.21 -4.82
N ALA A 219 12.50 19.98 -4.32
CA ALA A 219 12.74 20.11 -2.89
C ALA A 219 12.59 21.56 -2.43
N SER A 220 13.21 22.48 -3.16
CA SER A 220 13.12 23.91 -2.84
C SER A 220 11.70 24.43 -2.86
N PHE A 221 10.89 23.89 -3.78
CA PHE A 221 9.50 24.28 -3.97
C PHE A 221 8.74 24.29 -2.64
N PHE A 222 8.96 23.27 -1.81
CA PHE A 222 8.25 23.18 -0.55
C PHE A 222 8.94 23.85 0.64
N LEU A 223 10.19 24.29 0.45
CA LEU A 223 10.89 25.03 1.49
C LEU A 223 10.62 26.53 1.35
N ASN A 224 10.25 26.96 0.14
CA ASN A 224 9.92 28.36 -0.16
C ASN A 224 8.62 28.79 0.50
N PRO A 225 8.48 30.08 0.79
CA PRO A 225 7.10 30.58 0.95
C PRO A 225 6.29 30.33 -0.30
N MSE A 226 4.98 30.10 -0.14
CA MSE A 226 4.10 29.78 -1.26
C MSE A 226 2.88 30.71 -1.29
O MSE A 226 2.22 30.90 -0.27
CB MSE A 226 3.66 28.32 -1.20
CG MSE A 226 4.80 27.36 -1.49
SE MSE A 226 4.29 25.47 -1.24
CE MSE A 226 4.58 25.44 0.64
H MSE A 226 4.58 30.13 0.61
HA MSE A 226 4.60 29.90 -2.10
HB2 MSE A 226 3.33 28.14 -0.31
HB3 MSE A 226 2.96 28.16 -1.85
HG2 MSE A 226 5.08 27.48 -2.41
HG3 MSE A 226 5.54 27.56 -0.89
HE1 MSE A 226 4.38 24.56 0.98
HE2 MSE A 226 5.52 25.66 0.82
HE3 MSE A 226 4.00 26.10 1.06
N THR A 227 2.60 31.26 -2.45
CA THR A 227 1.45 32.14 -2.63
CA THR A 227 1.44 32.14 -2.62
C THR A 227 0.13 31.45 -2.29
N GLY A 228 -0.79 32.21 -1.71
CA GLY A 228 -2.11 31.70 -1.42
C GLY A 228 -2.93 32.77 -0.72
N ILE A 229 -4.14 32.42 -0.31
CA ILE A 229 -5.02 33.41 0.27
C ILE A 229 -4.64 33.72 1.72
N GLY A 230 -4.95 34.95 2.11
CA GLY A 230 -4.66 35.47 3.43
C GLY A 230 -5.85 35.53 4.36
N SER A 231 -5.59 35.95 5.59
CA SER A 231 -6.61 35.93 6.63
C SER A 231 -7.80 36.82 6.31
N ASP A 232 -7.60 37.90 5.55
CA ASP A 232 -8.69 38.86 5.35
C ASP A 232 -9.64 38.37 4.26
N THR A 233 -9.36 37.20 3.67
CA THR A 233 -10.33 36.59 2.77
C THR A 233 -11.42 35.81 3.52
N VAL A 234 -11.20 35.52 4.79
CA VAL A 234 -12.06 34.61 5.53
C VAL A 234 -13.44 35.26 5.78
N PRO A 235 -13.49 36.52 6.26
CA PRO A 235 -14.84 37.10 6.38
C PRO A 235 -15.60 37.20 5.04
N TRP A 236 -14.87 37.48 3.97
CA TRP A 236 -15.45 37.56 2.65
C TRP A 236 -16.05 36.21 2.25
N ILE A 237 -15.30 35.14 2.47
CA ILE A 237 -15.78 33.78 2.18
C ILE A 237 -17.08 33.50 2.96
N HIS A 238 -17.10 33.91 4.22
CA HIS A 238 -18.33 33.77 5.02
C HIS A 238 -19.50 34.57 4.43
N GLU A 239 -19.25 35.85 4.11
CA GLU A 239 -20.26 36.77 3.60
C GLU A 239 -20.87 36.28 2.29
N GLN A 240 -20.04 35.68 1.44
CA GLN A 240 -20.48 35.24 0.12
C GLN A 240 -21.17 33.87 0.13
N ARG A 241 -21.17 33.19 1.28
CA ARG A 241 -21.84 31.91 1.47
CA ARG A 241 -21.85 31.91 1.46
C ARG A 241 -21.37 30.88 0.45
N LEU A 242 -20.06 30.89 0.21
CA LEU A 242 -19.41 29.86 -0.60
C LEU A 242 -19.45 28.51 0.11
N ALA A 243 -19.54 27.43 -0.66
CA ALA A 243 -19.54 26.07 -0.10
C ALA A 243 -18.13 25.51 0.07
N GLY A 244 -17.25 25.93 -0.84
CA GLY A 244 -15.89 25.41 -0.88
C GLY A 244 -15.01 26.40 -1.62
N VAL A 245 -13.71 26.40 -1.30
CA VAL A 245 -12.71 27.21 -1.97
C VAL A 245 -11.58 26.28 -2.38
N ALA A 246 -11.30 26.26 -3.69
CA ALA A 246 -10.24 25.40 -4.25
C ALA A 246 -9.19 26.25 -4.94
N ALA A 247 -7.97 25.77 -5.00
CA ALA A 247 -6.91 26.48 -5.69
C ALA A 247 -5.93 25.54 -6.35
N ASP A 248 -5.13 26.14 -7.23
CA ASP A 248 -4.06 25.45 -7.92
C ASP A 248 -2.72 25.66 -7.22
N ASN A 249 -2.76 25.81 -5.90
CA ASN A 249 -1.55 25.71 -5.09
C ASN A 249 -1.67 24.49 -4.22
N ILE A 250 -0.80 24.32 -3.22
CA ILE A 250 -0.79 23.07 -2.47
C ILE A 250 -1.51 23.20 -1.13
N ALA A 251 -1.47 24.39 -0.52
CA ALA A 251 -2.01 24.58 0.83
C ALA A 251 -3.17 25.58 0.94
N LEU A 252 -3.64 26.05 -0.21
CA LEU A 252 -4.68 27.12 -0.33
C LEU A 252 -4.27 28.44 0.29
N GLU A 253 -4.08 28.45 1.61
CA GLU A 253 -3.57 29.60 2.35
C GLU A 253 -2.14 29.92 1.99
N ARG A 254 -1.75 31.19 2.09
CA ARG A 254 -0.35 31.55 1.94
C ARG A 254 0.47 30.84 3.02
N VAL A 255 1.58 30.24 2.62
CA VAL A 255 2.45 29.51 3.56
C VAL A 255 3.78 30.23 3.70
N PRO A 256 4.22 30.48 4.95
CA PRO A 256 5.49 31.17 5.15
C PRO A 256 6.68 30.29 4.92
N HIS A 257 7.85 30.92 4.89
CA HIS A 257 9.13 30.22 4.94
C HIS A 257 9.32 29.53 6.30
N LEU A 263 3.76 27.57 13.19
CA LEU A 263 3.14 27.78 11.89
C LEU A 263 1.62 27.91 12.05
N ALA A 264 1.11 29.13 11.93
CA ALA A 264 -0.21 29.51 12.44
C ALA A 264 -1.40 28.95 11.65
N LEU A 265 -1.31 29.01 10.32
CA LEU A 265 -2.37 28.56 9.40
C LEU A 265 -3.80 28.89 9.83
N PRO A 266 -4.06 30.16 10.15
CA PRO A 266 -5.38 30.56 10.62
C PRO A 266 -6.50 30.38 9.59
N VAL A 267 -6.19 30.45 8.30
CA VAL A 267 -7.24 30.32 7.30
C VAL A 267 -7.79 28.90 7.34
N HIS A 268 -6.90 27.92 7.48
CA HIS A 268 -7.33 26.52 7.60
C HIS A 268 -8.28 26.35 8.77
N GLY A 269 -7.88 26.89 9.91
CA GLY A 269 -8.65 26.72 11.11
C GLY A 269 -9.99 27.39 10.98
N ASN A 270 -9.99 28.63 10.47
CA ASN A 270 -11.24 29.37 10.39
C ASN A 270 -12.16 28.74 9.35
N LEU A 271 -11.64 28.36 8.17
CA LEU A 271 -12.55 27.79 7.16
C LEU A 271 -13.12 26.45 7.61
N LEU A 272 -12.26 25.53 8.01
CA LEU A 272 -12.71 24.17 8.29
C LEU A 272 -13.53 24.10 9.58
N ARG A 273 -13.02 24.66 10.67
CA ARG A 273 -13.71 24.55 11.96
C ARG A 273 -14.84 25.56 12.13
N ASP A 274 -14.55 26.82 11.85
CA ASP A 274 -15.53 27.84 12.20
C ASP A 274 -16.64 28.00 11.16
N LEU A 275 -16.27 28.03 9.87
CA LEU A 275 -17.24 28.23 8.80
C LEU A 275 -17.80 26.92 8.22
N GLY A 276 -17.11 25.81 8.39
CA GLY A 276 -17.52 24.58 7.75
C GLY A 276 -17.39 24.63 6.24
N VAL A 277 -16.41 25.38 5.76
CA VAL A 277 -16.15 25.54 4.34
C VAL A 277 -15.03 24.60 3.91
N TYR A 278 -15.25 23.90 2.80
CA TYR A 278 -14.32 22.89 2.33
C TYR A 278 -13.15 23.51 1.58
N ILE A 279 -12.01 22.83 1.63
CA ILE A 279 -10.78 23.30 1.02
C ILE A 279 -10.37 22.36 -0.09
N GLY A 280 -10.15 22.94 -1.27
CA GLY A 280 -9.68 22.17 -2.40
C GLY A 280 -8.26 22.59 -2.77
N GLU A 281 -7.41 21.60 -3.07
CA GLU A 281 -6.00 21.87 -3.32
C GLU A 281 -5.47 21.05 -4.50
N ILE A 282 -4.42 21.58 -5.12
CA ILE A 282 -3.73 21.00 -6.26
C ILE A 282 -4.66 20.77 -7.46
N TRP A 283 -5.60 21.68 -7.66
CA TRP A 283 -6.38 21.70 -8.89
C TRP A 283 -5.54 22.25 -10.04
N TRP A 284 -5.95 21.97 -11.27
CA TRP A 284 -5.23 22.36 -12.48
C TRP A 284 -6.15 23.25 -13.32
N LEU A 285 -5.79 24.52 -13.42
CA LEU A 285 -6.71 25.53 -13.94
C LEU A 285 -6.24 26.22 -15.20
N GLU A 286 -5.11 25.79 -15.78
CA GLU A 286 -4.52 26.52 -16.90
C GLU A 286 -5.43 26.55 -18.12
N GLU A 287 -5.96 25.38 -18.51
CA GLU A 287 -6.78 25.31 -19.72
C GLU A 287 -8.14 25.92 -19.52
N LEU A 288 -8.71 25.75 -18.33
CA LEU A 288 -9.98 26.40 -18.00
C LEU A 288 -9.82 27.90 -18.09
N ALA A 289 -8.73 28.41 -17.52
CA ALA A 289 -8.53 29.85 -17.49
C ALA A 289 -8.35 30.42 -18.90
N LYS A 290 -7.68 29.70 -19.79
CA LYS A 290 -7.53 30.19 -21.15
C LYS A 290 -8.90 30.26 -21.83
N ASP A 291 -9.72 29.24 -21.61
CA ASP A 291 -11.04 29.20 -22.20
C ASP A 291 -11.91 30.36 -21.71
N CYS A 292 -11.86 30.62 -20.41
CA CYS A 292 -12.64 31.72 -19.85
C CYS A 292 -12.16 33.08 -20.36
N ALA A 293 -10.86 33.25 -20.53
CA ALA A 293 -10.35 34.49 -21.13
C ALA A 293 -10.91 34.72 -22.53
N GLN A 294 -11.10 33.64 -23.28
CA GLN A 294 -11.54 33.75 -24.68
C GLN A 294 -13.07 33.91 -24.80
N ASP A 295 -13.84 33.34 -23.89
CA ASP A 295 -15.30 33.46 -24.03
C ASP A 295 -15.92 34.38 -22.98
N GLY A 296 -15.12 34.85 -22.03
CA GLY A 296 -15.59 35.78 -21.03
C GLY A 296 -16.51 35.23 -19.97
N ARG A 297 -16.69 33.90 -19.96
CA ARG A 297 -17.58 33.27 -18.99
C ARG A 297 -16.75 32.61 -17.93
N TYR A 298 -16.81 33.13 -16.70
CA TYR A 298 -16.04 32.57 -15.60
C TYR A 298 -16.88 31.79 -14.60
N GLU A 299 -18.19 31.73 -14.84
CA GLU A 299 -19.08 30.89 -14.06
C GLU A 299 -19.49 29.70 -14.91
N PHE A 300 -19.53 28.52 -14.30
CA PHE A 300 -19.76 27.29 -15.05
C PHE A 300 -20.42 26.24 -14.14
N PHE A 301 -20.84 25.14 -14.74
CA PHE A 301 -21.29 23.98 -13.99
C PHE A 301 -20.07 23.19 -13.59
N LEU A 302 -19.98 22.82 -12.31
CA LEU A 302 -18.83 22.10 -11.78
C LEU A 302 -19.26 20.76 -11.19
N ALA A 303 -18.69 19.68 -11.71
CA ALA A 303 -18.90 18.36 -11.16
C ALA A 303 -17.62 17.99 -10.40
N ALA A 304 -17.61 18.29 -9.10
CA ALA A 304 -16.42 18.10 -8.25
C ALA A 304 -16.76 17.20 -7.06
N GLN A 305 -17.57 16.17 -7.31
CA GLN A 305 -17.95 15.25 -6.26
C GLN A 305 -16.71 14.50 -5.74
N PRO A 306 -16.67 14.25 -4.43
CA PRO A 306 -15.62 13.40 -3.89
C PRO A 306 -15.92 11.94 -4.13
N LEU A 307 -14.94 11.07 -3.94
CA LEU A 307 -15.23 9.65 -3.86
C LEU A 307 -15.99 9.34 -2.59
N TYR A 308 -16.74 8.25 -2.61
CA TYR A 308 -17.56 7.83 -1.47
C TYR A 308 -16.67 6.98 -0.57
N ILE A 309 -16.00 7.64 0.39
CA ILE A 309 -15.06 6.95 1.27
C ILE A 309 -15.44 7.18 2.74
N PRO A 310 -16.22 6.25 3.31
CA PRO A 310 -16.66 6.48 4.69
C PRO A 310 -15.49 6.62 5.67
N GLY A 311 -15.61 7.64 6.51
CA GLY A 311 -14.63 7.92 7.56
C GLY A 311 -13.36 8.55 7.04
N ALA A 312 -13.29 8.90 5.76
CA ALA A 312 -12.10 9.58 5.22
C ALA A 312 -12.17 11.08 5.52
N VAL A 313 -11.00 11.70 5.58
CA VAL A 313 -10.96 13.12 5.90
C VAL A 313 -10.66 13.98 4.66
N GLY A 314 -10.82 13.37 3.49
CA GLY A 314 -10.68 14.06 2.23
C GLY A 314 -10.82 13.05 1.11
N SER A 315 -10.69 13.52 -0.13
CA SER A 315 -10.79 12.63 -1.27
C SER A 315 -10.03 13.18 -2.48
N PRO A 316 -9.41 12.29 -3.28
CA PRO A 316 -9.06 12.67 -4.64
C PRO A 316 -10.30 12.88 -5.47
N LEU A 317 -10.14 13.60 -6.56
CA LEU A 317 -11.24 13.76 -7.48
C LEU A 317 -10.73 14.21 -8.84
N ASN A 318 -11.66 14.26 -9.76
CA ASN A 318 -11.43 14.80 -11.08
C ASN A 318 -12.53 15.81 -11.35
N PRO A 319 -12.31 17.06 -10.94
CA PRO A 319 -13.35 18.06 -11.12
C PRO A 319 -13.53 18.36 -12.59
N ILE A 320 -14.77 18.35 -13.06
CA ILE A 320 -15.04 18.73 -14.45
C ILE A 320 -15.82 20.03 -14.48
N ALA A 321 -15.25 21.00 -15.17
CA ALA A 321 -15.94 22.24 -15.49
C ALA A 321 -16.67 22.07 -16.82
N VAL A 322 -17.96 22.45 -16.82
CA VAL A 322 -18.80 22.30 -18.01
C VAL A 322 -19.45 23.63 -18.33
N LYS A 323 -19.31 24.07 -19.58
CA LYS A 323 -19.84 25.36 -20.00
C LYS A 323 -20.82 25.22 -21.16
N ALA B 10 33.83 -2.00 -17.26
CA ALA B 10 34.11 -3.19 -18.04
C ALA B 10 33.19 -4.33 -17.63
N LEU B 11 32.31 -4.72 -18.55
CA LEU B 11 31.50 -5.92 -18.39
C LEU B 11 32.39 -7.11 -18.74
N HIS B 12 32.52 -8.07 -17.82
CA HIS B 12 33.32 -9.26 -18.09
C HIS B 12 32.57 -10.19 -19.03
N PRO B 13 33.23 -10.64 -20.10
CA PRO B 13 32.49 -11.51 -21.03
C PRO B 13 31.98 -12.76 -20.34
N HIS B 14 30.70 -13.04 -20.56
CA HIS B 14 30.06 -14.21 -19.99
C HIS B 14 30.87 -15.48 -20.17
N GLU B 15 31.36 -15.73 -21.38
CA GLU B 15 31.98 -17.02 -21.68
C GLU B 15 33.27 -17.22 -20.89
N LYS B 16 33.96 -16.13 -20.60
CA LYS B 16 35.18 -16.22 -19.81
C LYS B 16 34.89 -16.36 -18.31
N LEU B 17 33.74 -15.86 -17.86
CA LEU B 17 33.49 -15.78 -16.41
C LEU B 17 32.03 -15.94 -16.03
N ASN B 18 31.60 -17.17 -15.80
CA ASN B 18 30.24 -17.41 -15.35
C ASN B 18 30.14 -18.72 -14.58
N ASN B 19 29.08 -18.85 -13.81
CA ASN B 19 28.78 -20.07 -13.10
C ASN B 19 27.59 -20.85 -13.67
N TRP B 20 27.21 -20.57 -14.90
CA TRP B 20 26.10 -21.32 -15.50
C TRP B 20 26.46 -22.80 -15.58
N GLY B 21 25.54 -23.64 -15.13
CA GLY B 21 25.75 -25.07 -15.09
C GLY B 21 26.59 -25.61 -13.93
N LYS B 22 27.24 -24.73 -13.16
CA LYS B 22 28.11 -25.19 -12.06
C LYS B 22 27.35 -26.09 -11.10
N TRP B 23 26.09 -25.73 -10.87
CA TRP B 23 25.23 -26.46 -9.94
C TRP B 23 24.07 -27.11 -10.69
N GLY B 24 24.29 -27.38 -11.97
CA GLY B 24 23.31 -28.02 -12.82
C GLY B 24 22.57 -27.01 -13.67
N ASP B 25 22.08 -27.43 -14.83
CA ASP B 25 21.41 -26.49 -15.71
C ASP B 25 19.96 -26.20 -15.30
N ASP B 26 19.49 -26.84 -14.23
CA ASP B 26 18.16 -26.48 -13.70
CA ASP B 26 18.17 -26.58 -13.64
C ASP B 26 18.24 -25.75 -12.35
N ASP B 27 19.45 -25.49 -11.89
CA ASP B 27 19.66 -24.74 -10.64
C ASP B 27 19.02 -23.34 -10.68
N GLN B 28 18.39 -22.99 -9.56
CA GLN B 28 17.88 -21.64 -9.37
C GLN B 28 18.46 -20.91 -8.18
N ARG B 29 19.45 -21.51 -7.48
CA ARG B 29 19.98 -20.89 -6.27
C ARG B 29 21.33 -20.18 -6.46
N GLY B 30 22.06 -20.50 -7.51
CA GLY B 30 23.32 -19.82 -7.76
C GLY B 30 24.32 -19.99 -6.62
N ALA B 31 25.00 -18.90 -6.29
CA ALA B 31 26.11 -18.95 -5.34
C ALA B 31 25.66 -19.24 -3.92
N ALA B 32 24.36 -19.19 -3.67
CA ALA B 32 23.86 -19.68 -2.39
C ALA B 32 24.24 -21.16 -2.17
N ASN B 33 24.48 -21.90 -3.24
CA ASN B 33 24.90 -23.28 -3.11
C ASN B 33 26.29 -23.47 -2.48
N TYR B 34 27.07 -22.38 -2.40
CA TYR B 34 28.34 -22.42 -1.68
C TYR B 34 28.13 -22.50 -0.16
N ILE B 35 26.95 -22.13 0.34
CA ILE B 35 26.69 -22.26 1.77
C ILE B 35 26.16 -23.67 2.04
N THR B 36 27.00 -24.46 2.68
CA THR B 36 26.76 -25.87 2.92
C THR B 36 26.58 -26.09 4.41
N PRO B 37 25.99 -27.24 4.79
CA PRO B 37 25.87 -27.50 6.23
C PRO B 37 27.20 -27.41 6.97
N GLU B 38 28.28 -27.95 6.42
CA GLU B 38 29.57 -27.84 7.10
C GLU B 38 30.04 -26.39 7.26
N ARG B 39 29.76 -25.53 6.28
CA ARG B 39 30.14 -24.14 6.41
C ARG B 39 29.32 -23.41 7.45
N ILE B 40 28.05 -23.80 7.62
CA ILE B 40 27.20 -23.26 8.68
C ILE B 40 27.69 -23.69 10.07
N VAL B 41 28.08 -24.96 10.19
CA VAL B 41 28.63 -25.45 11.45
C VAL B 41 29.91 -24.67 11.79
N ALA B 42 30.78 -24.49 10.82
CA ALA B 42 32.00 -23.71 11.05
C ALA B 42 31.69 -22.27 11.49
N ALA B 43 30.72 -21.63 10.85
CA ALA B 43 30.35 -20.27 11.19
C ALA B 43 29.83 -20.21 12.62
N ALA B 44 29.05 -21.20 13.02
CA ALA B 44 28.50 -21.23 14.38
C ALA B 44 29.59 -21.25 15.44
N ARG B 45 30.76 -21.84 15.13
CA ARG B 45 31.85 -21.89 16.09
CA ARG B 45 31.84 -21.87 16.10
C ARG B 45 32.44 -20.50 16.36
N LEU B 46 32.10 -19.54 15.50
CA LEU B 46 32.54 -18.15 15.73
C LEU B 46 31.69 -17.41 16.76
N ILE B 47 30.61 -18.05 17.22
CA ILE B 47 29.78 -17.46 18.26
C ILE B 47 30.43 -17.83 19.61
N GLN B 48 31.29 -16.93 20.08
CA GLN B 48 32.01 -17.23 21.31
CA GLN B 48 32.12 -17.16 21.25
C GLN B 48 31.77 -16.22 22.41
N THR B 49 31.32 -15.02 22.06
CA THR B 49 30.99 -14.00 23.05
C THR B 49 29.50 -13.72 23.17
N GLY B 50 28.75 -14.02 22.10
CA GLY B 50 27.33 -13.74 22.04
C GLY B 50 26.95 -12.29 21.78
N LYS B 51 27.93 -11.45 21.45
CA LYS B 51 27.67 -10.09 21.00
C LYS B 51 26.84 -10.17 19.73
N THR B 52 25.87 -9.27 19.62
CA THR B 52 24.99 -9.19 18.44
C THR B 52 24.90 -7.77 17.93
N PHE B 53 24.81 -7.65 16.60
CA PHE B 53 24.66 -6.36 15.93
C PHE B 53 23.64 -6.46 14.82
N SER B 54 22.62 -5.60 14.84
CA SER B 54 21.72 -5.46 13.70
C SER B 54 22.37 -4.61 12.63
N LEU B 55 22.38 -5.10 11.40
CA LEU B 55 22.99 -4.38 10.29
C LEU B 55 21.92 -3.76 9.40
N ALA B 56 20.77 -3.49 9.97
CA ALA B 56 19.68 -2.83 9.24
C ALA B 56 19.56 -1.34 9.55
N ILE B 57 19.11 -0.60 8.56
CA ILE B 57 18.59 0.75 8.81
C ILE B 57 17.13 0.63 9.24
N PRO B 58 16.62 1.66 9.90
CA PRO B 58 15.19 1.60 10.25
C PRO B 58 14.31 1.63 9.03
N ILE B 59 13.28 0.79 9.04
CA ILE B 59 12.23 0.82 8.03
C ILE B 59 11.25 1.92 8.40
N ASP B 60 11.34 3.02 7.68
CA ASP B 60 10.50 4.18 7.89
C ASP B 60 10.58 5.02 6.63
N SER B 61 10.01 6.22 6.62
CA SER B 61 9.93 7.01 5.39
C SER B 61 11.09 8.00 5.26
N ASN B 62 12.07 7.86 6.16
N ASN B 62 12.07 7.89 6.17
CA ASN B 62 13.16 8.82 6.34
CA ASN B 62 13.15 8.88 6.23
C ASN B 62 14.50 8.36 5.72
C ASN B 62 14.52 8.32 5.83
N GLY B 63 14.54 7.12 5.25
CA GLY B 63 15.77 6.51 4.79
C GLY B 63 16.10 6.74 3.33
N PRO B 64 17.31 6.35 2.92
CA PRO B 64 17.67 6.50 1.52
C PRO B 64 16.98 5.42 0.69
N VAL B 65 16.46 5.84 -0.43
CA VAL B 65 15.81 4.93 -1.35
C VAL B 65 16.00 5.57 -2.73
N PHE B 66 16.40 4.76 -3.69
CA PHE B 66 16.83 5.30 -4.96
C PHE B 66 15.59 5.74 -5.75
N PRO B 67 15.51 7.03 -6.12
CA PRO B 67 14.37 7.48 -6.91
C PRO B 67 14.27 6.71 -8.22
N PRO B 68 13.04 6.44 -8.70
CA PRO B 68 11.75 6.89 -8.16
C PRO B 68 11.10 5.89 -7.18
N ARG B 69 11.87 5.01 -6.58
CA ARG B 69 11.30 4.12 -5.58
C ARG B 69 10.69 4.94 -4.44
N LEU B 70 9.54 4.49 -3.94
CA LEU B 70 8.88 5.14 -2.79
C LEU B 70 9.57 4.78 -1.49
N PRO B 71 9.62 5.71 -0.53
CA PRO B 71 10.06 5.31 0.81
C PRO B 71 9.07 4.31 1.43
N PRO B 72 9.57 3.37 2.25
CA PRO B 72 8.62 2.54 3.01
C PRO B 72 7.67 3.43 3.82
N HIS B 73 6.44 2.97 4.00
CA HIS B 73 5.45 3.77 4.66
C HIS B 73 4.62 2.94 5.62
N HIS B 74 4.77 3.26 6.91
CA HIS B 74 4.12 2.55 8.02
C HIS B 74 2.87 3.31 8.44
N THR B 75 1.75 2.61 8.57
CA THR B 75 0.54 3.23 9.10
C THR B 75 -0.12 2.30 10.11
N MSE B 76 -0.82 2.89 11.06
CA MSE B 76 -1.56 2.13 12.04
C MSE B 76 -3.00 1.90 11.59
O MSE B 76 -3.60 2.76 10.93
CB MSE B 76 -1.55 2.82 13.41
CG MSE B 76 -0.18 3.25 13.94
SE MSE B 76 1.01 1.86 14.60
CE MSE B 76 0.01 1.36 16.16
H MSE B 76 -0.88 3.74 11.16
HA MSE B 76 -1.13 1.25 12.14
HB2 MSE B 76 -2.10 3.61 13.35
HB3 MSE B 76 -1.92 2.21 14.06
HG2 MSE B 76 0.27 3.70 13.22
HG3 MSE B 76 -0.34 3.87 14.67
HE1 MSE B 76 0.49 0.66 16.62
HE2 MSE B 76 -0.07 2.14 16.74
HE3 MSE B 76 -0.86 1.05 15.89
N GLU B 77 -3.56 0.76 11.97
CA GLU B 77 -4.97 0.47 11.77
C GLU B 77 -5.78 0.80 13.04
N ILE B 78 -5.17 0.58 14.21
CA ILE B 78 -5.76 0.94 15.49
C ILE B 78 -4.61 1.12 16.47
N THR B 79 -4.78 2.07 17.40
CA THR B 79 -3.70 2.54 18.26
C THR B 79 -4.15 2.69 19.70
N GLY B 80 -3.20 2.86 20.61
CA GLY B 80 -3.56 3.16 21.99
C GLY B 80 -4.37 4.45 22.10
N ALA B 81 -4.03 5.43 21.27
CA ALA B 81 -4.70 6.72 21.32
C ALA B 81 -6.19 6.58 21.10
N ASP B 82 -6.58 5.57 20.32
CA ASP B 82 -8.00 5.34 20.05
C ASP B 82 -8.78 5.04 21.31
N TYR B 83 -8.14 4.37 22.26
CA TYR B 83 -8.79 3.97 23.51
C TYR B 83 -8.80 5.12 24.50
N VAL B 84 -7.87 6.05 24.34
CA VAL B 84 -7.92 7.28 25.10
C VAL B 84 -9.10 8.10 24.62
N ALA B 85 -9.29 8.18 23.30
CA ALA B 85 -10.40 8.97 22.75
C ALA B 85 -11.76 8.30 22.98
N ASP B 86 -11.79 6.98 22.89
CA ASP B 86 -13.02 6.21 23.00
C ASP B 86 -12.76 4.91 23.77
N PRO B 87 -12.89 4.96 25.09
CA PRO B 87 -12.59 3.76 25.89
C PRO B 87 -13.29 2.49 25.37
N GLY B 88 -14.44 2.66 24.73
CA GLY B 88 -15.23 1.54 24.26
C GLY B 88 -14.81 0.98 22.92
N ALA B 89 -13.71 1.48 22.35
CA ALA B 89 -13.24 1.03 21.04
C ALA B 89 -13.22 -0.49 21.01
N SER B 90 -13.91 -1.06 20.03
CA SER B 90 -14.04 -2.50 19.92
C SER B 90 -13.77 -2.96 18.48
N PRO B 91 -12.49 -2.94 18.07
CA PRO B 91 -12.11 -3.33 16.70
C PRO B 91 -12.31 -4.81 16.38
N PHE B 92 -12.45 -5.68 17.39
CA PHE B 92 -12.68 -7.10 17.11
C PHE B 92 -13.54 -7.99 18.05
N GLY B 93 -14.55 -7.52 18.79
CA GLY B 93 -14.88 -6.14 19.05
C GLY B 93 -14.85 -5.97 20.56
N LYS B 94 -15.99 -6.22 21.21
CA LYS B 94 -16.11 -6.06 22.66
C LYS B 94 -15.15 -6.99 23.40
N SER B 95 -14.21 -6.41 24.13
CA SER B 95 -13.18 -7.18 24.84
C SER B 95 -12.46 -6.33 25.89
N PRO B 96 -12.06 -6.95 27.02
CA PRO B 96 -11.20 -6.17 27.93
C PRO B 96 -9.80 -5.99 27.36
N ILE B 97 -9.38 -6.86 26.43
CA ILE B 97 -8.09 -6.69 25.80
C ILE B 97 -8.18 -5.58 24.76
N ARG B 98 -7.15 -4.77 24.75
CA ARG B 98 -7.03 -3.65 23.84
C ARG B 98 -5.88 -3.99 22.93
N PHE B 99 -5.99 -3.63 21.66
CA PHE B 99 -5.02 -3.99 20.63
C PHE B 99 -4.58 -2.78 19.83
N ALA B 100 -3.35 -2.85 19.33
CA ALA B 100 -2.88 -1.95 18.28
C ALA B 100 -2.41 -2.83 17.13
N ASP B 101 -2.72 -2.41 15.91
CA ASP B 101 -2.43 -3.17 14.67
C ASP B 101 -1.84 -2.20 13.66
N ASP B 102 -1.00 -2.68 12.75
CA ASP B 102 -0.43 -1.78 11.75
C ASP B 102 -0.11 -2.47 10.42
N TYR B 103 0.30 -1.64 9.46
CA TYR B 103 0.48 -1.99 8.06
C TYR B 103 1.75 -1.36 7.50
N ILE B 104 2.29 -1.94 6.43
CA ILE B 104 3.38 -1.31 5.72
C ILE B 104 3.15 -1.42 4.22
N TYR B 105 3.51 -0.36 3.50
CA TYR B 105 3.64 -0.37 2.05
C TYR B 105 5.10 -0.08 1.76
N MSE B 106 5.80 -0.97 1.07
CA MSE B 106 7.17 -0.62 0.74
C MSE B 106 7.68 -1.29 -0.50
O MSE B 106 7.22 -2.39 -0.87
CB MSE B 106 8.10 -0.98 1.90
CG MSE B 106 8.19 -2.45 2.16
SE MSE B 106 9.28 -2.88 3.72
CE MSE B 106 11.04 -2.34 3.12
H MSE B 106 5.52 -1.73 0.80
HA MSE B 106 7.22 0.35 0.62
HB2 MSE B 106 9.00 -0.67 1.70
HB3 MSE B 106 7.78 -0.55 2.71
HG2 MSE B 106 7.29 -2.80 2.32
HG3 MSE B 106 8.59 -2.89 1.39
HE1 MSE B 106 11.68 -2.52 3.83
HE2 MSE B 106 11.28 -2.85 2.33
HE3 MSE B 106 11.02 -1.40 2.92
N PRO B 107 8.65 -0.66 -1.15
CA PRO B 107 9.40 -1.40 -2.15
C PRO B 107 10.21 -2.48 -1.45
N LEU B 108 10.31 -3.65 -2.05
CA LEU B 108 11.16 -4.68 -1.49
C LEU B 108 12.63 -4.33 -1.71
N GLN B 109 12.90 -3.35 -2.56
CA GLN B 109 14.24 -2.78 -2.71
C GLN B 109 14.33 -1.43 -2.00
N GLY B 110 13.47 -1.22 -1.01
CA GLY B 110 13.31 0.10 -0.42
C GLY B 110 14.05 0.34 0.89
N SER B 111 14.80 -0.64 1.37
CA SER B 111 15.48 -0.55 2.64
C SER B 111 16.69 -1.50 2.63
N THR B 112 17.24 -1.83 3.80
CA THR B 112 18.21 -2.91 3.89
C THR B 112 17.65 -4.12 3.15
N GLN B 113 18.44 -4.71 2.26
CA GLN B 113 17.89 -5.66 1.31
C GLN B 113 18.89 -6.69 0.81
N TRP B 114 18.33 -7.81 0.37
CA TRP B 114 18.97 -8.69 -0.63
C TRP B 114 18.24 -8.50 -1.95
N ASP B 115 19.00 -8.52 -3.03
CA ASP B 115 18.44 -8.59 -4.37
C ASP B 115 18.59 -10.00 -4.86
N ALA B 116 17.48 -10.59 -5.32
CA ALA B 116 17.49 -11.93 -5.89
C ALA B 116 18.15 -11.95 -7.25
N LEU B 117 18.42 -13.14 -7.75
CA LEU B 117 19.01 -13.26 -9.08
C LEU B 117 18.01 -12.88 -10.17
N SER B 118 16.73 -12.80 -9.81
CA SER B 118 15.69 -12.30 -10.72
C SER B 118 15.63 -10.77 -10.77
N HIS B 119 16.45 -10.08 -9.97
CA HIS B 119 16.40 -8.61 -9.93
C HIS B 119 17.09 -7.91 -11.09
N GLY B 120 18.13 -8.53 -11.67
CA GLY B 120 18.93 -7.85 -12.68
C GLY B 120 19.66 -8.80 -13.61
N TRP B 121 19.86 -8.35 -14.83
CA TRP B 121 20.50 -9.15 -15.86
C TRP B 121 20.83 -8.24 -17.02
N TYR B 122 21.29 -8.80 -18.13
CA TYR B 122 21.45 -8.05 -19.36
C TYR B 122 21.05 -8.98 -20.49
N GLY B 123 20.72 -8.40 -21.63
CA GLY B 123 20.19 -9.23 -22.70
C GLY B 123 18.88 -9.92 -22.33
N GLU B 124 18.59 -11.05 -22.97
CA GLU B 124 17.28 -11.67 -22.80
C GLU B 124 17.27 -12.83 -21.82
N SER B 125 18.41 -13.08 -21.18
CA SER B 125 18.54 -14.20 -20.26
C SER B 125 19.09 -13.77 -18.92
N LEU B 126 18.58 -14.43 -17.88
CA LEU B 126 19.04 -14.26 -16.51
C LEU B 126 20.02 -15.37 -16.16
N TYR B 127 20.48 -15.40 -14.90
CA TYR B 127 21.35 -16.47 -14.42
C TYR B 127 20.90 -17.87 -14.91
N ASN B 128 21.86 -18.66 -15.36
CA ASN B 128 21.67 -20.04 -15.77
C ASN B 128 20.72 -20.21 -16.96
N GLY B 129 20.58 -19.15 -17.72
CA GLY B 129 19.82 -19.22 -18.96
C GLY B 129 18.33 -19.05 -18.81
N VAL B 130 17.89 -18.63 -17.62
CA VAL B 130 16.48 -18.40 -17.37
C VAL B 130 15.99 -17.29 -18.29
N PRO B 131 14.91 -17.54 -19.07
CA PRO B 131 14.45 -16.48 -19.95
C PRO B 131 13.84 -15.32 -19.20
N GLU B 132 14.05 -14.09 -19.68
CA GLU B 132 13.44 -12.94 -18.99
C GLU B 132 11.91 -13.05 -19.03
N ALA B 133 11.36 -13.79 -19.98
CA ALA B 133 9.90 -14.02 -20.03
C ALA B 133 9.36 -14.78 -18.81
N ALA B 134 10.25 -15.39 -18.03
CA ALA B 134 9.85 -16.08 -16.80
C ALA B 134 9.55 -15.12 -15.65
N ILE B 135 9.94 -13.86 -15.80
CA ILE B 135 9.84 -12.89 -14.71
C ILE B 135 8.68 -11.99 -15.11
N ARG B 136 7.53 -12.20 -14.47
CA ARG B 136 6.26 -11.64 -14.92
C ARG B 136 5.64 -10.77 -13.83
N SER B 137 4.48 -10.18 -14.15
CA SER B 137 3.72 -9.46 -13.14
C SER B 137 3.32 -10.41 -12.02
N SER B 138 3.01 -9.83 -10.86
CA SER B 138 2.66 -10.64 -9.72
C SER B 138 1.44 -11.54 -9.98
N GLY B 139 0.47 -11.06 -10.75
CA GLY B 139 -0.73 -11.83 -11.02
C GLY B 139 -0.50 -12.95 -12.02
N ALA B 140 0.71 -12.99 -12.58
CA ALA B 140 1.10 -14.03 -13.53
C ALA B 140 2.31 -14.77 -12.98
N GLY B 141 2.45 -14.74 -11.67
CA GLY B 141 3.44 -15.53 -10.96
C GLY B 141 4.70 -14.83 -10.48
N GLY B 142 4.86 -13.55 -10.80
CA GLY B 142 6.06 -12.83 -10.42
C GLY B 142 7.28 -13.45 -11.05
N ALA B 143 8.36 -13.50 -10.30
CA ALA B 143 9.54 -14.25 -10.72
C ALA B 143 9.24 -15.77 -10.63
N THR B 144 8.83 -16.38 -11.73
CA THR B 144 8.40 -17.79 -11.70
C THR B 144 9.60 -18.73 -11.64
N LYS B 145 10.76 -18.18 -11.96
CA LYS B 145 12.05 -18.79 -11.72
C LYS B 145 12.92 -17.73 -11.05
N LEU B 146 13.85 -18.19 -10.21
CA LEU B 146 14.81 -17.33 -9.51
C LEU B 146 14.18 -16.34 -8.54
N GLY B 147 12.95 -16.61 -8.09
CA GLY B 147 12.35 -15.86 -7.02
C GLY B 147 13.13 -16.08 -5.73
N ILE B 148 13.02 -15.11 -4.82
CA ILE B 148 13.77 -15.15 -3.58
C ILE B 148 13.36 -16.34 -2.69
N GLU B 149 12.23 -17.00 -2.94
CA GLU B 149 11.84 -18.14 -2.11
C GLU B 149 12.85 -19.29 -2.28
N ASN B 150 13.60 -19.27 -3.37
CA ASN B 150 14.59 -20.31 -3.62
C ASN B 150 15.74 -20.25 -2.63
N VAL B 151 15.86 -19.15 -1.87
CA VAL B 151 16.91 -19.04 -0.87
C VAL B 151 16.29 -18.66 0.49
N LYS B 152 15.11 -19.19 0.75
CA LYS B 152 14.46 -18.90 2.02
C LYS B 152 15.23 -19.50 3.20
N THR B 153 16.10 -20.46 2.94
CA THR B 153 16.92 -20.98 4.05
C THR B 153 18.39 -20.52 3.96
N SER B 154 18.72 -19.72 2.97
CA SER B 154 20.11 -19.32 2.76
C SER B 154 20.50 -18.06 3.53
N PHE B 155 21.74 -17.65 3.34
CA PHE B 155 22.33 -16.44 3.93
C PHE B 155 22.36 -16.47 5.45
N LEU B 156 22.47 -17.68 5.97
N LEU B 156 22.30 -17.68 6.02
CA LEU B 156 22.77 -17.88 7.36
CA LEU B 156 22.76 -17.95 7.37
C LEU B 156 24.03 -18.75 7.37
C LEU B 156 24.07 -18.69 7.22
N GLY B 157 25.16 -18.15 7.78
CA GLY B 157 26.45 -18.77 7.62
C GLY B 157 27.52 -17.79 8.03
N ARG B 158 28.69 -17.90 7.41
CA ARG B 158 29.81 -17.07 7.82
C ARG B 158 29.78 -15.72 7.10
N GLY B 159 29.94 -14.64 7.86
CA GLY B 159 30.06 -13.32 7.27
C GLY B 159 31.43 -12.76 7.60
N VAL B 160 31.96 -11.92 6.72
CA VAL B 160 33.22 -11.24 6.92
C VAL B 160 33.04 -9.77 6.57
N LEU B 161 33.36 -8.90 7.52
CA LEU B 161 33.41 -7.46 7.29
C LEU B 161 34.74 -7.05 6.72
N VAL B 162 34.71 -6.31 5.62
CA VAL B 162 35.89 -5.62 5.16
CA VAL B 162 35.89 -5.60 5.15
C VAL B 162 35.63 -4.10 5.26
N ASP B 163 36.36 -3.47 6.16
CA ASP B 163 36.15 -2.07 6.48
C ASP B 163 37.03 -1.23 5.59
N ILE B 164 36.53 -0.92 4.41
CA ILE B 164 37.30 -0.18 3.44
C ILE B 164 37.52 1.27 3.92
N VAL B 165 36.52 1.82 4.60
CA VAL B 165 36.65 3.16 5.17
C VAL B 165 37.89 3.24 6.08
N ARG B 166 38.03 2.29 7.01
CA ARG B 166 39.17 2.36 7.92
C ARG B 166 40.49 2.03 7.20
N PHE B 167 40.43 1.12 6.24
CA PHE B 167 41.62 0.79 5.46
C PHE B 167 42.17 2.04 4.74
N LYS B 168 41.26 2.91 4.29
CA LYS B 168 41.64 4.13 3.57
C LYS B 168 41.75 5.35 4.50
N GLY B 169 41.86 5.09 5.79
CA GLY B 169 42.25 6.11 6.75
C GLY B 169 41.10 6.78 7.48
N GLY B 170 39.88 6.25 7.32
CA GLY B 170 38.71 6.77 8.02
C GLY B 170 37.68 7.47 7.15
N SER B 171 37.93 7.52 5.85
CA SER B 171 36.99 8.09 4.90
C SER B 171 37.29 7.63 3.50
N LEU B 172 36.27 7.74 2.64
CA LEU B 172 36.39 7.51 1.20
C LEU B 172 35.89 8.72 0.43
N PRO B 173 36.65 9.16 -0.59
CA PRO B 173 36.18 10.26 -1.42
C PRO B 173 34.86 9.97 -2.10
N GLU B 174 34.12 11.03 -2.40
CA GLU B 174 32.87 10.89 -3.13
C GLU B 174 33.14 10.13 -4.43
N GLY B 175 32.35 9.10 -4.68
CA GLY B 175 32.43 8.36 -5.93
C GLY B 175 33.63 7.43 -6.06
N TYR B 176 34.34 7.20 -4.96
CA TYR B 176 35.54 6.37 -5.00
C TYR B 176 35.24 4.94 -5.49
N THR B 177 36.05 4.47 -6.43
CA THR B 177 35.91 3.08 -6.91
C THR B 177 36.76 2.13 -6.08
N ILE B 178 36.10 1.24 -5.35
CA ILE B 178 36.76 0.23 -4.54
C ILE B 178 37.20 -0.93 -5.42
N THR B 179 38.50 -1.22 -5.36
CA THR B 179 39.14 -2.18 -6.23
C THR B 179 39.44 -3.50 -5.57
N ARG B 180 39.83 -4.47 -6.38
CA ARG B 180 40.37 -5.74 -5.89
C ARG B 180 41.50 -5.51 -4.90
N ALA B 181 42.43 -4.63 -5.25
CA ALA B 181 43.58 -4.38 -4.40
C ALA B 181 43.16 -3.80 -3.05
N ASP B 182 42.14 -2.93 -3.06
CA ASP B 182 41.61 -2.39 -1.80
C ASP B 182 41.03 -3.48 -0.93
N LEU B 183 40.24 -4.36 -1.53
CA LEU B 183 39.60 -5.43 -0.79
C LEU B 183 40.65 -6.39 -0.20
N GLU B 184 41.62 -6.81 -1.02
CA GLU B 184 42.68 -7.70 -0.52
C GLU B 184 43.56 -7.01 0.53
N GLY B 185 43.80 -5.72 0.33
CA GLY B 185 44.65 -4.96 1.23
C GLY B 185 44.00 -4.79 2.58
N ALA B 186 42.70 -4.51 2.57
CA ALA B 186 41.97 -4.35 3.81
C ALA B 186 41.88 -5.66 4.58
N LEU B 187 41.56 -6.74 3.88
CA LEU B 187 41.51 -8.04 4.52
C LEU B 187 42.88 -8.42 5.11
N ALA B 188 43.96 -8.12 4.40
CA ALA B 188 45.30 -8.40 4.93
C ALA B 188 45.58 -7.58 6.18
N LYS B 189 45.22 -6.29 6.17
CA LYS B 189 45.42 -5.42 7.33
C LYS B 189 44.66 -5.94 8.55
N GLN B 190 43.44 -6.42 8.31
CA GLN B 190 42.57 -6.94 9.36
C GLN B 190 43.02 -8.32 9.84
N LYS B 191 43.96 -8.92 9.11
CA LYS B 191 44.34 -10.31 9.28
C LYS B 191 43.14 -11.25 9.13
N SER B 192 42.28 -10.95 8.15
CA SER B 192 41.09 -11.73 7.88
C SER B 192 41.35 -12.66 6.69
N LYS B 193 40.71 -13.82 6.70
CA LYS B 193 40.84 -14.79 5.63
C LYS B 193 39.47 -15.23 5.16
N LEU B 194 39.19 -15.06 3.88
CA LEU B 194 37.89 -15.47 3.33
C LEU B 194 37.89 -16.94 3.07
N LEU B 195 36.69 -17.52 3.14
CA LEU B 195 36.47 -18.92 2.81
C LEU B 195 35.29 -19.08 1.86
N PRO B 196 35.28 -20.16 1.08
CA PRO B 196 34.12 -20.42 0.25
C PRO B 196 32.82 -20.42 1.05
N GLY B 197 31.77 -19.84 0.47
CA GLY B 197 30.48 -19.71 1.11
C GLY B 197 30.29 -18.41 1.90
N ASP B 198 31.37 -17.67 2.14
CA ASP B 198 31.26 -16.46 2.94
C ASP B 198 30.32 -15.45 2.29
N ILE B 199 29.66 -14.68 3.14
CA ILE B 199 28.99 -13.46 2.73
C ILE B 199 29.93 -12.31 3.08
N LEU B 200 30.33 -11.54 2.08
CA LEU B 200 31.21 -10.39 2.27
C LEU B 200 30.40 -9.14 2.50
N VAL B 201 30.73 -8.43 3.56
CA VAL B 201 30.01 -7.23 3.96
C VAL B 201 31.00 -6.06 3.91
N ILE B 202 30.74 -5.09 3.03
CA ILE B 202 31.69 -4.02 2.73
C ILE B 202 31.26 -2.69 3.33
N ARG B 203 32.09 -2.12 4.19
CA ARG B 203 31.83 -0.77 4.72
C ARG B 203 32.47 0.30 3.85
N THR B 204 31.57 1.07 3.20
CA THR B 204 31.90 2.24 2.37
C THR B 204 31.63 3.57 3.06
N GLY B 205 30.84 3.50 4.12
CA GLY B 205 30.48 4.68 4.90
C GLY B 205 29.34 5.51 4.32
N LEU B 206 28.88 5.19 3.12
CA LEU B 206 28.01 6.12 2.41
C LEU B 206 26.70 6.39 3.18
N VAL B 207 26.04 5.35 3.69
CA VAL B 207 24.78 5.53 4.37
C VAL B 207 24.93 6.35 5.67
N GLU B 208 26.14 6.43 6.19
CA GLU B 208 26.40 7.17 7.43
C GLU B 208 26.33 8.67 7.23
N SER B 209 26.23 9.09 5.98
CA SER B 209 26.13 10.51 5.65
C SER B 209 24.70 10.95 5.32
N TRP B 210 23.76 10.02 5.25
CA TRP B 210 22.42 10.34 4.73
C TRP B 210 21.53 11.09 5.72
N TYR B 211 21.48 10.62 6.95
CA TYR B 211 20.40 11.04 7.86
C TYR B 211 20.48 12.50 8.31
N ASP B 212 21.67 13.08 8.30
CA ASP B 212 21.77 14.50 8.62
C ASP B 212 21.40 15.44 7.47
N LEU B 213 21.27 14.92 6.26
CA LEU B 213 20.93 15.76 5.10
C LEU B 213 19.51 16.34 5.16
N ASP B 214 19.40 17.60 4.74
CA ASP B 214 18.10 18.27 4.56
C ASP B 214 17.50 17.86 3.21
N PRO B 215 16.27 18.33 2.90
CA PRO B 215 15.66 17.84 1.66
C PRO B 215 16.46 18.12 0.39
N VAL B 216 17.10 19.29 0.32
CA VAL B 216 17.92 19.59 -0.86
C VAL B 216 19.12 18.64 -0.92
N GLY B 217 19.79 18.46 0.20
CA GLY B 217 20.92 17.56 0.23
C GLY B 217 20.56 16.12 -0.15
N ARG B 218 19.38 15.67 0.26
CA ARG B 218 18.90 14.35 -0.08
C ARG B 218 18.62 14.20 -1.58
N ALA B 219 18.18 15.28 -2.22
CA ALA B 219 17.98 15.26 -3.66
C ALA B 219 19.35 15.19 -4.34
N SER B 220 20.29 15.99 -3.87
CA SER B 220 21.64 15.99 -4.46
C SER B 220 22.34 14.65 -4.30
N PHE B 221 22.08 13.97 -3.19
CA PHE B 221 22.71 12.71 -2.82
C PHE B 221 22.63 11.71 -3.98
N PHE B 222 21.47 11.67 -4.63
CA PHE B 222 21.26 10.67 -5.67
C PHE B 222 21.63 11.15 -7.07
N LEU B 223 21.97 12.43 -7.20
CA LEU B 223 22.36 13.00 -8.48
C LEU B 223 23.86 12.94 -8.73
N ASN B 224 24.63 12.68 -7.70
CA ASN B 224 26.06 12.75 -7.86
C ASN B 224 26.70 11.37 -7.69
N PRO B 225 27.97 11.24 -8.07
CA PRO B 225 28.59 9.91 -8.00
C PRO B 225 28.58 9.31 -6.60
N MSE B 226 28.53 7.99 -6.53
CA MSE B 226 28.48 7.29 -5.25
C MSE B 226 29.54 6.19 -5.20
O MSE B 226 29.66 5.39 -6.12
CB MSE B 226 27.09 6.70 -5.03
CG MSE B 226 26.04 7.77 -4.81
SE MSE B 226 24.26 7.01 -4.57
CE MSE B 226 24.02 6.44 -6.38
H MSE B 226 28.52 7.47 -7.22
HA MSE B 226 28.65 7.92 -4.54
HB2 MSE B 226 26.83 6.19 -5.82
HB3 MSE B 226 27.10 6.14 -4.25
HG2 MSE B 226 26.27 8.28 -4.01
HG3 MSE B 226 26.02 8.36 -5.58
HE1 MSE B 226 23.15 6.01 -6.46
HE2 MSE B 226 24.06 7.21 -6.96
HE3 MSE B 226 24.71 5.80 -6.61
N THR B 227 30.30 6.16 -4.11
CA THR B 227 31.36 5.16 -3.92
C THR B 227 30.81 3.74 -3.95
N GLY B 228 31.58 2.82 -4.52
CA GLY B 228 31.21 1.40 -4.47
C GLY B 228 32.25 0.56 -5.19
N ILE B 229 31.99 -0.73 -5.32
CA ILE B 229 32.95 -1.62 -5.96
C ILE B 229 32.99 -1.45 -7.47
N GLY B 230 34.18 -1.67 -8.02
CA GLY B 230 34.40 -1.55 -9.46
C GLY B 230 34.48 -2.89 -10.16
N SER B 231 34.66 -2.83 -11.48
CA SER B 231 34.60 -4.02 -12.30
C SER B 231 35.67 -5.06 -11.98
N ASP B 232 36.85 -4.65 -11.50
CA ASP B 232 37.90 -5.65 -11.29
C ASP B 232 37.73 -6.39 -9.97
N THR B 233 36.64 -6.12 -9.23
CA THR B 233 36.32 -6.93 -8.07
C THR B 233 35.57 -8.21 -8.47
N VAL B 234 35.03 -8.25 -9.68
CA VAL B 234 34.16 -9.37 -10.07
C VAL B 234 34.92 -10.70 -10.20
N PRO B 235 36.08 -10.71 -10.88
CA PRO B 235 36.77 -12.01 -10.92
C PRO B 235 37.19 -12.47 -9.51
N TRP B 236 37.53 -11.52 -8.65
CA TRP B 236 37.91 -11.85 -7.28
C TRP B 236 36.74 -12.47 -6.51
N ILE B 237 35.58 -11.85 -6.62
CA ILE B 237 34.38 -12.39 -6.00
C ILE B 237 34.13 -13.81 -6.46
N HIS B 238 34.31 -14.06 -7.76
CA HIS B 238 34.21 -15.41 -8.31
C HIS B 238 35.24 -16.38 -7.71
N GLU B 239 36.50 -15.96 -7.71
N GLU B 239 36.52 -16.01 -7.67
CA GLU B 239 37.63 -16.74 -7.19
CA GLU B 239 37.57 -16.94 -7.22
C GLU B 239 37.35 -17.24 -5.80
C GLU B 239 37.51 -17.21 -5.72
N GLN B 240 36.84 -16.33 -4.97
CA GLN B 240 36.69 -16.53 -3.54
C GLN B 240 35.44 -17.35 -3.18
N ARG B 241 34.61 -17.66 -4.16
CA ARG B 241 33.43 -18.49 -3.98
C ARG B 241 32.53 -17.90 -2.90
N LEU B 242 32.40 -16.58 -2.92
CA LEU B 242 31.44 -15.87 -2.07
C LEU B 242 30.00 -16.16 -2.49
N ALA B 243 29.09 -16.26 -1.53
CA ALA B 243 27.67 -16.46 -1.81
C ALA B 243 26.94 -15.16 -2.12
N GLY B 244 27.40 -14.08 -1.50
CA GLY B 244 26.74 -12.79 -1.65
C GLY B 244 27.67 -11.70 -1.20
N VAL B 245 27.42 -10.49 -1.69
CA VAL B 245 28.20 -9.32 -1.34
C VAL B 245 27.23 -8.21 -0.98
N ALA B 246 27.39 -7.68 0.23
CA ALA B 246 26.52 -6.62 0.70
C ALA B 246 27.34 -5.41 1.05
N ALA B 247 26.70 -4.24 1.04
CA ALA B 247 27.37 -2.99 1.39
C ALA B 247 26.43 -1.99 2.02
N ASP B 248 27.03 -1.00 2.67
CA ASP B 248 26.33 0.13 3.27
C ASP B 248 26.26 1.32 2.31
N ASN B 249 26.14 1.04 1.01
CA ASN B 249 25.78 2.07 0.04
C ASN B 249 24.45 1.67 -0.57
N ILE B 250 24.02 2.31 -1.66
CA ILE B 250 22.68 2.09 -2.19
C ILE B 250 22.71 1.14 -3.39
N ALA B 251 23.81 1.17 -4.16
CA ALA B 251 23.89 0.41 -5.41
C ALA B 251 24.96 -0.67 -5.47
N LEU B 252 25.70 -0.87 -4.38
CA LEU B 252 26.87 -1.77 -4.27
C LEU B 252 28.02 -1.36 -5.16
N GLU B 253 27.83 -1.37 -6.47
CA GLU B 253 28.91 -0.90 -7.33
C GLU B 253 28.95 0.61 -7.38
N ARG B 254 30.11 1.13 -7.76
CA ARG B 254 30.30 2.56 -7.94
C ARG B 254 29.34 3.07 -9.01
N VAL B 255 28.69 4.19 -8.72
CA VAL B 255 27.72 4.80 -9.62
C VAL B 255 28.23 6.15 -10.09
N PRO B 256 28.22 6.40 -11.41
CA PRO B 256 28.76 7.64 -11.96
C PRO B 256 27.80 8.80 -11.84
N HIS B 257 28.28 9.99 -12.20
CA HIS B 257 27.43 11.17 -12.32
C HIS B 257 26.63 11.13 -13.63
N ALA B 264 26.02 1.94 -17.29
CA ALA B 264 26.28 0.58 -17.78
C ALA B 264 26.08 -0.48 -16.68
N LEU B 265 26.45 -0.11 -15.45
CA LEU B 265 26.35 -0.99 -14.29
C LEU B 265 26.75 -2.43 -14.54
N PRO B 266 27.97 -2.62 -15.05
CA PRO B 266 28.44 -3.95 -15.42
C PRO B 266 28.52 -4.90 -14.22
N VAL B 267 28.80 -4.39 -13.00
CA VAL B 267 28.94 -5.29 -11.86
C VAL B 267 27.60 -5.96 -11.52
N HIS B 268 26.50 -5.21 -11.57
CA HIS B 268 25.18 -5.81 -11.36
C HIS B 268 24.95 -6.98 -12.31
N GLY B 269 25.24 -6.74 -13.58
CA GLY B 269 25.03 -7.75 -14.59
C GLY B 269 25.91 -8.96 -14.37
N ASN B 270 27.20 -8.72 -14.13
CA ASN B 270 28.12 -9.83 -13.95
C ASN B 270 27.80 -10.62 -12.68
N LEU B 271 27.51 -9.94 -11.57
CA LEU B 271 27.24 -10.68 -10.35
C LEU B 271 25.93 -11.47 -10.43
N LEU B 272 24.84 -10.79 -10.78
CA LEU B 272 23.54 -11.46 -10.75
C LEU B 272 23.36 -12.48 -11.85
N ARG B 273 23.59 -12.07 -13.09
CA ARG B 273 23.41 -12.98 -14.22
C ARG B 273 24.54 -13.98 -14.42
N ASP B 274 25.78 -13.51 -14.46
CA ASP B 274 26.86 -14.40 -14.85
C ASP B 274 27.28 -15.33 -13.69
N LEU B 275 27.47 -14.78 -12.48
CA LEU B 275 27.93 -15.57 -11.34
C LEU B 275 26.82 -16.14 -10.45
N GLY B 276 25.63 -15.56 -10.50
CA GLY B 276 24.57 -15.95 -9.60
C GLY B 276 24.91 -15.59 -8.15
N VAL B 277 25.62 -14.48 -7.97
CA VAL B 277 25.99 -13.96 -6.65
C VAL B 277 25.01 -12.87 -6.22
N TYR B 278 24.49 -12.97 -5.01
CA TYR B 278 23.48 -12.05 -4.50
C TYR B 278 24.09 -10.73 -4.09
N ILE B 279 23.28 -9.68 -4.21
CA ILE B 279 23.68 -8.33 -3.89
C ILE B 279 22.87 -7.80 -2.72
N GLY B 280 23.56 -7.32 -1.70
CA GLY B 280 22.95 -6.70 -0.54
C GLY B 280 23.22 -5.20 -0.51
N GLU B 281 22.19 -4.41 -0.20
CA GLU B 281 22.33 -2.96 -0.26
C GLU B 281 21.69 -2.30 0.94
N ILE B 282 22.19 -1.12 1.26
CA ILE B 282 21.70 -0.26 2.36
C ILE B 282 21.78 -0.97 3.71
N TRP B 283 22.84 -1.74 3.90
CA TRP B 283 23.14 -2.28 5.23
C TRP B 283 23.77 -1.18 6.09
N TRP B 284 23.71 -1.36 7.42
CA TRP B 284 24.23 -0.40 8.38
C TRP B 284 25.37 -1.05 9.14
N LEU B 285 26.58 -0.54 8.94
CA LEU B 285 27.77 -1.24 9.40
C LEU B 285 28.60 -0.48 10.42
N GLU B 286 28.17 0.71 10.80
CA GLU B 286 28.98 1.58 11.65
C GLU B 286 29.31 0.94 13.01
N GLU B 287 28.33 0.36 13.67
CA GLU B 287 28.59 -0.19 15.02
C GLU B 287 29.33 -1.52 14.97
N LEU B 288 29.00 -2.36 13.99
CA LEU B 288 29.74 -3.59 13.79
C LEU B 288 31.22 -3.28 13.53
N ALA B 289 31.48 -2.30 12.69
CA ALA B 289 32.86 -1.99 12.34
C ALA B 289 33.64 -1.46 13.54
N LYS B 290 33.00 -0.64 14.38
CA LYS B 290 33.66 -0.18 15.60
C LYS B 290 34.01 -1.36 16.50
N ASP B 291 33.09 -2.31 16.61
CA ASP B 291 33.33 -3.47 17.48
C ASP B 291 34.48 -4.31 16.93
N CYS B 292 34.50 -4.54 15.61
CA CYS B 292 35.58 -5.33 15.00
C CYS B 292 36.94 -4.64 15.15
N ALA B 293 36.98 -3.31 15.10
CA ALA B 293 38.22 -2.59 15.30
C ALA B 293 38.74 -2.79 16.71
N GLN B 294 37.83 -2.92 17.67
CA GLN B 294 38.19 -3.08 19.07
C GLN B 294 38.59 -4.51 19.46
N ASP B 295 37.96 -5.54 18.88
CA ASP B 295 38.31 -6.91 19.26
C ASP B 295 39.12 -7.66 18.21
N GLY B 296 39.33 -7.04 17.04
CA GLY B 296 40.15 -7.62 16.01
C GLY B 296 39.55 -8.80 15.26
N ARG B 297 38.27 -9.08 15.49
CA ARG B 297 37.60 -10.18 14.82
C ARG B 297 36.64 -9.66 13.79
N TYR B 298 36.92 -9.93 12.51
CA TYR B 298 36.09 -9.45 11.42
C TYR B 298 35.25 -10.56 10.77
N GLU B 299 35.41 -11.79 11.28
CA GLU B 299 34.64 -12.94 10.81
CA GLU B 299 34.67 -12.96 10.81
C GLU B 299 33.63 -13.33 11.87
N PHE B 300 32.39 -13.59 11.45
CA PHE B 300 31.32 -13.81 12.42
C PHE B 300 30.24 -14.69 11.83
N PHE B 301 29.29 -15.08 12.68
CA PHE B 301 28.10 -15.77 12.22
C PHE B 301 27.10 -14.71 11.79
N LEU B 302 26.55 -14.88 10.58
CA LEU B 302 25.61 -13.94 10.01
C LEU B 302 24.26 -14.59 9.78
N ALA B 303 23.20 -14.02 10.37
CA ALA B 303 21.83 -14.43 10.09
C ALA B 303 21.19 -13.37 9.23
N ALA B 304 21.22 -13.59 7.91
CA ALA B 304 20.72 -12.62 6.95
C ALA B 304 19.71 -13.27 6.01
N GLN B 305 18.82 -14.06 6.59
CA GLN B 305 17.79 -14.71 5.79
C GLN B 305 16.80 -13.68 5.20
N PRO B 306 16.36 -13.93 3.97
CA PRO B 306 15.31 -13.08 3.42
C PRO B 306 13.95 -13.48 3.95
N LEU B 307 12.94 -12.62 3.77
CA LEU B 307 11.56 -13.04 4.00
C LEU B 307 11.16 -14.09 2.95
N TYR B 308 10.24 -14.95 3.32
CA TYR B 308 9.72 -15.97 2.42
C TYR B 308 8.60 -15.37 1.54
N ILE B 309 9.00 -14.82 0.38
CA ILE B 309 8.04 -14.14 -0.51
C ILE B 309 8.11 -14.74 -1.89
N PRO B 310 7.22 -15.69 -2.18
CA PRO B 310 7.32 -16.38 -3.46
C PRO B 310 7.14 -15.43 -4.63
N GLY B 311 8.02 -15.58 -5.60
CA GLY B 311 7.95 -14.76 -6.81
C GLY B 311 8.51 -13.36 -6.68
N ALA B 312 9.07 -13.03 -5.51
CA ALA B 312 9.66 -11.72 -5.33
C ALA B 312 11.10 -11.70 -5.84
N VAL B 313 11.56 -10.50 -6.20
CA VAL B 313 12.88 -10.35 -6.77
C VAL B 313 13.89 -9.75 -5.77
N GLY B 314 13.52 -9.79 -4.49
CA GLY B 314 14.39 -9.37 -3.40
C GLY B 314 13.59 -9.36 -2.13
N SER B 315 14.21 -8.91 -1.04
CA SER B 315 13.54 -8.88 0.25
C SER B 315 14.19 -7.90 1.18
N PRO B 316 13.38 -7.25 2.05
CA PRO B 316 13.95 -6.59 3.22
C PRO B 316 14.44 -7.63 4.20
N LEU B 317 15.32 -7.19 5.09
CA LEU B 317 15.76 -8.08 6.15
C LEU B 317 16.37 -7.29 7.28
N ASN B 318 16.65 -8.03 8.36
CA ASN B 318 17.39 -7.50 9.48
C ASN B 318 18.58 -8.43 9.71
N PRO B 319 19.68 -8.17 9.01
CA PRO B 319 20.83 -9.08 9.20
C PRO B 319 21.42 -8.94 10.60
N ILE B 320 21.66 -10.06 11.29
CA ILE B 320 22.30 -10.02 12.61
C ILE B 320 23.69 -10.64 12.53
N ALA B 321 24.71 -9.84 12.89
CA ALA B 321 26.06 -10.35 13.08
C ALA B 321 26.18 -10.86 14.51
N VAL B 322 26.66 -12.09 14.66
CA VAL B 322 26.82 -12.72 15.98
C VAL B 322 28.25 -13.14 16.18
N LYS B 323 28.85 -12.67 17.27
CA LYS B 323 30.25 -12.94 17.58
C LYS B 323 30.41 -13.72 18.88
N LYS C 16 -16.71 -10.16 -36.03
CA LYS C 16 -15.75 -9.15 -36.42
C LYS C 16 -16.36 -7.76 -36.39
N LEU C 17 -17.68 -7.68 -36.19
CA LEU C 17 -18.36 -6.39 -35.92
C LEU C 17 -17.44 -5.50 -35.10
N ASN C 18 -17.13 -4.29 -35.58
CA ASN C 18 -16.15 -3.47 -34.89
C ASN C 18 -16.17 -2.00 -35.32
N ASN C 19 -15.55 -1.16 -34.50
CA ASN C 19 -15.45 0.27 -34.72
C ASN C 19 -14.03 0.72 -35.00
N TRP C 20 -13.14 -0.21 -35.31
CA TRP C 20 -11.77 0.18 -35.63
C TRP C 20 -11.78 1.13 -36.82
N GLY C 21 -11.11 2.26 -36.65
CA GLY C 21 -10.97 3.24 -37.72
C GLY C 21 -12.10 4.24 -37.77
N LYS C 22 -13.22 3.94 -37.09
CA LYS C 22 -14.38 4.82 -37.13
C LYS C 22 -14.03 6.27 -36.79
N TRP C 23 -13.12 6.43 -35.83
CA TRP C 23 -12.70 7.74 -35.39
C TRP C 23 -11.23 7.97 -35.70
N GLY C 24 -10.72 7.26 -36.72
CA GLY C 24 -9.33 7.40 -37.13
C GLY C 24 -8.41 6.32 -36.59
N ASP C 25 -7.28 6.09 -37.27
CA ASP C 25 -6.35 5.05 -36.87
C ASP C 25 -5.54 5.45 -35.66
N ASP C 26 -5.52 6.74 -35.34
CA ASP C 26 -4.80 7.17 -34.14
C ASP C 26 -5.69 7.26 -32.90
N ASP C 27 -6.99 7.01 -33.06
CA ASP C 27 -7.90 7.19 -31.94
C ASP C 27 -7.61 6.24 -30.79
N GLN C 28 -7.67 6.79 -29.58
CA GLN C 28 -7.55 6.01 -28.35
C GLN C 28 -8.77 6.12 -27.44
N ARG C 29 -9.83 6.80 -27.89
CA ARG C 29 -11.00 7.01 -27.05
C ARG C 29 -12.19 6.12 -27.36
N GLY C 30 -12.27 5.57 -28.56
CA GLY C 30 -13.36 4.66 -28.89
C GLY C 30 -14.74 5.32 -28.76
N ALA C 31 -15.69 4.59 -28.15
CA ALA C 31 -17.09 5.02 -28.11
C ALA C 31 -17.31 6.25 -27.23
N ALA C 32 -16.30 6.67 -26.47
CA ALA C 32 -16.38 7.94 -25.78
C ALA C 32 -16.56 9.07 -26.79
N ASN C 33 -16.13 8.84 -28.03
CA ASN C 33 -16.28 9.86 -29.06
C ASN C 33 -17.74 10.13 -29.43
N TYR C 34 -18.66 9.25 -29.03
CA TYR C 34 -20.09 9.50 -29.23
C TYR C 34 -20.59 10.63 -28.31
N ILE C 35 -19.88 10.91 -27.22
CA ILE C 35 -20.30 12.00 -26.35
C ILE C 35 -19.71 13.31 -26.87
N THR C 36 -20.58 14.10 -27.49
CA THR C 36 -20.21 15.37 -28.11
C THR C 36 -20.70 16.55 -27.30
N PRO C 37 -20.14 17.75 -27.52
CA PRO C 37 -20.66 18.89 -26.75
C PRO C 37 -22.17 19.09 -26.89
N GLU C 38 -22.73 18.93 -28.08
CA GLU C 38 -24.18 19.07 -28.26
C GLU C 38 -24.97 18.07 -27.38
N ARG C 39 -24.45 16.85 -27.25
CA ARG C 39 -25.15 15.83 -26.49
C ARG C 39 -25.06 16.11 -25.00
N ILE C 40 -23.98 16.75 -24.57
CA ILE C 40 -23.86 17.18 -23.16
C ILE C 40 -24.86 18.31 -22.87
N VAL C 41 -25.00 19.25 -23.79
CA VAL C 41 -25.99 20.32 -23.64
C VAL C 41 -27.41 19.71 -23.52
N ALA C 42 -27.72 18.74 -24.39
CA ALA C 42 -29.02 18.06 -24.30
C ALA C 42 -29.22 17.37 -22.95
N ALA C 43 -28.19 16.67 -22.47
CA ALA C 43 -28.29 15.99 -21.19
C ALA C 43 -28.55 16.97 -20.06
N ALA C 44 -27.93 18.15 -20.11
CA ALA C 44 -28.05 19.13 -19.04
C ALA C 44 -29.47 19.64 -18.90
N ARG C 45 -30.22 19.61 -20.00
CA ARG C 45 -31.60 20.09 -19.96
C ARG C 45 -32.47 19.18 -19.10
N LEU C 46 -31.97 17.99 -18.79
CA LEU C 46 -32.69 17.05 -17.92
C LEU C 46 -32.61 17.43 -16.44
N ILE C 47 -31.77 18.39 -16.12
CA ILE C 47 -31.62 18.84 -14.74
C ILE C 47 -32.70 19.88 -14.50
N GLN C 48 -33.82 19.42 -13.95
CA GLN C 48 -34.97 20.30 -13.75
C GLN C 48 -35.40 20.38 -12.29
N THR C 49 -35.04 19.39 -11.48
CA THR C 49 -35.41 19.37 -10.06
C THR C 49 -34.20 19.57 -9.15
N GLY C 50 -33.04 19.19 -9.62
CA GLY C 50 -31.84 19.23 -8.78
C GLY C 50 -31.66 18.05 -7.86
N LYS C 51 -32.49 17.02 -7.98
CA LYS C 51 -32.30 15.78 -7.24
C LYS C 51 -30.98 15.16 -7.68
N THR C 52 -30.20 14.64 -6.73
CA THR C 52 -28.91 13.97 -7.00
C THR C 52 -28.87 12.62 -6.31
N PHE C 53 -28.19 11.67 -6.97
CA PHE C 53 -28.02 10.32 -6.45
C PHE C 53 -26.60 9.87 -6.73
N SER C 54 -25.89 9.47 -5.68
CA SER C 54 -24.59 8.81 -5.84
C SER C 54 -24.82 7.34 -6.20
N LEU C 55 -24.17 6.89 -7.27
CA LEU C 55 -24.32 5.52 -7.72
C LEU C 55 -23.10 4.70 -7.33
N ALA C 56 -22.40 5.14 -6.29
CA ALA C 56 -21.24 4.41 -5.79
C ALA C 56 -21.53 3.59 -4.54
N ILE C 57 -20.84 2.45 -4.41
CA ILE C 57 -20.76 1.79 -3.13
C ILE C 57 -19.67 2.45 -2.29
N PRO C 58 -19.74 2.25 -0.97
CA PRO C 58 -18.65 2.84 -0.17
C PRO C 58 -17.30 2.19 -0.43
N ILE C 59 -16.26 3.02 -0.49
CA ILE C 59 -14.90 2.53 -0.55
C ILE C 59 -14.42 2.22 0.84
N ASP C 60 -14.36 0.93 1.15
CA ASP C 60 -13.92 0.43 2.45
C ASP C 60 -13.59 -1.03 2.22
N SER C 61 -13.26 -1.75 3.29
CA SER C 61 -12.81 -3.13 3.14
C SER C 61 -13.94 -4.16 3.19
N ASN C 62 -15.18 -3.66 3.20
CA ASN C 62 -16.39 -4.42 3.47
CA ASN C 62 -16.33 -4.54 3.43
C ASN C 62 -17.20 -4.71 2.20
N GLY C 63 -16.74 -4.21 1.05
CA GLY C 63 -17.52 -4.33 -0.17
C GLY C 63 -17.17 -5.53 -1.01
N PRO C 64 -17.96 -5.76 -2.06
CA PRO C 64 -17.68 -6.88 -2.97
C PRO C 64 -16.48 -6.56 -3.85
N VAL C 65 -15.62 -7.54 -4.01
CA VAL C 65 -14.48 -7.41 -4.91
C VAL C 65 -14.15 -8.82 -5.39
N PHE C 66 -13.91 -8.98 -6.69
CA PHE C 66 -13.74 -10.30 -7.25
C PHE C 66 -12.40 -10.88 -6.78
N PRO C 67 -12.43 -12.02 -6.08
CA PRO C 67 -11.16 -12.62 -5.66
C PRO C 67 -10.29 -12.97 -6.86
N PRO C 68 -8.95 -12.91 -6.72
CA PRO C 68 -8.20 -12.60 -5.50
C PRO C 68 -7.92 -11.11 -5.29
N ARG C 69 -8.67 -10.22 -5.94
CA ARG C 69 -8.47 -8.79 -5.71
C ARG C 69 -8.62 -8.44 -4.24
N LEU C 70 -7.77 -7.55 -3.76
CA LEU C 70 -7.81 -7.09 -2.35
C LEU C 70 -8.94 -6.09 -2.18
N PRO C 71 -9.66 -6.13 -1.05
CA PRO C 71 -10.58 -5.01 -0.79
C PRO C 71 -9.83 -3.70 -0.60
N PRO C 72 -10.43 -2.58 -0.99
CA PRO C 72 -9.81 -1.29 -0.67
C PRO C 72 -9.50 -1.18 0.81
N HIS C 73 -8.41 -0.51 1.16
CA HIS C 73 -8.03 -0.43 2.56
C HIS C 73 -7.57 0.98 2.94
N HIS C 74 -8.32 1.56 3.86
CA HIS C 74 -8.12 2.93 4.35
C HIS C 74 -7.34 2.90 5.66
N THR C 75 -6.31 3.74 5.77
CA THR C 75 -5.61 3.92 7.05
C THR C 75 -5.37 5.40 7.28
N MSE C 76 -5.32 5.79 8.55
CA MSE C 76 -4.96 7.16 8.91
C MSE C 76 -3.46 7.27 9.17
O MSE C 76 -2.84 6.37 9.71
CB MSE C 76 -5.70 7.62 10.17
CG MSE C 76 -7.20 7.38 10.20
SE MSE C 76 -8.28 8.47 9.06
CE MSE C 76 -7.87 10.16 9.82
H MSE C 76 -5.49 5.29 9.22
HA MSE C 76 -5.20 7.76 8.18
HB2 MSE C 76 -5.32 7.15 10.93
HB3 MSE C 76 -5.56 8.57 10.27
HG2 MSE C 76 -7.38 6.46 9.98
HG3 MSE C 76 -7.51 7.54 11.11
HE1 MSE C 76 -8.36 10.85 9.34
HE2 MSE C 76 -8.15 10.15 10.76
HE3 MSE C 76 -6.92 10.32 9.76
N GLU C 77 -2.89 8.42 8.80
CA GLU C 77 -1.53 8.80 9.15
C GLU C 77 -1.46 9.57 10.48
N ILE C 78 -2.50 10.37 10.74
CA ILE C 78 -2.64 11.06 12.00
C ILE C 78 -4.14 11.37 12.16
N THR C 79 -4.60 11.39 13.41
CA THR C 79 -6.01 11.38 13.75
C THR C 79 -6.30 12.35 14.86
N GLY C 80 -7.58 12.63 15.09
CA GLY C 80 -7.98 13.43 16.24
C GLY C 80 -7.57 12.77 17.56
N ALA C 81 -7.71 11.45 17.60
CA ALA C 81 -7.37 10.68 18.80
C ALA C 81 -5.92 10.95 19.22
N ASP C 82 -5.02 11.17 18.28
CA ASP C 82 -3.62 11.44 18.61
C ASP C 82 -3.46 12.67 19.48
N TYR C 83 -4.32 13.66 19.24
CA TYR C 83 -4.24 14.93 19.98
C TYR C 83 -4.91 14.83 21.33
N VAL C 84 -5.86 13.91 21.49
CA VAL C 84 -6.38 13.57 22.81
C VAL C 84 -5.24 12.92 23.62
N ALA C 85 -4.51 12.00 22.98
CA ALA C 85 -3.44 11.28 23.65
C ALA C 85 -2.25 12.18 23.95
N ASP C 86 -1.93 13.06 23.01
CA ASP C 86 -0.76 13.92 23.09
C ASP C 86 -1.09 15.28 22.51
N PRO C 87 -1.54 16.20 23.37
CA PRO C 87 -1.94 17.50 22.84
C PRO C 87 -0.83 18.18 22.02
N GLY C 88 0.42 17.84 22.27
CA GLY C 88 1.54 18.44 21.57
C GLY C 88 1.91 17.78 20.26
N ALA C 89 1.06 16.91 19.73
CA ALA C 89 1.36 16.26 18.45
C ALA C 89 1.65 17.32 17.38
N SER C 90 2.70 17.09 16.60
CA SER C 90 3.17 18.07 15.62
C SER C 90 3.60 17.40 14.32
N PRO C 91 2.66 16.72 13.64
CA PRO C 91 3.01 15.96 12.44
C PRO C 91 3.77 16.81 11.42
N PHE C 92 3.37 18.07 11.30
CA PHE C 92 3.97 18.98 10.34
C PHE C 92 4.59 20.18 11.03
N GLY C 93 5.07 19.96 12.26
CA GLY C 93 5.69 21.03 13.04
C GLY C 93 4.72 21.65 14.03
N LYS C 94 5.26 22.48 14.92
CA LYS C 94 4.45 23.16 15.92
C LYS C 94 3.42 24.10 15.28
N SER C 95 2.15 23.90 15.64
CA SER C 95 1.06 24.72 15.11
C SER C 95 -0.17 24.63 16.01
N PRO C 96 -0.93 25.72 16.11
CA PRO C 96 -2.22 25.57 16.79
C PRO C 96 -3.18 24.74 15.95
N ILE C 97 -2.95 24.65 14.65
CA ILE C 97 -3.82 23.85 13.80
C ILE C 97 -3.49 22.37 14.00
N ARG C 98 -4.56 21.60 14.13
CA ARG C 98 -4.50 20.17 14.30
C ARG C 98 -5.03 19.58 13.01
N PHE C 99 -4.42 18.49 12.56
CA PHE C 99 -4.80 17.88 11.31
C PHE C 99 -4.98 16.38 11.39
N ALA C 100 -5.85 15.86 10.54
CA ALA C 100 -5.95 14.42 10.29
C ALA C 100 -5.64 14.17 8.81
N ASP C 101 -4.82 13.16 8.54
CA ASP C 101 -4.39 12.80 7.19
C ASP C 101 -4.64 11.30 7.00
N ASP C 102 -4.92 10.88 5.77
CA ASP C 102 -5.14 9.45 5.52
C ASP C 102 -4.69 8.97 4.14
N TYR C 103 -4.77 7.65 3.97
CA TYR C 103 -4.21 6.92 2.84
C TYR C 103 -5.17 5.86 2.38
N ILE C 104 -5.05 5.44 1.12
CA ILE C 104 -5.81 4.31 0.63
C ILE C 104 -4.88 3.41 -0.19
N TYR C 105 -5.06 2.10 -0.03
CA TYR C 105 -4.51 1.10 -0.96
C TYR C 105 -5.70 0.41 -1.58
N MSE C 106 -5.81 0.41 -2.91
CA MSE C 106 -6.93 -0.31 -3.50
C MSE C 106 -6.66 -0.78 -4.90
O MSE C 106 -5.90 -0.16 -5.63
CB MSE C 106 -8.19 0.57 -3.52
CG MSE C 106 -8.07 1.79 -4.41
SE MSE C 106 -9.66 2.92 -4.29
CE MSE C 106 -10.97 1.72 -5.09
H MSE C 106 -5.28 0.80 -3.45
HA MSE C 106 -7.13 -1.08 -2.95
HB2 MSE C 106 -8.93 0.05 -3.85
HB3 MSE C 106 -8.38 0.88 -2.63
HG2 MSE C 106 -7.30 2.32 -4.11
HG3 MSE C 106 -7.96 1.51 -5.33
HE1 MSE C 106 -11.83 2.17 -5.10
HE2 MSE C 106 -10.69 1.52 -5.99
HE3 MSE C 106 -11.02 0.91 -4.56
N PRO C 107 -7.31 -1.88 -5.30
CA PRO C 107 -7.34 -2.15 -6.74
C PRO C 107 -8.15 -1.09 -7.43
N LEU C 108 -7.73 -0.67 -8.63
CA LEU C 108 -8.52 0.29 -9.38
C LEU C 108 -9.78 -0.38 -9.92
N GLN C 109 -9.80 -1.72 -9.89
CA GLN C 109 -10.99 -2.53 -10.19
C GLN C 109 -11.65 -3.03 -8.91
N GLY C 110 -11.43 -2.34 -7.81
CA GLY C 110 -11.82 -2.83 -6.51
C GLY C 110 -13.09 -2.25 -5.90
N SER C 111 -13.76 -1.36 -6.63
CA SER C 111 -14.99 -0.72 -6.14
C SER C 111 -15.83 -0.32 -7.34
N THR C 112 -16.78 0.59 -7.16
CA THR C 112 -17.48 1.19 -8.29
C THR C 112 -16.43 1.66 -9.28
N GLN C 113 -16.58 1.31 -10.55
CA GLN C 113 -15.47 1.49 -11.48
C GLN C 113 -15.90 1.69 -12.91
N TRP C 114 -15.01 2.34 -13.67
CA TRP C 114 -14.96 2.20 -15.12
C TRP C 114 -13.75 1.34 -15.47
N ASP C 115 -13.91 0.46 -16.44
CA ASP C 115 -12.79 -0.27 -17.03
C ASP C 115 -12.43 0.40 -18.34
N ALA C 116 -11.14 0.74 -18.48
CA ALA C 116 -10.62 1.34 -19.71
C ALA C 116 -10.55 0.31 -20.85
N LEU C 117 -10.31 0.80 -22.07
CA LEU C 117 -10.18 -0.12 -23.21
C LEU C 117 -8.91 -0.97 -23.11
N SER C 118 -7.98 -0.53 -22.27
CA SER C 118 -6.76 -1.27 -21.99
C SER C 118 -6.97 -2.40 -20.95
N HIS C 119 -8.19 -2.56 -20.42
CA HIS C 119 -8.47 -3.57 -19.40
C HIS C 119 -8.68 -4.98 -19.97
N GLY C 120 -9.17 -5.07 -21.20
CA GLY C 120 -9.48 -6.38 -21.76
C GLY C 120 -9.51 -6.42 -23.27
N TRP C 121 -9.17 -7.59 -23.79
CA TRP C 121 -9.08 -7.83 -25.24
C TRP C 121 -9.00 -9.32 -25.47
N TYR C 122 -8.80 -9.71 -26.73
CA TYR C 122 -8.45 -11.08 -27.03
C TYR C 122 -7.41 -11.08 -28.14
N GLY C 123 -6.72 -12.19 -28.28
CA GLY C 123 -5.58 -12.25 -29.18
C GLY C 123 -4.51 -11.26 -28.76
N GLU C 124 -3.74 -10.78 -29.74
CA GLU C 124 -2.56 -9.98 -29.45
C GLU C 124 -2.80 -8.48 -29.62
N SER C 125 -4.03 -8.10 -29.98
CA SER C 125 -4.37 -6.70 -30.23
C SER C 125 -5.56 -6.21 -29.41
N LEU C 126 -5.45 -4.94 -29.03
CA LEU C 126 -6.54 -4.26 -28.35
C LEU C 126 -7.31 -3.38 -29.32
N TYR C 127 -8.28 -2.60 -28.80
CA TYR C 127 -9.03 -1.66 -29.63
C TYR C 127 -8.13 -0.88 -30.60
N ASN C 128 -8.59 -0.82 -31.86
CA ASN C 128 -7.98 -0.05 -32.94
C ASN C 128 -6.60 -0.55 -33.31
N GLY C 129 -6.33 -1.81 -33.00
CA GLY C 129 -5.09 -2.44 -33.44
C GLY C 129 -3.88 -2.14 -32.56
N VAL C 130 -4.13 -1.62 -31.36
CA VAL C 130 -3.05 -1.36 -30.42
C VAL C 130 -2.44 -2.69 -29.99
N PRO C 131 -1.10 -2.83 -30.08
CA PRO C 131 -0.53 -4.12 -29.66
C PRO C 131 -0.58 -4.30 -28.14
N GLU C 132 -0.79 -5.54 -27.68
CA GLU C 132 -0.84 -5.76 -26.24
C GLU C 132 0.53 -5.43 -25.61
N ALA C 133 1.61 -5.46 -26.38
CA ALA C 133 2.93 -5.03 -25.89
C ALA C 133 2.93 -3.59 -25.42
N ALA C 134 1.92 -2.80 -25.82
CA ALA C 134 1.85 -1.41 -25.37
C ALA C 134 1.38 -1.28 -23.92
N ILE C 135 0.83 -2.35 -23.36
CA ILE C 135 0.27 -2.32 -22.02
C ILE C 135 1.27 -2.99 -21.10
N ARG C 136 1.96 -2.19 -20.30
CA ARG C 136 3.19 -2.61 -19.62
C ARG C 136 3.09 -2.39 -18.12
N SER C 137 4.11 -2.77 -17.36
CA SER C 137 4.13 -2.48 -15.94
C SER C 137 4.15 -0.97 -15.73
N SER C 138 3.81 -0.55 -14.53
CA SER C 138 3.73 0.88 -14.26
C SER C 138 5.07 1.58 -14.44
N GLY C 139 6.17 0.91 -14.09
CA GLY C 139 7.48 1.48 -14.25
C GLY C 139 7.95 1.60 -15.69
N ALA C 140 7.22 0.96 -16.60
CA ALA C 140 7.49 0.98 -18.05
C ALA C 140 6.35 1.66 -18.79
N GLY C 141 5.61 2.49 -18.07
CA GLY C 141 4.56 3.35 -18.62
C GLY C 141 3.10 2.92 -18.44
N GLY C 142 2.86 1.76 -17.85
CA GLY C 142 1.51 1.25 -17.69
C GLY C 142 0.89 1.06 -19.05
N ALA C 143 -0.39 1.40 -19.17
CA ALA C 143 -1.05 1.39 -20.46
C ALA C 143 -0.56 2.59 -21.26
N THR C 144 0.44 2.39 -22.13
CA THR C 144 1.05 3.51 -22.84
C THR C 144 0.15 4.03 -23.95
N LYS C 145 -0.78 3.19 -24.37
CA LYS C 145 -1.92 3.55 -25.18
C LYS C 145 -3.17 3.04 -24.51
N LEU C 146 -4.29 3.70 -24.75
CA LEU C 146 -5.61 3.30 -24.23
C LEU C 146 -5.71 3.37 -22.70
N GLY C 147 -4.82 4.11 -22.08
CA GLY C 147 -4.95 4.39 -20.66
C GLY C 147 -6.17 5.25 -20.39
N ILE C 148 -6.67 5.18 -19.16
CA ILE C 148 -7.92 5.87 -18.81
C ILE C 148 -7.81 7.40 -18.92
N GLU C 149 -6.59 7.93 -18.94
CA GLU C 149 -6.40 9.38 -19.09
C GLU C 149 -6.93 9.90 -20.41
N ASN C 150 -7.08 9.01 -21.38
CA ASN C 150 -7.62 9.40 -22.68
C ASN C 150 -9.09 9.82 -22.60
N VAL C 151 -9.74 9.49 -21.49
CA VAL C 151 -11.15 9.83 -21.30
C VAL C 151 -11.35 10.55 -19.96
N LYS C 152 -10.38 11.38 -19.59
CA LYS C 152 -10.47 12.14 -18.34
C LYS C 152 -11.60 13.17 -18.35
N THR C 153 -12.14 13.54 -19.51
CA THR C 153 -13.33 14.38 -19.51
C THR C 153 -14.60 13.66 -19.98
N SER C 154 -14.55 12.36 -20.15
CA SER C 154 -15.71 11.64 -20.69
C SER C 154 -16.65 11.15 -19.59
N PHE C 155 -17.74 10.51 -20.03
CA PHE C 155 -18.75 9.90 -19.18
C PHE C 155 -19.44 10.95 -18.31
N LEU C 156 -19.48 12.17 -18.87
CA LEU C 156 -20.34 13.22 -18.34
C LEU C 156 -21.28 13.58 -19.49
N GLY C 157 -22.56 13.26 -19.33
CA GLY C 157 -23.52 13.40 -20.39
C GLY C 157 -24.82 12.75 -19.97
N ARG C 158 -25.51 12.12 -20.92
CA ARG C 158 -26.80 11.55 -20.63
C ARG C 158 -26.66 10.11 -20.17
N GLY C 159 -27.37 9.76 -19.11
CA GLY C 159 -27.46 8.39 -18.64
C GLY C 159 -28.89 7.91 -18.72
N VAL C 160 -29.07 6.60 -18.87
CA VAL C 160 -30.38 6.00 -18.85
C VAL C 160 -30.32 4.72 -18.03
N LEU C 161 -31.23 4.60 -17.08
CA LEU C 161 -31.35 3.41 -16.26
C LEU C 161 -32.29 2.44 -16.94
N VAL C 162 -31.89 1.18 -17.03
CA VAL C 162 -32.81 0.10 -17.38
C VAL C 162 -32.90 -0.86 -16.16
N ASP C 163 -34.10 -0.96 -15.59
CA ASP C 163 -34.31 -1.70 -14.35
C ASP C 163 -34.80 -3.09 -14.66
N ILE C 164 -33.87 -4.03 -14.75
CA ILE C 164 -34.22 -5.39 -15.16
C ILE C 164 -35.00 -6.14 -14.07
N VAL C 165 -34.68 -5.87 -12.80
CA VAL C 165 -35.43 -6.41 -11.69
C VAL C 165 -36.91 -6.01 -11.80
N ARG C 166 -37.17 -4.74 -12.05
CA ARG C 166 -38.55 -4.28 -12.17
C ARG C 166 -39.25 -4.90 -13.37
N PHE C 167 -38.53 -5.00 -14.49
CA PHE C 167 -39.08 -5.61 -15.69
C PHE C 167 -39.45 -7.09 -15.47
N LYS C 168 -38.63 -7.80 -14.69
CA LYS C 168 -38.88 -9.22 -14.48
C LYS C 168 -39.88 -9.49 -13.35
N GLY C 169 -40.05 -8.52 -12.46
CA GLY C 169 -40.99 -8.67 -11.37
C GLY C 169 -40.50 -9.54 -10.23
N GLY C 170 -39.19 -9.74 -10.16
CA GLY C 170 -38.61 -10.54 -9.12
C GLY C 170 -37.11 -10.49 -9.20
N SER C 171 -36.45 -10.84 -8.11
CA SER C 171 -35.00 -10.94 -8.08
C SER C 171 -34.56 -11.92 -9.16
N LEU C 172 -33.45 -11.62 -9.83
CA LEU C 172 -33.05 -12.42 -10.96
C LEU C 172 -32.48 -13.75 -10.48
N PRO C 173 -32.80 -14.84 -11.18
CA PRO C 173 -32.23 -16.13 -10.82
C PRO C 173 -30.69 -16.11 -10.81
N GLU C 174 -30.07 -16.96 -9.99
CA GLU C 174 -28.61 -17.08 -9.98
C GLU C 174 -28.10 -17.35 -11.38
N GLY C 175 -27.21 -16.48 -11.85
CA GLY C 175 -26.59 -16.66 -13.15
C GLY C 175 -27.51 -16.39 -14.34
N TYR C 176 -28.63 -15.71 -14.10
CA TYR C 176 -29.56 -15.39 -15.21
C TYR C 176 -28.87 -14.55 -16.31
N THR C 177 -29.01 -14.97 -17.57
CA THR C 177 -28.46 -14.21 -18.68
C THR C 177 -29.47 -13.17 -19.15
N ILE C 178 -29.10 -11.89 -18.97
CA ILE C 178 -29.90 -10.75 -19.40
C ILE C 178 -29.68 -10.54 -20.88
N THR C 179 -30.75 -10.72 -21.64
CA THR C 179 -30.70 -10.73 -23.08
C THR C 179 -31.00 -9.38 -23.72
N ARG C 180 -30.73 -9.29 -25.01
CA ARG C 180 -31.13 -8.14 -25.77
C ARG C 180 -32.63 -7.91 -25.61
N ALA C 181 -33.42 -8.99 -25.66
CA ALA C 181 -34.86 -8.85 -25.53
C ALA C 181 -35.24 -8.27 -24.16
N ASP C 182 -34.50 -8.64 -23.12
CA ASP C 182 -34.75 -8.09 -21.79
C ASP C 182 -34.44 -6.59 -21.74
N LEU C 183 -33.32 -6.18 -22.32
CA LEU C 183 -32.95 -4.78 -22.31
C LEU C 183 -33.94 -3.97 -23.12
N GLU C 184 -34.26 -4.42 -24.34
CA GLU C 184 -35.19 -3.65 -25.16
C GLU C 184 -36.58 -3.66 -24.52
N GLY C 185 -36.98 -4.80 -23.95
CA GLY C 185 -38.31 -4.90 -23.36
C GLY C 185 -38.45 -4.01 -22.14
N ALA C 186 -37.42 -3.98 -21.30
CA ALA C 186 -37.47 -3.17 -20.12
C ALA C 186 -37.48 -1.67 -20.47
N LEU C 187 -36.66 -1.27 -21.46
CA LEU C 187 -36.66 0.13 -21.86
C LEU C 187 -38.05 0.54 -22.38
N ALA C 188 -38.67 -0.34 -23.17
CA ALA C 188 -39.98 -0.04 -23.73
C ALA C 188 -41.06 0.08 -22.64
N LYS C 189 -40.99 -0.77 -21.64
CA LYS C 189 -41.98 -0.72 -20.58
C LYS C 189 -41.85 0.57 -19.78
N GLN C 190 -40.62 1.04 -19.64
CA GLN C 190 -40.31 2.31 -18.99
C GLN C 190 -40.63 3.54 -19.84
N LYS C 191 -40.92 3.31 -21.12
CA LYS C 191 -41.05 4.37 -22.13
C LYS C 191 -39.79 5.20 -22.21
N SER C 192 -38.65 4.51 -22.17
CA SER C 192 -37.34 5.14 -22.26
C SER C 192 -36.77 4.96 -23.66
N LYS C 193 -36.31 6.06 -24.23
CA LYS C 193 -35.70 6.02 -25.56
C LYS C 193 -34.20 6.36 -25.47
N LEU C 194 -33.36 5.44 -25.91
CA LEU C 194 -31.92 5.65 -25.92
C LEU C 194 -31.53 6.55 -27.07
N LEU C 195 -30.43 7.27 -26.86
CA LEU C 195 -29.87 8.18 -27.85
C LEU C 195 -28.37 7.92 -27.98
N PRO C 196 -27.81 8.19 -29.17
CA PRO C 196 -26.35 8.06 -29.31
C PRO C 196 -25.62 8.87 -28.25
N GLY C 197 -24.55 8.28 -27.72
CA GLY C 197 -23.74 8.90 -26.70
C GLY C 197 -24.16 8.54 -25.27
N ASP C 198 -25.32 7.91 -25.12
CA ASP C 198 -25.82 7.57 -23.78
C ASP C 198 -24.90 6.60 -23.08
N ILE C 199 -24.88 6.73 -21.76
CA ILE C 199 -24.39 5.69 -20.87
C ILE C 199 -25.59 4.91 -20.35
N LEU C 200 -25.60 3.61 -20.63
CA LEU C 200 -26.64 2.72 -20.13
C LEU C 200 -26.24 2.12 -18.80
N VAL C 201 -27.11 2.27 -17.81
CA VAL C 201 -26.87 1.73 -16.47
C VAL C 201 -27.95 0.69 -16.16
N ILE C 202 -27.51 -0.53 -15.83
CA ILE C 202 -28.39 -1.70 -15.77
C ILE C 202 -28.53 -2.16 -14.35
N ARG C 203 -29.75 -2.13 -13.82
CA ARG C 203 -29.98 -2.69 -12.50
C ARG C 203 -30.34 -4.17 -12.59
N THR C 204 -29.39 -5.00 -12.15
CA THR C 204 -29.57 -6.43 -11.99
C THR C 204 -29.96 -6.82 -10.57
N GLY C 205 -29.70 -5.93 -9.64
CA GLY C 205 -29.93 -6.18 -8.22
C GLY C 205 -28.85 -6.94 -7.49
N LEU C 206 -27.84 -7.42 -8.20
CA LEU C 206 -26.92 -8.38 -7.59
C LEU C 206 -26.19 -7.80 -6.38
N VAL C 207 -25.63 -6.61 -6.53
CA VAL C 207 -24.83 -6.01 -5.46
C VAL C 207 -25.69 -5.72 -4.23
N GLU C 208 -26.99 -5.55 -4.42
CA GLU C 208 -27.88 -5.16 -3.31
C GLU C 208 -27.95 -6.27 -2.26
N SER C 209 -27.63 -7.49 -2.66
CA SER C 209 -27.66 -8.62 -1.74
C SER C 209 -26.40 -8.70 -0.88
N TRP C 210 -25.34 -7.97 -1.26
CA TRP C 210 -24.04 -8.22 -0.65
C TRP C 210 -23.92 -7.85 0.82
N TYR C 211 -24.42 -6.68 1.23
CA TYR C 211 -24.02 -6.14 2.52
C TYR C 211 -24.68 -6.86 3.69
N ASP C 212 -25.77 -7.57 3.43
CA ASP C 212 -26.45 -8.34 4.47
C ASP C 212 -25.84 -9.72 4.65
N LEU C 213 -24.90 -10.10 3.77
CA LEU C 213 -24.29 -11.42 3.84
C LEU C 213 -23.26 -11.55 4.94
N ASP C 214 -23.20 -12.74 5.54
CA ASP C 214 -22.20 -13.04 6.54
C ASP C 214 -20.93 -13.52 5.80
N PRO C 215 -19.84 -13.82 6.54
CA PRO C 215 -18.61 -14.19 5.83
C PRO C 215 -18.73 -15.41 4.91
N VAL C 216 -19.50 -16.39 5.35
CA VAL C 216 -19.74 -17.56 4.50
C VAL C 216 -20.53 -17.17 3.26
N GLY C 217 -21.62 -16.45 3.46
CA GLY C 217 -22.38 -15.93 2.33
C GLY C 217 -21.54 -15.16 1.32
N ARG C 218 -20.58 -14.39 1.82
CA ARG C 218 -19.73 -13.60 0.94
C ARG C 218 -18.77 -14.47 0.12
N ALA C 219 -18.33 -15.58 0.71
CA ALA C 219 -17.52 -16.55 -0.06
C ALA C 219 -18.38 -17.22 -1.13
N SER C 220 -19.56 -17.70 -0.73
CA SER C 220 -20.47 -18.30 -1.70
C SER C 220 -20.85 -17.38 -2.84
N PHE C 221 -20.95 -16.07 -2.55
CA PHE C 221 -21.36 -15.06 -3.54
C PHE C 221 -20.51 -15.16 -4.82
N PHE C 222 -19.22 -15.41 -4.65
CA PHE C 222 -18.33 -15.46 -5.81
C PHE C 222 -18.10 -16.86 -6.34
N LEU C 223 -18.68 -17.88 -5.70
CA LEU C 223 -18.62 -19.23 -6.22
C LEU C 223 -19.82 -19.51 -7.13
N ASN C 224 -20.89 -18.76 -6.93
CA ASN C 224 -22.10 -18.91 -7.73
C ASN C 224 -21.93 -18.38 -9.13
N PRO C 225 -22.69 -18.93 -10.08
CA PRO C 225 -22.84 -18.17 -11.32
C PRO C 225 -23.50 -16.83 -11.01
N MSE C 226 -23.18 -15.79 -11.77
CA MSE C 226 -23.68 -14.46 -11.49
C MSE C 226 -24.37 -13.88 -12.70
O MSE C 226 -23.87 -13.94 -13.83
CB MSE C 226 -22.55 -13.52 -11.05
CG MSE C 226 -21.91 -13.93 -9.75
SE MSE C 226 -20.34 -12.82 -9.29
CE MSE C 226 -21.12 -11.52 -8.18
H MSE C 226 -22.66 -15.83 -12.46
HA MSE C 226 -24.32 -14.51 -10.76
HB2 MSE C 226 -21.86 -13.53 -11.74
HB3 MSE C 226 -22.91 -12.63 -10.95
HG2 MSE C 226 -22.56 -13.85 -9.02
HG3 MSE C 226 -21.61 -14.86 -9.80
HE1 MSE C 226 -20.44 -10.91 -7.88
HE2 MSE C 226 -21.81 -11.05 -8.67
HE3 MSE C 226 -21.52 -11.97 -7.41
N THR C 227 -25.53 -13.28 -12.44
CA THR C 227 -26.35 -12.67 -13.48
C THR C 227 -25.63 -11.54 -14.18
N GLY C 228 -25.88 -11.41 -15.48
CA GLY C 228 -25.33 -10.32 -16.26
C GLY C 228 -25.76 -10.43 -17.71
N ILE C 229 -25.29 -9.50 -18.52
CA ILE C 229 -25.71 -9.47 -19.92
C ILE C 229 -25.03 -10.56 -20.73
N GLY C 230 -25.74 -11.01 -21.77
CA GLY C 230 -25.24 -12.05 -22.64
C GLY C 230 -24.73 -11.54 -23.97
N SER C 231 -24.23 -12.47 -24.76
CA SER C 231 -23.56 -12.15 -26.03
CA SER C 231 -23.55 -12.08 -25.98
C SER C 231 -24.46 -11.41 -27.01
N ASP C 232 -25.76 -11.71 -27.00
CA ASP C 232 -26.61 -11.14 -28.05
C ASP C 232 -26.97 -9.66 -27.78
N THR C 233 -26.49 -9.10 -26.68
CA THR C 233 -26.63 -7.68 -26.42
C THR C 233 -25.61 -6.83 -27.17
N VAL C 234 -24.54 -7.44 -27.65
CA VAL C 234 -23.42 -6.69 -28.23
C VAL C 234 -23.79 -5.98 -29.55
N PRO C 235 -24.46 -6.67 -30.49
CA PRO C 235 -24.87 -5.92 -31.68
C PRO C 235 -25.80 -4.74 -31.38
N TRP C 236 -26.65 -4.90 -30.38
CA TRP C 236 -27.57 -3.86 -29.98
C TRP C 236 -26.83 -2.68 -29.37
N ILE C 237 -25.89 -2.96 -28.47
CA ILE C 237 -25.07 -1.91 -27.90
C ILE C 237 -24.37 -1.12 -29.01
N HIS C 238 -23.86 -1.81 -30.02
CA HIS C 238 -23.26 -1.15 -31.17
C HIS C 238 -24.24 -0.25 -31.93
N GLU C 239 -25.42 -0.80 -32.25
CA GLU C 239 -26.41 -0.08 -33.06
C GLU C 239 -26.91 1.17 -32.35
N GLN C 240 -27.02 1.09 -31.02
CA GLN C 240 -27.51 2.20 -30.20
C GLN C 240 -26.45 3.29 -29.93
N ARG C 241 -25.21 3.05 -30.34
CA ARG C 241 -24.14 4.03 -30.23
C ARG C 241 -23.97 4.50 -28.79
N LEU C 242 -24.04 3.56 -27.87
CA LEU C 242 -23.77 3.83 -26.46
C LEU C 242 -22.27 4.07 -26.25
N ALA C 243 -21.93 4.97 -25.33
CA ALA C 243 -20.53 5.21 -24.99
C ALA C 243 -19.99 4.23 -23.96
N GLY C 244 -20.87 3.75 -23.09
CA GLY C 244 -20.47 2.87 -21.99
C GLY C 244 -21.70 2.17 -21.46
N VAL C 245 -21.47 1.01 -20.84
CA VAL C 245 -22.49 0.20 -20.22
C VAL C 245 -22.01 -0.15 -18.83
N ALA C 246 -22.81 0.21 -17.83
CA ALA C 246 -22.50 -0.05 -16.44
C ALA C 246 -23.59 -0.86 -15.79
N ALA C 247 -23.23 -1.60 -14.77
CA ALA C 247 -24.19 -2.39 -14.02
C ALA C 247 -23.84 -2.49 -12.54
N ASP C 248 -24.84 -2.92 -11.79
CA ASP C 248 -24.71 -3.19 -10.37
C ASP C 248 -24.41 -4.67 -10.10
N ASN C 249 -23.65 -5.29 -10.98
CA ASN C 249 -23.08 -6.59 -10.69
C ASN C 249 -21.56 -6.42 -10.69
N ILE C 250 -20.80 -7.51 -10.66
CA ILE C 250 -19.36 -7.39 -10.53
C ILE C 250 -18.62 -7.50 -11.87
N ALA C 251 -19.20 -8.25 -12.83
CA ALA C 251 -18.52 -8.56 -14.09
C ALA C 251 -19.24 -8.06 -15.35
N LEU C 252 -20.38 -7.38 -15.17
CA LEU C 252 -21.25 -6.85 -16.24
C LEU C 252 -21.90 -8.02 -17.00
N GLU C 253 -21.09 -8.82 -17.67
CA GLU C 253 -21.65 -9.97 -18.37
C GLU C 253 -21.91 -11.14 -17.43
N ARG C 254 -22.76 -12.05 -17.88
CA ARG C 254 -23.07 -13.23 -17.11
C ARG C 254 -21.82 -14.08 -16.97
N VAL C 255 -21.61 -14.59 -15.76
CA VAL C 255 -20.42 -15.38 -15.46
C VAL C 255 -20.84 -16.76 -14.93
N PRO C 256 -20.20 -17.84 -15.44
CA PRO C 256 -20.61 -19.19 -15.04
C PRO C 256 -20.09 -19.58 -13.67
N HIS C 257 -20.56 -20.71 -13.14
CA HIS C 257 -20.19 -21.17 -11.80
C HIS C 257 -18.68 -21.16 -11.60
N LEU C 265 -15.62 -15.02 -21.54
CA LEU C 265 -16.06 -13.64 -21.38
C LEU C 265 -16.11 -12.91 -22.72
N PRO C 266 -16.90 -13.42 -23.65
CA PRO C 266 -17.00 -12.84 -24.98
C PRO C 266 -17.44 -11.39 -24.95
N VAL C 267 -18.28 -11.03 -23.99
CA VAL C 267 -18.82 -9.67 -24.00
C VAL C 267 -17.71 -8.65 -23.68
N HIS C 268 -16.84 -8.98 -22.71
CA HIS C 268 -15.71 -8.11 -22.41
C HIS C 268 -14.86 -7.85 -23.65
N GLY C 269 -14.52 -8.95 -24.32
CA GLY C 269 -13.69 -8.87 -25.52
C GLY C 269 -14.33 -8.04 -26.62
N ASN C 270 -15.60 -8.29 -26.91
CA ASN C 270 -16.25 -7.60 -28.00
C ASN C 270 -16.49 -6.14 -27.65
N LEU C 271 -16.89 -5.83 -26.41
CA LEU C 271 -17.13 -4.42 -26.08
C LEU C 271 -15.82 -3.65 -26.08
N LEU C 272 -14.84 -4.14 -25.33
CA LEU C 272 -13.62 -3.35 -25.14
C LEU C 272 -12.75 -3.33 -26.40
N ARG C 273 -12.49 -4.50 -27.00
CA ARG C 273 -11.60 -4.53 -28.15
C ARG C 273 -12.29 -4.12 -29.43
N ASP C 274 -13.45 -4.70 -29.69
CA ASP C 274 -14.01 -4.53 -31.03
C ASP C 274 -14.76 -3.20 -31.15
N LEU C 275 -15.58 -2.87 -30.17
CA LEU C 275 -16.40 -1.65 -30.23
C LEU C 275 -15.77 -0.44 -29.57
N GLY C 276 -14.85 -0.65 -28.63
CA GLY C 276 -14.31 0.47 -27.87
C GLY C 276 -15.32 1.07 -26.91
N VAL C 277 -16.22 0.23 -26.40
CA VAL C 277 -17.28 0.61 -25.47
C VAL C 277 -16.84 0.29 -24.05
N TYR C 278 -16.97 1.26 -23.15
CA TYR C 278 -16.49 1.14 -21.78
C TYR C 278 -17.42 0.31 -20.91
N ILE C 279 -16.84 -0.33 -19.91
CA ILE C 279 -17.57 -1.21 -19.00
C ILE C 279 -17.50 -0.66 -17.59
N GLY C 280 -18.68 -0.52 -16.98
CA GLY C 280 -18.78 -0.06 -15.60
C GLY C 280 -19.31 -1.18 -14.72
N GLU C 281 -18.70 -1.33 -13.54
CA GLU C 281 -19.07 -2.42 -12.62
C GLU C 281 -19.18 -1.93 -11.18
N ILE C 282 -19.99 -2.67 -10.42
CA ILE C 282 -20.25 -2.44 -9.00
C ILE C 282 -20.84 -1.05 -8.76
N TRP C 283 -21.71 -0.62 -9.67
CA TRP C 283 -22.48 0.60 -9.41
C TRP C 283 -23.64 0.27 -8.47
N TRP C 284 -24.19 1.29 -7.81
CA TRP C 284 -25.25 1.14 -6.82
C TRP C 284 -26.49 1.88 -7.31
N LEU C 285 -27.54 1.13 -7.62
CA LEU C 285 -28.67 1.69 -8.38
C LEU C 285 -30.01 1.62 -7.67
N GLU C 286 -30.01 1.15 -6.42
CA GLU C 286 -31.26 0.91 -5.72
C GLU C 286 -32.07 2.20 -5.50
N GLU C 287 -31.43 3.26 -5.02
CA GLU C 287 -32.17 4.49 -4.74
C GLU C 287 -32.56 5.20 -6.04
N LEU C 288 -31.69 5.15 -7.04
CA LEU C 288 -32.01 5.76 -8.32
C LEU C 288 -33.23 5.05 -8.92
N ALA C 289 -33.24 3.73 -8.82
CA ALA C 289 -34.34 2.95 -9.40
C ALA C 289 -35.70 3.31 -8.75
N LYS C 290 -35.71 3.49 -7.42
CA LYS C 290 -36.92 3.87 -6.72
C LYS C 290 -37.38 5.26 -7.19
N ASP C 291 -36.43 6.18 -7.35
CA ASP C 291 -36.80 7.52 -7.78
C ASP C 291 -37.37 7.54 -9.21
N CYS C 292 -36.73 6.81 -10.12
CA CYS C 292 -37.20 6.77 -11.52
C CYS C 292 -38.56 6.10 -11.65
N ALA C 293 -38.82 5.06 -10.87
CA ALA C 293 -40.15 4.44 -10.86
C ALA C 293 -41.20 5.44 -10.39
N GLN C 294 -40.85 6.28 -9.44
CA GLN C 294 -41.80 7.23 -8.88
C GLN C 294 -42.12 8.36 -9.86
N ASP C 295 -41.08 9.02 -10.40
CA ASP C 295 -41.36 10.18 -11.23
C ASP C 295 -41.44 9.82 -12.71
N GLY C 296 -41.19 8.55 -13.04
CA GLY C 296 -41.33 8.04 -14.40
C GLY C 296 -40.19 8.38 -15.36
N ARG C 297 -39.19 9.08 -14.87
CA ARG C 297 -38.07 9.54 -15.70
CA ARG C 297 -38.09 9.51 -15.73
C ARG C 297 -36.85 8.67 -15.48
N TYR C 298 -36.48 7.89 -16.48
CA TYR C 298 -35.30 7.03 -16.41
C TYR C 298 -34.09 7.60 -17.16
N GLU C 299 -34.23 8.80 -17.73
CA GLU C 299 -33.15 9.52 -18.36
C GLU C 299 -32.69 10.64 -17.43
N PHE C 300 -31.38 10.84 -17.32
CA PHE C 300 -30.85 11.82 -16.38
C PHE C 300 -29.52 12.35 -16.87
N PHE C 301 -29.05 13.45 -16.30
CA PHE C 301 -27.68 13.87 -16.47
C PHE C 301 -26.78 13.03 -15.59
N LEU C 302 -25.67 12.56 -16.14
CA LEU C 302 -24.77 11.68 -15.42
C LEU C 302 -23.37 12.27 -15.38
N ALA C 303 -22.83 12.49 -14.18
CA ALA C 303 -21.43 12.88 -14.03
C ALA C 303 -20.66 11.66 -13.54
N ALA C 304 -20.05 10.92 -14.46
CA ALA C 304 -19.36 9.68 -14.14
C ALA C 304 -17.93 9.72 -14.66
N GLN C 305 -17.26 10.86 -14.48
CA GLN C 305 -15.89 11.00 -14.93
C GLN C 305 -14.96 10.08 -14.12
N PRO C 306 -13.92 9.53 -14.78
CA PRO C 306 -12.93 8.75 -14.06
C PRO C 306 -11.94 9.67 -13.36
N LEU C 307 -11.12 9.14 -12.45
CA LEU C 307 -9.96 9.88 -12.00
C LEU C 307 -8.95 9.99 -13.13
N TYR C 308 -8.12 11.02 -13.06
CA TYR C 308 -7.11 11.25 -14.07
C TYR C 308 -5.87 10.44 -13.67
N ILE C 309 -5.79 9.20 -14.13
CA ILE C 309 -4.67 8.33 -13.76
C ILE C 309 -3.94 7.85 -15.01
N PRO C 310 -2.86 8.53 -15.40
CA PRO C 310 -2.21 8.14 -16.67
C PRO C 310 -1.64 6.72 -16.60
N GLY C 311 -1.92 5.98 -17.66
CA GLY C 311 -1.42 4.61 -17.77
C GLY C 311 -2.28 3.60 -17.03
N ALA C 312 -3.35 4.03 -16.36
CA ALA C 312 -4.20 3.09 -15.65
C ALA C 312 -5.21 2.43 -16.58
N VAL C 313 -5.63 1.22 -16.21
CA VAL C 313 -6.55 0.47 -17.05
C VAL C 313 -7.99 0.49 -16.53
N GLY C 314 -8.25 1.42 -15.63
CA GLY C 314 -9.58 1.69 -15.14
C GLY C 314 -9.48 2.71 -14.02
N SER C 315 -10.60 2.98 -13.37
CA SER C 315 -10.63 3.97 -12.30
C SER C 315 -11.82 3.75 -11.36
N PRO C 316 -11.63 4.03 -10.07
CA PRO C 316 -12.76 4.29 -9.20
C PRO C 316 -13.47 5.58 -9.56
N LEU C 317 -14.71 5.70 -9.13
CA LEU C 317 -15.42 6.94 -9.32
C LEU C 317 -16.60 7.01 -8.39
N ASN C 318 -17.22 8.18 -8.41
CA ASN C 318 -18.48 8.39 -7.73
C ASN C 318 -19.47 8.95 -8.73
N PRO C 319 -20.18 8.08 -9.47
CA PRO C 319 -21.10 8.58 -10.49
C PRO C 319 -22.28 9.30 -9.84
N ILE C 320 -22.61 10.50 -10.30
CA ILE C 320 -23.77 11.22 -9.80
C ILE C 320 -24.82 11.34 -10.89
N ALA C 321 -26.01 10.83 -10.61
CA ALA C 321 -27.17 11.04 -11.46
C ALA C 321 -27.86 12.30 -10.99
N VAL C 322 -28.20 13.17 -11.93
CA VAL C 322 -28.83 14.45 -11.62
C VAL C 322 -30.11 14.59 -12.43
N LYS C 323 -31.20 14.93 -11.75
CA LYS C 323 -32.48 15.10 -12.40
C LYS C 323 -33.07 16.47 -12.13
N LYS D 16 -2.32 -10.67 38.65
CA LYS D 16 -1.42 -9.73 39.27
C LYS D 16 0.04 -10.11 39.00
N LEU D 17 0.29 -11.41 38.84
CA LEU D 17 1.60 -11.92 38.42
C LEU D 17 2.20 -11.08 37.30
N ASN D 18 3.42 -10.60 37.48
CA ASN D 18 3.95 -9.61 36.56
C ASN D 18 5.44 -9.37 36.72
N ASN D 19 6.05 -8.77 35.69
CA ASN D 19 7.47 -8.49 35.68
C ASN D 19 7.78 -7.00 35.67
N TRP D 20 6.79 -6.16 35.99
CA TRP D 20 7.03 -4.73 36.02
C TRP D 20 8.13 -4.42 37.01
N GLY D 21 9.17 -3.73 36.54
CA GLY D 21 10.28 -3.36 37.41
C GLY D 21 11.39 -4.38 37.48
N LYS D 22 11.15 -5.63 37.05
CA LYS D 22 12.19 -6.66 37.11
C LYS D 22 13.49 -6.23 36.42
N TRP D 23 13.37 -5.56 35.29
CA TRP D 23 14.52 -5.09 34.54
C TRP D 23 14.63 -3.56 34.57
N GLY D 24 14.03 -2.94 35.59
CA GLY D 24 14.10 -1.51 35.78
C GLY D 24 12.90 -0.76 35.25
N ASP D 25 12.70 0.46 35.74
CA ASP D 25 11.56 1.29 35.36
C ASP D 25 11.66 1.82 33.94
N ASP D 26 12.87 1.92 33.40
CA ASP D 26 13.02 2.46 32.07
C ASP D 26 12.98 1.35 31.02
N ASP D 27 12.83 0.09 31.45
CA ASP D 27 12.92 -1.01 30.49
C ASP D 27 11.76 -1.03 29.51
N GLN D 28 12.10 -1.26 28.25
CA GLN D 28 11.11 -1.43 27.18
C GLN D 28 11.20 -2.78 26.48
N ARG D 29 12.03 -3.68 26.99
CA ARG D 29 12.29 -4.95 26.30
C ARG D 29 11.62 -6.17 26.94
N GLY D 30 11.30 -6.11 28.22
CA GLY D 30 10.58 -7.20 28.87
C GLY D 30 11.37 -8.49 28.84
N ALA D 31 10.70 -9.59 28.55
CA ALA D 31 11.30 -10.92 28.69
C ALA D 31 12.39 -11.18 27.65
N ALA D 32 12.54 -10.27 26.70
CA ALA D 32 13.69 -10.36 25.78
C ALA D 32 14.98 -10.24 26.58
N ASN D 33 14.89 -9.63 27.75
CA ASN D 33 16.08 -9.50 28.56
C ASN D 33 16.58 -10.83 29.13
N TYR D 34 15.77 -11.90 29.04
CA TYR D 34 16.22 -13.23 29.44
C TYR D 34 17.24 -13.80 28.43
N ILE D 35 17.25 -13.26 27.20
CA ILE D 35 18.21 -13.72 26.23
C ILE D 35 19.49 -12.90 26.39
N THR D 36 20.50 -13.53 26.99
CA THR D 36 21.78 -12.92 27.29
C THR D 36 22.85 -13.45 26.35
N PRO D 37 23.99 -12.75 26.27
CA PRO D 37 25.08 -13.23 25.42
C PRO D 37 25.48 -14.67 25.75
N GLU D 38 25.58 -15.04 27.02
CA GLU D 38 25.98 -16.40 27.38
C GLU D 38 24.96 -17.43 26.89
N ARG D 39 23.68 -17.08 26.93
CA ARG D 39 22.63 -17.97 26.46
C ARG D 39 22.65 -18.12 24.94
N ILE D 40 23.08 -17.08 24.22
CA ILE D 40 23.25 -17.17 22.77
C ILE D 40 24.42 -18.09 22.43
N VAL D 41 25.50 -17.97 23.19
CA VAL D 41 26.66 -18.83 22.99
C VAL D 41 26.25 -20.29 23.22
N ALA D 42 25.49 -20.55 24.27
CA ALA D 42 25.01 -21.92 24.52
C ALA D 42 24.15 -22.42 23.37
N ALA D 43 23.27 -21.56 22.86
CA ALA D 43 22.40 -21.97 21.75
C ALA D 43 23.23 -22.33 20.53
N ALA D 44 24.29 -21.56 20.27
CA ALA D 44 25.11 -21.79 19.09
C ALA D 44 25.76 -23.17 19.12
N ARG D 45 26.02 -23.73 20.31
CA ARG D 45 26.61 -25.04 20.38
C ARG D 45 25.67 -26.16 19.90
N LEU D 46 24.39 -25.84 19.75
CA LEU D 46 23.42 -26.80 19.23
C LEU D 46 23.51 -26.95 17.71
N ILE D 47 24.28 -26.09 17.08
CA ILE D 47 24.49 -26.16 15.64
C ILE D 47 25.58 -27.21 15.38
N GLN D 48 25.14 -28.42 15.09
CA GLN D 48 25.99 -29.60 14.97
CA GLN D 48 26.10 -29.52 14.91
C GLN D 48 25.95 -30.21 13.56
N THR D 49 24.76 -30.19 12.96
CA THR D 49 24.54 -30.75 11.61
C THR D 49 24.57 -29.69 10.51
N GLY D 50 24.16 -28.47 10.83
CA GLY D 50 24.10 -27.41 9.86
C GLY D 50 22.83 -27.43 9.03
N LYS D 51 21.87 -28.26 9.42
CA LYS D 51 20.57 -28.29 8.76
C LYS D 51 19.79 -27.07 9.18
N THR D 52 19.06 -26.48 8.23
CA THR D 52 18.21 -25.33 8.53
C THR D 52 16.79 -25.53 8.00
N PHE D 53 15.86 -24.91 8.72
CA PHE D 53 14.43 -24.94 8.43
C PHE D 53 13.82 -23.57 8.53
N SER D 54 13.14 -23.13 7.48
CA SER D 54 12.34 -21.91 7.56
C SER D 54 11.01 -22.20 8.24
N LEU D 55 10.69 -21.42 9.27
CA LEU D 55 9.42 -21.62 9.99
C LEU D 55 8.39 -20.59 9.58
N ALA D 56 8.51 -20.11 8.35
CA ALA D 56 7.55 -19.14 7.80
C ALA D 56 6.59 -19.73 6.79
N ILE D 57 5.37 -19.20 6.76
CA ILE D 57 4.48 -19.43 5.61
C ILE D 57 4.87 -18.46 4.50
N PRO D 58 4.47 -18.78 3.26
CA PRO D 58 4.76 -17.83 2.18
C PRO D 58 3.96 -16.53 2.35
N ILE D 59 4.64 -15.41 2.11
CA ILE D 59 3.99 -14.10 2.05
C ILE D 59 3.39 -13.94 0.66
N ASP D 60 2.07 -14.11 0.61
CA ASP D 60 1.31 -14.02 -0.61
C ASP D 60 -0.14 -13.80 -0.18
N SER D 61 -1.08 -13.80 -1.11
CA SER D 61 -2.45 -13.47 -0.77
C SER D 61 -3.31 -14.67 -0.38
N ASN D 62 -2.66 -15.82 -0.23
CA ASN D 62 -3.30 -17.13 -0.12
CA ASN D 62 -3.39 -17.09 -0.09
C ASN D 62 -3.29 -17.71 1.30
N GLY D 63 -2.66 -17.02 2.22
CA GLY D 63 -2.46 -17.54 3.56
C GLY D 63 -3.53 -17.14 4.54
N PRO D 64 -3.50 -17.74 5.74
CA PRO D 64 -4.45 -17.36 6.77
C PRO D 64 -4.07 -16.00 7.33
N VAL D 65 -5.07 -15.18 7.57
CA VAL D 65 -4.91 -13.88 8.16
C VAL D 65 -6.24 -13.58 8.84
N PHE D 66 -6.19 -13.12 10.11
CA PHE D 66 -7.39 -12.98 10.91
C PHE D 66 -8.21 -11.77 10.46
N PRO D 67 -9.44 -12.01 9.97
CA PRO D 67 -10.26 -10.86 9.57
C PRO D 67 -10.44 -9.90 10.76
N PRO D 68 -10.46 -8.58 10.50
CA PRO D 68 -10.54 -7.94 9.19
C PRO D 68 -9.19 -7.62 8.55
N ARG D 69 -8.09 -8.17 9.06
CA ARG D 69 -6.79 -7.96 8.44
C ARG D 69 -6.81 -8.48 7.01
N LEU D 70 -6.17 -7.75 6.11
CA LEU D 70 -6.14 -8.15 4.71
C LEU D 70 -4.91 -9.00 4.37
N PRO D 71 -5.04 -9.88 3.37
CA PRO D 71 -3.89 -10.69 3.00
C PRO D 71 -2.74 -9.85 2.42
N PRO D 72 -1.48 -10.20 2.71
CA PRO D 72 -0.37 -9.52 2.03
C PRO D 72 -0.56 -9.48 0.53
N HIS D 73 -0.08 -8.42 -0.12
CA HIS D 73 -0.28 -8.25 -1.52
C HIS D 73 1.00 -7.76 -2.21
N HIS D 74 1.52 -8.61 -3.10
CA HIS D 74 2.76 -8.40 -3.84
C HIS D 74 2.44 -7.85 -5.24
N THR D 75 3.12 -6.78 -5.64
CA THR D 75 3.00 -6.29 -7.03
C THR D 75 4.38 -5.96 -7.57
N MSE D 76 4.51 -6.04 -8.88
CA MSE D 76 5.76 -5.64 -9.53
C MSE D 76 5.67 -4.20 -10.05
O MSE D 76 4.62 -3.74 -10.49
CB MSE D 76 6.09 -6.58 -10.71
CG MSE D 76 6.04 -8.07 -10.44
SE MSE D 76 7.47 -8.78 -9.39
CE MSE D 76 8.96 -8.23 -10.48
H MSE D 76 3.89 -6.32 -9.42
HA MSE D 76 6.47 -5.70 -8.89
HB2 MSE D 76 5.45 -6.40 -11.42
HB3 MSE D 76 6.99 -6.37 -11.02
HG2 MSE D 76 5.22 -8.27 -9.99
HG3 MSE D 76 6.06 -8.53 -11.30
HE1 MSE D 76 9.78 -8.53 -10.06
HE2 MSE D 76 8.87 -8.63 -11.36
HE3 MSE D 76 8.95 -7.26 -10.55
N GLU D 77 6.78 -3.49 -10.00
CA GLU D 77 6.91 -2.17 -10.61
C GLU D 77 7.43 -2.28 -12.07
N ILE D 78 8.31 -3.23 -12.30
CA ILE D 78 8.84 -3.52 -13.64
C ILE D 78 9.30 -4.98 -13.61
N THR D 79 9.15 -5.67 -14.74
CA THR D 79 9.36 -7.11 -14.84
CA THR D 79 9.47 -7.09 -14.79
C THR D 79 10.14 -7.50 -16.08
N GLY D 80 10.50 -8.78 -16.16
CA GLY D 80 11.17 -9.29 -17.35
C GLY D 80 10.25 -9.17 -18.56
N ALA D 81 8.97 -9.43 -18.33
CA ALA D 81 7.99 -9.37 -19.41
C ALA D 81 7.99 -8.01 -20.10
N ASP D 82 8.27 -6.94 -19.35
CA ASP D 82 8.32 -5.60 -19.95
C ASP D 82 9.39 -5.49 -21.04
N TYR D 83 10.51 -6.17 -20.88
CA TYR D 83 11.58 -6.12 -21.85
C TYR D 83 11.31 -7.04 -23.03
N VAL D 84 10.48 -8.07 -22.82
CA VAL D 84 10.00 -8.89 -23.93
C VAL D 84 9.09 -8.04 -24.82
N ALA D 85 8.21 -7.27 -24.17
CA ALA D 85 7.26 -6.43 -24.90
C ALA D 85 7.96 -5.23 -25.55
N ASP D 86 8.95 -4.70 -24.85
CA ASP D 86 9.62 -3.48 -25.29
C ASP D 86 11.10 -3.55 -24.93
N PRO D 87 11.93 -4.06 -25.84
CA PRO D 87 13.36 -4.17 -25.58
C PRO D 87 13.99 -2.87 -25.08
N GLY D 88 13.41 -1.73 -25.46
CA GLY D 88 13.97 -0.45 -25.09
C GLY D 88 13.56 0.08 -23.72
N ALA D 89 12.86 -0.72 -22.93
CA ALA D 89 12.40 -0.28 -21.61
C ALA D 89 13.54 0.35 -20.81
N SER D 90 13.24 1.48 -20.18
CA SER D 90 14.25 2.25 -19.45
C SER D 90 13.69 2.77 -18.12
N PRO D 91 13.30 1.84 -17.23
CA PRO D 91 12.74 2.27 -15.94
C PRO D 91 13.57 3.34 -15.27
N PHE D 92 14.88 3.13 -15.24
CA PHE D 92 15.80 4.08 -14.61
C PHE D 92 16.62 4.81 -15.67
N SER D 95 20.11 1.88 -20.19
CA SER D 95 21.16 1.00 -19.67
C SER D 95 21.11 -0.38 -20.32
N PRO D 96 22.27 -1.04 -20.49
CA PRO D 96 22.18 -2.44 -20.88
C PRO D 96 21.66 -3.32 -19.75
N ILE D 97 21.79 -2.87 -18.51
CA ILE D 97 21.23 -3.63 -17.41
C ILE D 97 19.69 -3.54 -17.41
N ARG D 98 19.08 -4.70 -17.29
CA ARG D 98 17.65 -4.82 -17.19
C ARG D 98 17.33 -5.17 -15.76
N PHE D 99 16.23 -4.62 -15.25
CA PHE D 99 15.88 -4.73 -13.83
C PHE D 99 14.44 -5.17 -13.64
N ALA D 100 14.19 -5.88 -12.55
CA ALA D 100 12.84 -6.12 -12.04
C ALA D 100 12.77 -5.60 -10.61
N ASP D 101 11.71 -4.87 -10.29
CA ASP D 101 11.51 -4.20 -8.99
C ASP D 101 10.11 -4.56 -8.49
N ASP D 102 9.92 -4.66 -7.18
CA ASP D 102 8.59 -4.98 -6.65
C ASP D 102 8.30 -4.35 -5.29
N TYR D 103 7.04 -4.51 -4.89
CA TYR D 103 6.43 -3.85 -3.74
C TYR D 103 5.59 -4.83 -2.94
N ILE D 104 5.37 -4.53 -1.66
CA ILE D 104 4.45 -5.32 -0.84
C ILE D 104 3.57 -4.37 -0.05
N TYR D 105 2.27 -4.66 0.04
CA TYR D 105 1.38 -4.03 1.02
C TYR D 105 0.93 -5.14 1.97
N MSE D 106 1.16 -5.01 3.27
CA MSE D 106 0.69 -6.06 4.17
C MSE D 106 0.45 -5.55 5.57
O MSE D 106 1.11 -4.59 5.99
CB MSE D 106 1.71 -7.20 4.25
CG MSE D 106 3.04 -6.80 4.86
SE MSE D 106 4.33 -8.28 4.77
CE MSE D 106 3.50 -9.54 5.95
H MSE D 106 1.56 -4.35 3.63
HA MSE D 106 -0.13 -6.42 3.82
HB2 MSE D 106 1.33 -7.92 4.80
HB3 MSE D 106 1.89 -7.53 3.36
HG2 MSE D 106 3.41 -6.05 4.37
HG3 MSE D 106 2.90 -6.57 5.79
HE1 MSE D 106 4.06 -10.34 6.00
HE2 MSE D 106 3.42 -9.15 6.84
HE3 MSE D 106 2.62 -9.78 5.61
N PRO D 107 -0.48 -6.18 6.29
CA PRO D 107 -0.52 -5.98 7.73
C PRO D 107 0.75 -6.52 8.33
N LEU D 108 1.30 -5.86 9.34
CA LEU D 108 2.47 -6.41 9.99
C LEU D 108 2.07 -7.62 10.84
N GLN D 109 0.76 -7.76 11.08
CA GLN D 109 0.21 -8.95 11.74
C GLN D 109 -0.42 -9.90 10.70
N GLY D 110 0.03 -9.80 9.46
CA GLY D 110 -0.60 -10.50 8.33
C GLY D 110 0.00 -11.81 7.86
N SER D 111 1.08 -12.26 8.50
CA SER D 111 1.77 -13.47 8.12
C SER D 111 2.48 -14.04 9.34
N THR D 112 3.46 -14.92 9.12
CA THR D 112 4.37 -15.32 10.20
C THR D 112 4.86 -14.04 10.88
N GLN D 113 4.77 -13.99 12.21
CA GLN D 113 4.96 -12.75 12.93
C GLN D 113 5.43 -12.89 14.37
N TRP D 114 6.04 -11.79 14.83
CA TRP D 114 6.15 -11.49 16.25
C TRP D 114 5.22 -10.32 16.54
N ASP D 115 4.54 -10.39 17.67
CA ASP D 115 3.79 -9.27 18.19
C ASP D 115 4.58 -8.59 19.29
N ALA D 116 4.75 -7.27 19.18
CA ALA D 116 5.49 -6.48 20.15
C ALA D 116 4.70 -6.30 21.43
N LEU D 117 5.35 -5.83 22.48
CA LEU D 117 4.63 -5.58 23.74
C LEU D 117 3.61 -4.44 23.58
N SER D 118 3.80 -3.61 22.54
CA SER D 118 2.85 -2.56 22.20
C SER D 118 1.61 -3.05 21.43
N HIS D 119 1.54 -4.35 21.11
CA HIS D 119 0.40 -4.88 20.37
C HIS D 119 -0.88 -5.11 21.20
N GLY D 120 -0.76 -5.39 22.50
CA GLY D 120 -1.93 -5.67 23.28
C GLY D 120 -1.71 -5.46 24.75
N TRP D 121 -2.80 -5.16 25.46
CA TRP D 121 -2.76 -4.87 26.88
C TRP D 121 -4.20 -4.88 27.40
N TYR D 122 -4.41 -4.45 28.64
CA TYR D 122 -5.76 -4.23 29.14
C TYR D 122 -5.68 -3.02 30.03
N GLY D 123 -6.83 -2.40 30.28
CA GLY D 123 -6.84 -1.14 30.97
C GLY D 123 -6.08 -0.07 30.21
N GLU D 124 -5.55 0.90 30.94
CA GLU D 124 -4.97 2.09 30.33
CA GLU D 124 -4.96 2.08 30.31
C GLU D 124 -3.44 2.02 30.24
N SER D 125 -2.86 0.91 30.71
CA SER D 125 -1.41 0.74 30.80
C SER D 125 -0.92 -0.51 30.12
N LEU D 126 0.22 -0.38 29.47
CA LEU D 126 0.91 -1.49 28.84
C LEU D 126 2.02 -1.97 29.77
N TYR D 127 2.85 -2.90 29.29
CA TYR D 127 3.96 -3.41 30.07
C TYR D 127 4.78 -2.30 30.73
N ASN D 128 5.07 -2.49 32.02
CA ASN D 128 5.95 -1.63 32.81
C ASN D 128 5.35 -0.24 33.02
N GLY D 129 4.03 -0.18 32.93
CA GLY D 129 3.30 1.03 33.20
C GLY D 129 3.33 2.09 32.13
N VAL D 130 3.68 1.68 30.92
CA VAL D 130 3.65 2.60 29.77
C VAL D 130 2.19 2.99 29.48
N PRO D 131 1.90 4.29 29.38
CA PRO D 131 0.51 4.68 29.10
C PRO D 131 0.08 4.32 27.69
N GLU D 132 -1.18 3.94 27.50
CA GLU D 132 -1.63 3.63 26.15
C GLU D 132 -1.59 4.87 25.25
N ALA D 133 -1.63 6.06 25.83
CA ALA D 133 -1.45 7.29 25.06
C ALA D 133 -0.10 7.39 24.35
N ALA D 134 0.85 6.54 24.73
CA ALA D 134 2.15 6.51 24.07
C ALA D 134 2.11 5.79 22.73
N ILE D 135 1.03 5.07 22.47
CA ILE D 135 0.91 4.25 21.27
C ILE D 135 -0.01 5.03 20.31
N ARG D 136 0.58 5.66 19.31
CA ARG D 136 -0.16 6.66 18.53
CA ARG D 136 -0.08 6.70 18.53
C ARG D 136 -0.11 6.33 17.04
N SER D 137 -0.74 7.16 16.21
CA SER D 137 -0.63 6.97 14.76
C SER D 137 0.82 7.08 14.31
N SER D 138 1.12 6.50 13.15
CA SER D 138 2.48 6.55 12.65
C SER D 138 2.99 8.00 12.48
N GLY D 139 2.09 8.90 12.09
CA GLY D 139 2.49 10.28 11.92
C GLY D 139 2.74 11.01 13.22
N ALA D 140 2.43 10.34 14.33
CA ALA D 140 2.59 10.90 15.66
C ALA D 140 3.55 10.02 16.47
N GLY D 141 4.37 9.25 15.75
CA GLY D 141 5.42 8.44 16.36
C GLY D 141 5.17 6.93 16.46
N GLY D 142 3.96 6.49 16.11
CA GLY D 142 3.60 5.10 16.25
C GLY D 142 3.69 4.67 17.70
N ALA D 143 4.18 3.46 17.95
CA ALA D 143 4.47 3.01 19.30
C ALA D 143 5.72 3.75 19.77
N THR D 144 5.54 4.87 20.47
CA THR D 144 6.67 5.71 20.87
C THR D 144 7.46 5.08 22.01
N LYS D 145 6.81 4.17 22.74
CA LYS D 145 7.46 3.24 23.67
C LYS D 145 7.01 1.83 23.30
N LEU D 146 7.85 0.84 23.59
CA LEU D 146 7.55 -0.57 23.36
C LEU D 146 7.35 -0.95 21.89
N GLY D 147 7.88 -0.12 20.99
CA GLY D 147 7.95 -0.49 19.59
C GLY D 147 8.90 -1.65 19.36
N ILE D 148 8.70 -2.35 18.26
CA ILE D 148 9.46 -3.57 18.00
C ILE D 148 10.94 -3.28 17.79
N GLU D 149 11.30 -2.01 17.55
CA GLU D 149 12.73 -1.71 17.38
C GLU D 149 13.54 -1.93 18.65
N ASN D 150 12.87 -1.95 19.79
CA ASN D 150 13.54 -2.21 21.06
C ASN D 150 14.09 -3.63 21.15
N VAL D 151 13.67 -4.52 20.25
CA VAL D 151 14.18 -5.87 20.24
C VAL D 151 14.71 -6.26 18.84
N LYS D 152 15.29 -5.28 18.15
CA LYS D 152 15.86 -5.52 16.83
C LYS D 152 17.04 -6.51 16.83
N THR D 153 17.67 -6.77 17.98
CA THR D 153 18.65 -7.85 18.04
C THR D 153 18.18 -9.08 18.83
N SER D 154 16.93 -9.09 19.25
CA SER D 154 16.45 -10.20 20.06
C SER D 154 15.94 -11.37 19.23
N PHE D 155 15.52 -12.41 19.96
CA PHE D 155 14.90 -13.61 19.43
C PHE D 155 15.87 -14.37 18.51
N LEU D 156 17.16 -14.22 18.80
CA LEU D 156 18.22 -15.05 18.25
C LEU D 156 18.86 -15.70 19.45
N GLY D 157 18.70 -17.00 19.54
CA GLY D 157 19.09 -17.75 20.72
C GLY D 157 18.56 -19.16 20.67
N ARG D 158 18.22 -19.71 21.84
CA ARG D 158 17.75 -21.09 21.87
C ARG D 158 16.25 -21.18 21.66
N GLY D 159 15.84 -22.11 20.81
CA GLY D 159 14.44 -22.42 20.62
C GLY D 159 14.18 -23.85 20.99
N VAL D 160 12.96 -24.12 21.43
CA VAL D 160 12.53 -25.46 21.75
C VAL D 160 11.16 -25.68 21.14
N LEU D 161 11.04 -26.74 20.35
CA LEU D 161 9.76 -27.17 19.80
C LEU D 161 9.06 -28.09 20.79
N VAL D 162 7.79 -27.78 21.04
CA VAL D 162 6.92 -28.72 21.71
CA VAL D 162 6.90 -28.71 21.71
C VAL D 162 5.82 -29.11 20.72
N ASP D 163 5.86 -30.39 20.32
CA ASP D 163 4.93 -30.91 19.30
C ASP D 163 3.69 -31.51 19.96
N ILE D 164 2.67 -30.68 20.10
CA ILE D 164 1.49 -31.08 20.84
C ILE D 164 0.70 -32.09 20.04
N VAL D 165 0.75 -31.96 18.71
CA VAL D 165 0.06 -32.91 17.83
C VAL D 165 0.61 -34.31 18.06
N ARG D 166 1.93 -34.48 17.99
CA ARG D 166 2.48 -35.82 18.18
C ARG D 166 2.33 -36.30 19.62
N PHE D 167 2.39 -35.39 20.58
CA PHE D 167 2.17 -35.77 21.98
C PHE D 167 0.75 -36.30 22.19
N LYS D 168 -0.23 -35.67 21.56
CA LYS D 168 -1.61 -36.11 21.70
C LYS D 168 -1.94 -37.29 20.79
N GLY D 169 -1.00 -37.70 19.95
CA GLY D 169 -1.16 -38.87 19.10
C GLY D 169 -2.14 -38.65 17.96
N GLY D 170 -2.19 -37.43 17.46
CA GLY D 170 -3.15 -37.08 16.42
C GLY D 170 -3.57 -35.62 16.47
N SER D 171 -4.35 -35.23 15.48
CA SER D 171 -4.77 -33.84 15.35
C SER D 171 -5.59 -33.42 16.57
N LEU D 172 -5.43 -32.17 16.97
CA LEU D 172 -6.14 -31.68 18.15
C LEU D 172 -7.58 -31.45 17.79
N PRO D 173 -8.51 -31.76 18.71
CA PRO D 173 -9.90 -31.43 18.37
C PRO D 173 -10.10 -29.94 18.14
N GLU D 174 -11.15 -29.62 17.40
CA GLU D 174 -11.53 -28.24 17.15
C GLU D 174 -11.65 -27.47 18.46
N GLY D 175 -10.86 -26.39 18.58
CA GLY D 175 -10.99 -25.52 19.73
C GLY D 175 -10.34 -26.08 20.99
N TYR D 176 -9.49 -27.09 20.85
CA TYR D 176 -8.85 -27.71 22.02
C TYR D 176 -8.00 -26.71 22.83
N THR D 177 -8.17 -26.69 24.15
CA THR D 177 -7.33 -25.89 25.03
C THR D 177 -6.06 -26.65 25.47
N ILE D 178 -4.91 -26.15 25.02
CA ILE D 178 -3.63 -26.77 25.33
C ILE D 178 -3.25 -26.30 26.71
N THR D 179 -3.05 -27.25 27.63
CA THR D 179 -2.84 -26.92 29.02
C THR D 179 -1.39 -26.97 29.45
N ARG D 180 -1.10 -26.47 30.64
CA ARG D 180 0.21 -26.65 31.25
C ARG D 180 0.61 -28.14 31.26
N ALA D 181 -0.32 -29.03 31.63
CA ALA D 181 -0.01 -30.44 31.67
C ALA D 181 0.40 -30.95 30.29
N ASP D 182 -0.25 -30.46 29.24
CA ASP D 182 0.09 -30.86 27.86
C ASP D 182 1.51 -30.42 27.47
N LEU D 183 1.84 -29.17 27.78
CA LEU D 183 3.15 -28.62 27.44
C LEU D 183 4.24 -29.39 28.20
N GLU D 184 4.03 -29.59 29.50
CA GLU D 184 5.00 -30.34 30.29
C GLU D 184 5.08 -31.78 29.80
N GLY D 185 3.94 -32.37 29.45
CA GLY D 185 3.90 -33.76 29.01
C GLY D 185 4.65 -33.96 27.71
N ALA D 186 4.45 -33.04 26.77
CA ALA D 186 5.14 -33.08 25.49
C ALA D 186 6.63 -32.93 25.67
N LEU D 187 7.05 -31.96 26.48
CA LEU D 187 8.47 -31.79 26.78
C LEU D 187 9.04 -33.07 27.40
N ALA D 188 8.32 -33.68 28.33
CA ALA D 188 8.79 -34.91 28.97
C ALA D 188 8.94 -36.05 27.96
N LYS D 189 7.96 -36.21 27.07
CA LYS D 189 7.98 -37.28 26.08
C LYS D 189 9.18 -37.10 25.14
N GLN D 190 9.46 -35.84 24.81
CA GLN D 190 10.56 -35.49 23.94
C GLN D 190 11.91 -35.56 24.62
N LYS D 191 11.91 -35.68 25.95
CA LYS D 191 13.13 -35.57 26.75
C LYS D 191 13.82 -34.21 26.58
N SER D 192 13.01 -33.17 26.43
CA SER D 192 13.49 -31.79 26.29
C SER D 192 13.54 -31.11 27.64
N LYS D 193 14.52 -30.26 27.83
CA LYS D 193 14.59 -29.47 29.05
C LYS D 193 14.60 -27.98 28.68
N LEU D 194 13.59 -27.26 29.11
CA LEU D 194 13.55 -25.82 28.88
C LEU D 194 14.53 -25.10 29.78
N LEU D 195 15.09 -24.03 29.25
CA LEU D 195 15.97 -23.15 30.02
C LEU D 195 15.54 -21.70 29.95
N PRO D 196 15.95 -20.89 30.94
CA PRO D 196 15.66 -19.45 30.85
C PRO D 196 16.18 -18.84 29.57
N GLY D 197 15.39 -17.95 28.98
CA GLY D 197 15.74 -17.30 27.75
C GLY D 197 15.23 -18.02 26.52
N ASP D 198 14.74 -19.24 26.70
CA ASP D 198 14.28 -20.01 25.54
C ASP D 198 13.10 -19.33 24.86
N ILE D 199 13.01 -19.54 23.55
CA ILE D 199 11.79 -19.27 22.80
C ILE D 199 11.07 -20.59 22.60
N LEU D 200 9.84 -20.68 23.10
CA LEU D 200 9.03 -21.88 22.96
C LEU D 200 8.21 -21.81 21.69
N VAL D 201 8.30 -22.86 20.89
CA VAL D 201 7.64 -22.96 19.61
C VAL D 201 6.66 -24.13 19.67
N ILE D 202 5.38 -23.84 19.52
CA ILE D 202 4.33 -24.81 19.78
C ILE D 202 3.63 -25.27 18.50
N ARG D 203 3.70 -26.56 18.22
CA ARG D 203 2.97 -27.13 17.09
C ARG D 203 1.60 -27.65 17.51
N THR D 204 0.59 -26.94 17.01
CA THR D 204 -0.83 -27.25 17.19
C THR D 204 -1.39 -27.93 15.94
N GLY D 205 -0.68 -27.75 14.83
CA GLY D 205 -1.11 -28.22 13.53
C GLY D 205 -2.15 -27.38 12.80
N LEU D 206 -2.64 -26.31 13.41
CA LEU D 206 -3.79 -25.62 12.84
C LEU D 206 -3.52 -25.04 11.46
N VAL D 207 -2.38 -24.39 11.27
CA VAL D 207 -2.04 -23.82 9.97
C VAL D 207 -1.89 -24.90 8.88
N GLU D 208 -1.57 -26.14 9.28
CA GLU D 208 -1.41 -27.25 8.34
C GLU D 208 -2.74 -27.68 7.73
N SER D 209 -3.85 -27.20 8.26
CA SER D 209 -5.16 -27.52 7.71
C SER D 209 -5.68 -26.45 6.75
N TRP D 210 -5.02 -25.31 6.72
CA TRP D 210 -5.55 -24.15 6.00
C TRP D 210 -5.53 -24.28 4.48
N TYR D 211 -4.39 -24.68 3.95
CA TYR D 211 -4.17 -24.49 2.53
C TYR D 211 -5.06 -25.39 1.67
N ASP D 212 -5.53 -26.53 2.21
CA ASP D 212 -6.42 -27.40 1.45
C ASP D 212 -7.89 -26.92 1.44
N LEU D 213 -8.20 -25.93 2.29
CA LEU D 213 -9.58 -25.42 2.39
C LEU D 213 -9.98 -24.57 1.19
N ASP D 214 -11.25 -24.72 0.80
CA ASP D 214 -11.88 -23.87 -0.21
C ASP D 214 -12.32 -22.57 0.42
N PRO D 215 -12.84 -21.63 -0.39
CA PRO D 215 -13.17 -20.33 0.19
C PRO D 215 -14.19 -20.40 1.32
N VAL D 216 -15.19 -21.27 1.20
CA VAL D 216 -16.16 -21.42 2.29
C VAL D 216 -15.47 -21.97 3.53
N GLY D 217 -14.66 -23.00 3.36
CA GLY D 217 -13.93 -23.53 4.51
C GLY D 217 -13.02 -22.50 5.18
N ARG D 218 -12.40 -21.64 4.37
CA ARG D 218 -11.54 -20.58 4.90
C ARG D 218 -12.32 -19.52 5.68
N ALA D 219 -13.55 -19.26 5.29
CA ALA D 219 -14.40 -18.37 6.07
C ALA D 219 -14.79 -19.01 7.41
N SER D 220 -15.22 -20.26 7.34
CA SER D 220 -15.57 -21.03 8.54
C SER D 220 -14.40 -21.14 9.52
N PHE D 221 -13.18 -21.29 8.98
CA PHE D 221 -11.93 -21.41 9.75
C PHE D 221 -11.86 -20.35 10.84
N PHE D 222 -12.24 -19.11 10.51
CA PHE D 222 -12.11 -18.02 11.48
C PHE D 222 -13.35 -17.79 12.33
N LEU D 223 -14.45 -18.42 11.97
CA LEU D 223 -15.67 -18.29 12.75
C LEU D 223 -15.76 -19.34 13.84
N ASN D 224 -15.01 -20.41 13.70
CA ASN D 224 -14.88 -21.62 14.55
CA ASN D 224 -15.24 -21.36 14.75
C ASN D 224 -14.09 -21.34 15.77
N PRO D 225 -14.29 -22.08 16.87
CA PRO D 225 -13.26 -22.05 17.90
C PRO D 225 -11.93 -22.55 17.35
N MSE D 226 -10.82 -22.04 17.87
CA MSE D 226 -9.51 -22.45 17.37
C MSE D 226 -8.62 -22.88 18.53
O MSE D 226 -8.54 -22.20 19.55
CB MSE D 226 -8.85 -21.30 16.59
CG MSE D 226 -9.56 -20.97 15.31
SE MSE D 226 -8.75 -19.41 14.43
CE MSE D 226 -9.67 -18.12 15.43
H MSE D 226 -10.80 -21.46 18.49
HA MSE D 226 -9.62 -23.19 16.76
HB2 MSE D 226 -8.86 -20.50 17.15
HB3 MSE D 226 -7.94 -21.54 16.39
HG2 MSE D 226 -9.49 -21.73 14.70
HG3 MSE D 226 -10.49 -20.77 15.49
HE1 MSE D 226 -9.38 -17.23 15.13
HE2 MSE D 226 -10.62 -18.23 15.30
HE3 MSE D 226 -9.45 -18.23 16.37
N THR D 227 -7.96 -24.03 18.35
N THR D 227 -7.95 -24.02 18.34
CA THR D 227 -7.07 -24.59 19.36
CA THR D 227 -7.06 -24.54 19.36
C THR D 227 -5.91 -23.66 19.70
C THR D 227 -5.98 -23.53 19.73
N GLY D 228 -5.55 -23.60 20.98
CA GLY D 228 -4.44 -22.78 21.42
C GLY D 228 -4.22 -22.96 22.90
N ILE D 229 -3.25 -22.24 23.44
CA ILE D 229 -2.93 -22.42 24.86
C ILE D 229 -3.98 -21.74 25.73
N GLY D 230 -4.16 -22.30 26.92
CA GLY D 230 -5.09 -21.72 27.87
C GLY D 230 -4.47 -20.95 29.02
N SER D 231 -5.34 -20.45 29.90
CA SER D 231 -4.93 -19.56 30.96
C SER D 231 -3.93 -20.20 31.93
N ASP D 232 -4.03 -21.52 32.15
CA ASP D 232 -3.18 -22.11 33.17
C ASP D 232 -1.73 -22.31 32.68
N THR D 233 -1.45 -21.95 31.41
CA THR D 233 -0.07 -21.98 30.93
C THR D 233 0.71 -20.73 31.34
N VAL D 234 0.02 -19.66 31.69
CA VAL D 234 0.70 -18.39 31.93
C VAL D 234 1.65 -18.42 33.15
N PRO D 235 1.22 -18.98 34.29
CA PRO D 235 2.19 -19.04 35.39
C PRO D 235 3.42 -19.88 35.05
N TRP D 236 3.23 -20.90 34.22
CA TRP D 236 4.33 -21.77 33.82
C TRP D 236 5.31 -21.05 32.88
N ILE D 237 4.76 -20.31 31.92
CA ILE D 237 5.58 -19.49 31.03
C ILE D 237 6.42 -18.53 31.86
N HIS D 238 5.82 -17.96 32.90
CA HIS D 238 6.54 -17.07 33.84
C HIS D 238 7.66 -17.82 34.58
N GLU D 239 7.31 -18.95 35.19
CA GLU D 239 8.30 -19.73 35.96
C GLU D 239 9.47 -20.21 35.10
N GLN D 240 9.20 -20.54 33.84
CA GLN D 240 10.23 -21.03 32.94
C GLN D 240 11.10 -19.94 32.31
N ARG D 241 10.76 -18.68 32.56
CA ARG D 241 11.57 -17.56 32.12
C ARG D 241 11.79 -17.59 30.61
N LEU D 242 10.71 -17.92 29.91
CA LEU D 242 10.72 -17.86 28.44
C LEU D 242 10.72 -16.41 27.97
N ALA D 243 11.40 -16.15 26.85
CA ALA D 243 11.41 -14.82 26.23
C ALA D 243 10.22 -14.57 25.34
N GLY D 244 9.74 -15.62 24.68
CA GLY D 244 8.65 -15.51 23.74
C GLY D 244 8.03 -16.87 23.53
N VAL D 245 6.77 -16.90 23.10
CA VAL D 245 6.04 -18.12 22.79
C VAL D 245 5.43 -17.95 21.42
N ALA D 246 5.74 -18.87 20.52
CA ALA D 246 5.22 -18.82 19.16
C ALA D 246 4.47 -20.09 18.85
N ALA D 247 3.53 -19.99 17.92
CA ALA D 247 2.76 -21.15 17.54
C ALA D 247 2.38 -21.11 16.06
N ASP D 248 1.94 -22.28 15.59
CA ASP D 248 1.41 -22.44 14.24
C ASP D 248 -0.12 -22.37 14.20
N ASN D 249 -0.69 -21.54 15.07
CA ASN D 249 -2.08 -21.15 14.94
C ASN D 249 -2.10 -19.65 14.66
N ILE D 250 -3.26 -19.03 14.77
CA ILE D 250 -3.36 -17.62 14.38
C ILE D 250 -3.36 -16.69 15.59
N ALA D 251 -3.89 -17.15 16.73
CA ALA D 251 -4.02 -16.28 17.88
C ALA D 251 -3.23 -16.70 19.14
N LEU D 252 -2.43 -17.76 19.02
CA LEU D 252 -1.65 -18.39 20.12
C LEU D 252 -2.56 -19.02 21.15
N GLU D 253 -3.35 -18.21 21.85
CA GLU D 253 -4.26 -18.74 22.85
C GLU D 253 -5.52 -19.30 22.18
N ARG D 254 -6.16 -20.20 22.91
CA ARG D 254 -7.42 -20.78 22.48
C ARG D 254 -8.45 -19.68 22.30
N VAL D 255 -9.15 -19.69 21.17
CA VAL D 255 -10.17 -18.68 20.82
CA VAL D 255 -10.22 -18.70 21.05
C VAL D 255 -11.56 -19.35 20.77
N PRO D 256 -12.58 -18.75 21.40
CA PRO D 256 -13.91 -19.34 21.32
C PRO D 256 -14.68 -18.86 20.11
N HIS D 257 -15.95 -19.24 20.04
CA HIS D 257 -16.99 -18.54 19.28
C HIS D 257 -16.50 -17.27 18.59
N ALA D 264 -12.99 -12.68 25.36
CA ALA D 264 -12.02 -12.78 26.44
C ALA D 264 -10.73 -13.40 25.94
N LEU D 265 -9.62 -12.73 26.24
CA LEU D 265 -8.30 -13.16 25.79
C LEU D 265 -7.29 -12.91 26.89
N PRO D 266 -7.47 -13.58 28.02
CA PRO D 266 -6.61 -13.32 29.17
C PRO D 266 -5.14 -13.60 28.89
N VAL D 267 -4.83 -14.59 28.06
CA VAL D 267 -3.43 -14.93 27.83
C VAL D 267 -2.70 -13.78 27.11
N HIS D 268 -3.33 -13.17 26.12
CA HIS D 268 -2.73 -12.02 25.47
C HIS D 268 -2.37 -10.94 26.48
N GLY D 269 -3.33 -10.63 27.33
CA GLY D 269 -3.14 -9.56 28.29
C GLY D 269 -2.06 -9.88 29.30
N ASN D 270 -2.08 -11.11 29.82
CA ASN D 270 -1.11 -11.51 30.83
C ASN D 270 0.28 -11.59 30.25
N LEU D 271 0.42 -12.13 29.04
CA LEU D 271 1.75 -12.26 28.46
C LEU D 271 2.31 -10.91 28.08
N LEU D 272 1.57 -10.15 27.26
CA LEU D 272 2.12 -8.91 26.71
C LEU D 272 2.24 -7.83 27.77
N ARG D 273 1.20 -7.60 28.55
CA ARG D 273 1.25 -6.50 29.53
C ARG D 273 1.90 -6.88 30.85
N ASP D 274 1.53 -8.03 31.40
CA ASP D 274 1.99 -8.31 32.75
C ASP D 274 3.41 -8.88 32.74
N LEU D 275 3.69 -9.84 31.87
CA LEU D 275 4.99 -10.51 31.85
C LEU D 275 6.00 -9.89 30.90
N GLY D 276 5.52 -9.16 29.89
CA GLY D 276 6.40 -8.68 28.84
C GLY D 276 6.98 -9.79 27.97
N VAL D 277 6.20 -10.86 27.79
CA VAL D 277 6.57 -11.99 26.94
C VAL D 277 5.96 -11.83 25.55
N TYR D 278 6.78 -12.06 24.53
CA TYR D 278 6.38 -11.86 23.15
C TYR D 278 5.57 -13.03 22.62
N ILE D 279 4.69 -12.73 21.67
CA ILE D 279 3.79 -13.71 21.08
C ILE D 279 4.08 -13.83 19.59
N GLY D 280 4.33 -15.07 19.15
CA GLY D 280 4.55 -15.37 17.75
C GLY D 280 3.39 -16.17 17.19
N GLU D 281 2.96 -15.83 15.98
CA GLU D 281 1.81 -16.44 15.37
C GLU D 281 2.03 -16.75 13.89
N ILE D 282 1.30 -17.77 13.43
CA ILE D 282 1.32 -18.24 12.05
C ILE D 282 2.71 -18.72 11.61
N TRP D 283 3.42 -19.37 12.53
CA TRP D 283 4.65 -20.04 12.19
C TRP D 283 4.32 -21.37 11.51
N TRP D 284 5.26 -21.86 10.70
CA TRP D 284 5.08 -23.12 9.98
C TRP D 284 6.07 -24.15 10.53
N LEU D 285 5.54 -25.20 11.16
CA LEU D 285 6.37 -26.11 11.95
C LEU D 285 6.36 -27.56 11.46
N GLU D 286 5.68 -27.82 10.34
N GLU D 286 5.67 -27.79 10.34
CA GLU D 286 5.51 -29.20 9.91
CA GLU D 286 5.51 -29.16 9.84
C GLU D 286 6.84 -29.90 9.58
C GLU D 286 6.83 -29.87 9.59
N GLU D 287 7.72 -29.22 8.86
CA GLU D 287 8.96 -29.86 8.46
C GLU D 287 9.94 -29.92 9.62
N LEU D 288 10.00 -28.87 10.43
CA LEU D 288 10.82 -28.93 11.62
C LEU D 288 10.37 -30.08 12.53
N ALA D 289 9.06 -30.21 12.74
CA ALA D 289 8.56 -31.23 13.65
C ALA D 289 8.88 -32.64 13.14
N LYS D 290 8.79 -32.86 11.83
CA LYS D 290 9.17 -34.13 11.26
C LYS D 290 10.65 -34.42 11.52
N ASP D 291 11.50 -33.41 11.35
CA ASP D 291 12.94 -33.60 11.54
C ASP D 291 13.26 -33.95 12.99
N CYS D 292 12.61 -33.25 13.92
CA CYS D 292 12.86 -33.50 15.34
C CYS D 292 12.34 -34.88 15.77
N ALA D 293 11.23 -35.32 15.19
CA ALA D 293 10.73 -36.65 15.51
C ALA D 293 11.73 -37.71 15.05
N GLN D 294 12.43 -37.42 13.96
CA GLN D 294 13.37 -38.39 13.39
C GLN D 294 14.68 -38.47 14.16
N ASP D 295 15.21 -37.34 14.59
CA ASP D 295 16.52 -37.38 15.26
C ASP D 295 16.46 -37.16 16.76
N GLY D 296 15.25 -36.92 17.29
CA GLY D 296 15.04 -36.84 18.72
C GLY D 296 15.50 -35.56 19.36
N ARG D 297 15.95 -34.60 18.55
CA ARG D 297 16.42 -33.31 19.03
C ARG D 297 15.36 -32.23 18.83
N TYR D 298 14.85 -31.69 19.92
CA TYR D 298 13.80 -30.67 19.86
C TYR D 298 14.31 -29.30 20.29
N GLU D 299 15.60 -29.21 20.64
CA GLU D 299 16.22 -27.95 20.99
CA GLU D 299 16.24 -27.97 21.01
C GLU D 299 17.16 -27.54 19.87
N PHE D 300 17.17 -26.25 19.53
CA PHE D 300 17.92 -25.81 18.35
C PHE D 300 18.30 -24.35 18.50
N PHE D 301 19.20 -23.89 17.64
CA PHE D 301 19.47 -22.47 17.51
C PHE D 301 18.38 -21.86 16.66
N LEU D 302 17.82 -20.75 17.14
CA LEU D 302 16.75 -20.07 16.42
C LEU D 302 17.15 -18.65 16.05
N ALA D 303 17.06 -18.31 14.76
CA ALA D 303 17.26 -16.94 14.30
C ALA D 303 15.90 -16.39 13.91
N ALA D 304 15.26 -15.70 14.86
CA ALA D 304 13.89 -15.21 14.67
C ALA D 304 13.82 -13.70 14.93
N GLN D 305 14.82 -13.00 14.47
CA GLN D 305 14.86 -11.56 14.63
C GLN D 305 13.70 -10.89 13.87
N PRO D 306 13.14 -9.83 14.44
CA PRO D 306 12.15 -9.04 13.71
C PRO D 306 12.83 -8.10 12.72
N LEU D 307 12.05 -7.54 11.79
CA LEU D 307 12.55 -6.43 11.01
C LEU D 307 12.70 -5.21 11.91
N TYR D 308 13.61 -4.31 11.53
CA TYR D 308 13.83 -3.09 12.28
C TYR D 308 12.84 -2.02 11.83
N ILE D 309 11.67 -1.97 12.49
CA ILE D 309 10.61 -1.05 12.09
C ILE D 309 10.26 -0.18 13.27
N PRO D 310 10.85 1.02 13.34
CA PRO D 310 10.59 1.83 14.52
C PRO D 310 9.12 2.21 14.66
N GLY D 311 8.63 2.11 15.88
CA GLY D 311 7.24 2.45 16.16
C GLY D 311 6.22 1.42 15.73
N ALA D 312 6.67 0.28 15.21
CA ALA D 312 5.74 -0.77 14.84
C ALA D 312 5.37 -1.64 16.05
N VAL D 313 4.20 -2.27 15.96
CA VAL D 313 3.72 -3.07 17.08
C VAL D 313 3.86 -4.58 16.79
N GLY D 314 4.64 -4.90 15.78
CA GLY D 314 4.95 -6.28 15.45
C GLY D 314 5.80 -6.31 14.19
N SER D 315 6.11 -7.49 13.70
CA SER D 315 6.92 -7.61 12.50
C SER D 315 6.70 -8.95 11.82
N PRO D 316 6.69 -8.95 10.47
CA PRO D 316 6.90 -10.21 9.77
C PRO D 316 8.31 -10.72 9.98
N LEU D 317 8.53 -12.00 9.72
CA LEU D 317 9.87 -12.53 9.79
C LEU D 317 9.94 -13.84 9.08
N ASN D 318 11.17 -14.32 8.91
CA ASN D 318 11.42 -15.68 8.45
C ASN D 318 12.28 -16.37 9.51
N PRO D 319 11.63 -16.98 10.52
CA PRO D 319 12.42 -17.63 11.56
C PRO D 319 13.17 -18.83 11.00
N ILE D 320 14.47 -18.94 11.29
CA ILE D 320 15.24 -20.10 10.87
C ILE D 320 15.68 -20.93 12.07
N ALA D 321 15.30 -22.19 12.06
CA ALA D 321 15.79 -23.14 13.04
C ALA D 321 17.03 -23.80 12.46
N VAL D 322 18.08 -23.86 13.26
CA VAL D 322 19.34 -24.47 12.86
C VAL D 322 19.74 -25.56 13.83
N LYS D 323 20.06 -26.73 13.28
CA LYS D 323 20.46 -27.86 14.11
C LYS D 323 21.86 -28.31 13.75
C1 UVW E . -0.44 21.61 4.61
O1 UVW E . 0.09 21.47 5.66
C1M UVW E . 0.39 21.62 3.35
O2 UVW E . -1.81 21.85 4.52
P UVW E . -3.00 20.95 3.80
O1P UVW E . -4.03 22.04 3.55
O2P UVW E . -2.56 20.35 2.46
O3P UVW E . -3.46 19.89 4.76
H1M1 UVW E . 0.08 20.92 2.75
H1M2 UVW E . 0.29 22.48 2.91
H1M3 UVW E . 1.31 21.47 3.58
C1 UVW F . 19.60 0.83 -8.84
O1 UVW F . 18.42 0.83 -8.71
C1M UVW F . 20.27 1.90 -9.69
O2 UVW F . 20.38 -0.15 -8.24
P UVW F . 19.77 -1.43 -7.41
O1P UVW F . 18.68 -2.11 -8.21
O2P UVW F . 20.94 -2.38 -7.21
O3P UVW F . 19.21 -1.03 -6.07
H1M1 UVW F . 19.61 2.52 -10.02
H1M2 UVW F . 20.92 2.39 -9.15
H1M3 UVW F . 20.73 1.48 -10.44
C1 UVW G . -13.78 -10.31 -13.73
O1 UVW G . -13.18 -10.07 -12.74
C1M UVW G . -14.01 -11.76 -14.15
O2 UVW G . -14.30 -9.30 -14.53
P UVW G . -13.77 -7.74 -14.55
O1P UVW G . -14.59 -7.04 -15.61
O2P UVW G . -12.30 -7.65 -14.85
O3P UVW G . -14.03 -7.05 -13.23
H1M1 UVW G . -13.62 -12.36 -13.50
H1M2 UVW G . -14.96 -11.93 -14.22
H1M3 UVW G . -13.59 -11.92 -15.02
C1 PGE H . -3.32 18.90 -18.37
O1 PGE H . -3.35 17.60 -18.95
C2 PGE H . -2.97 18.76 -16.91
O2 PGE H . -1.63 18.40 -16.81
C3 PGE H . -0.97 18.85 -15.65
C4 PGE H . 0.38 18.18 -15.71
O4 PGE H . 4.33 18.11 -18.14
C6 PGE H . 3.03 18.69 -18.19
C5 PGE H . 2.20 17.99 -17.14
O3 PGE H . 1.19 18.85 -16.65
H1 PGE H . -4.29 19.41 -18.45
H12 PGE H . -2.56 19.54 -18.86
HO1 PGE H . -3.57 16.98 -18.26
H2 PGE H . -3.62 17.98 -16.45
H22 PGE H . -3.17 19.72 -16.39
H3 PGE H . -1.50 18.53 -14.74
H32 PGE H . -0.85 19.94 -15.64
H4 PGE H . 0.26 17.11 -15.98
H42 PGE H . 0.85 18.20 -14.70
HO4 PGE H . 4.86 18.50 -18.84
H6 PGE H . 2.56 18.55 -19.18
H62 PGE H . 3.05 19.76 -17.98
H5 PGE H . 2.86 17.65 -16.34
H52 PGE H . 1.74 17.10 -17.60
C1 UVW I . -6.44 -11.24 17.69
O1 UVW I . -6.52 -10.34 18.45
C1M UVW I . -7.59 -11.50 16.71
O2 UVW I . -5.33 -12.08 17.67
P UVW I . -3.78 -11.51 17.54
O1P UVW I . -3.72 -10.02 17.61
O2P UVW I . -3.26 -11.96 16.19
O3P UVW I . -2.99 -12.23 18.63
H1M1 UVW I . -7.27 -11.45 15.80
H1M2 UVW I . -8.28 -10.83 16.84
H1M3 UVW I . -7.96 -12.38 16.88
#